data_1F1T
# 
_entry.id   1F1T 
# 
_audit_conform.dict_name       mmcif_pdbx.dic 
_audit_conform.dict_version    5.385 
_audit_conform.dict_location   http://mmcif.pdb.org/dictionaries/ascii/mmcif_pdbx.dic 
# 
loop_
_database_2.database_id 
_database_2.database_code 
_database_2.pdbx_database_accession 
_database_2.pdbx_DOI 
PDB   1F1T         pdb_00001f1t 10.2210/pdb1f1t/pdb 
NDB   UR0011       ?            ?                   
RCSB  RCSB011139   ?            ?                   
WWPDB D_1000011139 ?            ?                   
# 
loop_
_pdbx_audit_revision_history.ordinal 
_pdbx_audit_revision_history.data_content_type 
_pdbx_audit_revision_history.major_revision 
_pdbx_audit_revision_history.minor_revision 
_pdbx_audit_revision_history.revision_date 
1 'Structure model' 1 0 2000-09-04 
2 'Structure model' 1 1 2008-04-27 
3 'Structure model' 1 2 2011-07-13 
4 'Structure model' 1 3 2024-02-07 
# 
_pdbx_audit_revision_details.ordinal             1 
_pdbx_audit_revision_details.revision_ordinal    1 
_pdbx_audit_revision_details.data_content_type   'Structure model' 
_pdbx_audit_revision_details.provider            repository 
_pdbx_audit_revision_details.type                'Initial release' 
_pdbx_audit_revision_details.description         ? 
_pdbx_audit_revision_details.details             ? 
# 
loop_
_pdbx_audit_revision_group.ordinal 
_pdbx_audit_revision_group.revision_ordinal 
_pdbx_audit_revision_group.data_content_type 
_pdbx_audit_revision_group.group 
1 2 'Structure model' 'Version format compliance' 
2 3 'Structure model' 'Version format compliance' 
3 4 'Structure model' 'Data collection'           
4 4 'Structure model' 'Database references'       
5 4 'Structure model' 'Derived calculations'      
# 
loop_
_pdbx_audit_revision_category.ordinal 
_pdbx_audit_revision_category.revision_ordinal 
_pdbx_audit_revision_category.data_content_type 
_pdbx_audit_revision_category.category 
1 4 'Structure model' chem_comp_atom         
2 4 'Structure model' chem_comp_bond         
3 4 'Structure model' database_2             
4 4 'Structure model' pdbx_struct_conn_angle 
5 4 'Structure model' struct_conn            
6 4 'Structure model' struct_conn_type       
7 4 'Structure model' struct_site            
# 
loop_
_pdbx_audit_revision_item.ordinal 
_pdbx_audit_revision_item.revision_ordinal 
_pdbx_audit_revision_item.data_content_type 
_pdbx_audit_revision_item.item 
1  4 'Structure model' '_database_2.pdbx_DOI'                        
2  4 'Structure model' '_database_2.pdbx_database_accession'         
3  4 'Structure model' '_pdbx_struct_conn_angle.ptnr1_auth_comp_id'  
4  4 'Structure model' '_pdbx_struct_conn_angle.ptnr1_auth_seq_id'   
5  4 'Structure model' '_pdbx_struct_conn_angle.ptnr1_label_atom_id' 
6  4 'Structure model' '_pdbx_struct_conn_angle.ptnr1_label_comp_id' 
7  4 'Structure model' '_pdbx_struct_conn_angle.ptnr1_label_seq_id'  
8  4 'Structure model' '_pdbx_struct_conn_angle.ptnr1_symmetry'      
9  4 'Structure model' '_pdbx_struct_conn_angle.ptnr2_auth_seq_id'   
10 4 'Structure model' '_pdbx_struct_conn_angle.ptnr2_label_asym_id' 
11 4 'Structure model' '_pdbx_struct_conn_angle.ptnr3_auth_comp_id'  
12 4 'Structure model' '_pdbx_struct_conn_angle.ptnr3_auth_seq_id'   
13 4 'Structure model' '_pdbx_struct_conn_angle.ptnr3_label_asym_id' 
14 4 'Structure model' '_pdbx_struct_conn_angle.ptnr3_label_atom_id' 
15 4 'Structure model' '_pdbx_struct_conn_angle.ptnr3_label_comp_id' 
16 4 'Structure model' '_pdbx_struct_conn_angle.ptnr3_label_seq_id'  
17 4 'Structure model' '_pdbx_struct_conn_angle.ptnr3_symmetry'      
18 4 'Structure model' '_pdbx_struct_conn_angle.value'               
19 4 'Structure model' '_struct_conn.conn_type_id'                   
20 4 'Structure model' '_struct_conn.id'                             
21 4 'Structure model' '_struct_conn.pdbx_dist_value'                
22 4 'Structure model' '_struct_conn.pdbx_leaving_atom_flag'         
23 4 'Structure model' '_struct_conn.ptnr1_auth_comp_id'             
24 4 'Structure model' '_struct_conn.ptnr1_auth_seq_id'              
25 4 'Structure model' '_struct_conn.ptnr1_label_asym_id'            
26 4 'Structure model' '_struct_conn.ptnr1_label_atom_id'            
27 4 'Structure model' '_struct_conn.ptnr1_label_comp_id'            
28 4 'Structure model' '_struct_conn.ptnr1_label_seq_id'             
29 4 'Structure model' '_struct_conn.ptnr1_symmetry'                 
30 4 'Structure model' '_struct_conn.ptnr2_auth_comp_id'             
31 4 'Structure model' '_struct_conn.ptnr2_auth_seq_id'              
32 4 'Structure model' '_struct_conn.ptnr2_label_asym_id'            
33 4 'Structure model' '_struct_conn.ptnr2_label_atom_id'            
34 4 'Structure model' '_struct_conn.ptnr2_label_comp_id'            
35 4 'Structure model' '_struct_conn.ptnr2_label_seq_id'             
36 4 'Structure model' '_struct_conn.ptnr2_symmetry'                 
37 4 'Structure model' '_struct_conn_type.id'                        
38 4 'Structure model' '_struct_site.pdbx_auth_asym_id'              
39 4 'Structure model' '_struct_site.pdbx_auth_comp_id'              
40 4 'Structure model' '_struct_site.pdbx_auth_seq_id'               
# 
_pdbx_database_status.status_code                     REL 
_pdbx_database_status.entry_id                        1F1T 
_pdbx_database_status.recvd_initial_deposition_date   2000-05-19 
_pdbx_database_status.deposit_site                    RCSB 
_pdbx_database_status.process_site                    RCSB 
_pdbx_database_status.status_code_sf                  REL 
_pdbx_database_status.SG_entry                        . 
_pdbx_database_status.pdb_format_compatible           Y 
_pdbx_database_status.status_code_mr                  ? 
_pdbx_database_status.status_code_cs                  ? 
_pdbx_database_status.status_code_nmr_data            ? 
_pdbx_database_status.methods_development_category    ? 
# 
loop_
_audit_author.name 
_audit_author.pdbx_ordinal 
'Baugh, C.'  1 
'Grate, D.'  2 
'Wilson, C.' 3 
# 
_citation.id                        primary 
_citation.title                     '2.8 A crystal structure of the malachite green aptamer.' 
_citation.journal_abbrev            J.Mol.Biol. 
_citation.journal_volume            301 
_citation.page_first                117 
_citation.page_last                 128 
_citation.year                      2000 
_citation.journal_id_ASTM           JMOBAK 
_citation.country                   UK 
_citation.journal_id_ISSN           0022-2836 
_citation.journal_id_CSD            0070 
_citation.book_publisher            ? 
_citation.pdbx_database_id_PubMed   10926496 
_citation.pdbx_database_id_DOI      10.1006/jmbi.2000.3951 
# 
loop_
_citation_author.citation_id 
_citation_author.name 
_citation_author.ordinal 
_citation_author.identifier_ORCID 
primary 'Baugh, C.'  1 ? 
primary 'Grate, D.'  2 ? 
primary 'Wilson, C.' 3 ? 
# 
loop_
_entity.id 
_entity.type 
_entity.src_method 
_entity.pdbx_description 
_entity.formula_weight 
_entity.pdbx_number_of_molecules 
_entity.pdbx_ec 
_entity.pdbx_mutation 
_entity.pdbx_fragment 
_entity.details 
1 polymer     syn 'MALACHITE GREEN APTAMER RNA' 12711.902 1 ? ? ? 'ALL URIDINES ARE 5-BROMO-URIDINE' 
2 non-polymer syn 'STRONTIUM ION'               87.620    8 ? ? ? ?                                  
3 non-polymer syn "N,N'-TETRAMETHYL-ROSAMINE"   343.442   1 ? ? ? ?                                  
4 water       nat water                         18.015    5 ? ? ? ?                                  
# 
_entity_poly.entity_id                      1 
_entity_poly.type                           polyribonucleotide 
_entity_poly.nstd_linkage                   no 
_entity_poly.nstd_monomer                   yes 
_entity_poly.pdbx_seq_one_letter_code       'GGA(5BU)CCCGAC(5BU)GGCGAGAGCCAGG(5BU)AACGAA(5BU)GGA(5BU)CC' 
_entity_poly.pdbx_seq_one_letter_code_can   GGAUCCCGACUGGCGAGAGCCAGGUAACGAAUGGAUCC 
_entity_poly.pdbx_strand_id                 A 
_entity_poly.pdbx_target_identifier         ? 
# 
loop_
_pdbx_entity_nonpoly.entity_id 
_pdbx_entity_nonpoly.name 
_pdbx_entity_nonpoly.comp_id 
2 'STRONTIUM ION'             SR  
3 "N,N'-TETRAMETHYL-ROSAMINE" ROS 
4 water                       HOH 
# 
loop_
_entity_poly_seq.entity_id 
_entity_poly_seq.num 
_entity_poly_seq.mon_id 
_entity_poly_seq.hetero 
1 1  G   n 
1 2  G   n 
1 3  A   n 
1 4  5BU n 
1 5  C   n 
1 6  C   n 
1 7  C   n 
1 8  G   n 
1 9  A   n 
1 10 C   n 
1 11 5BU n 
1 12 G   n 
1 13 G   n 
1 14 C   n 
1 15 G   n 
1 16 A   n 
1 17 G   n 
1 18 A   n 
1 19 G   n 
1 20 C   n 
1 21 C   n 
1 22 A   n 
1 23 G   n 
1 24 G   n 
1 25 5BU n 
1 26 A   n 
1 27 A   n 
1 28 C   n 
1 29 G   n 
1 30 A   n 
1 31 A   n 
1 32 5BU n 
1 33 G   n 
1 34 G   n 
1 35 A   n 
1 36 5BU n 
1 37 C   n 
1 38 C   n 
# 
_pdbx_entity_src_syn.entity_id              1 
_pdbx_entity_src_syn.pdbx_src_id            1 
_pdbx_entity_src_syn.pdbx_alt_source_flag   sample 
_pdbx_entity_src_syn.pdbx_beg_seq_num       ? 
_pdbx_entity_src_syn.pdbx_end_seq_num       ? 
_pdbx_entity_src_syn.organism_scientific    ? 
_pdbx_entity_src_syn.organism_common_name   ? 
_pdbx_entity_src_syn.ncbi_taxonomy_id       ? 
_pdbx_entity_src_syn.details                'IN VITRO T7 TRANSCRIPTION OF A LINEARIZED PLASMID TEMPLATE' 
# 
loop_
_chem_comp.id 
_chem_comp.type 
_chem_comp.mon_nstd_flag 
_chem_comp.name 
_chem_comp.pdbx_synonyms 
_chem_comp.formula 
_chem_comp.formula_weight 
5BU 'RNA linking' n "5-BROMO-URIDINE-5'-MONOPHOSPHATE" ?                                                                
'C9 H12 Br N2 O9 P' 403.077 
A   'RNA linking' y "ADENOSINE-5'-MONOPHOSPHATE"       ?                                                                
'C10 H14 N5 O7 P'   347.221 
C   'RNA linking' y "CYTIDINE-5'-MONOPHOSPHATE"        ?                                                                
'C9 H14 N3 O8 P'    323.197 
G   'RNA linking' y "GUANOSINE-5'-MONOPHOSPHATE"       ?                                                                
'C10 H14 N5 O8 P'   363.221 
HOH non-polymer   . WATER                              ?                                                                'H2 O' 
18.015  
ROS non-polymer   . "N,N'-TETRAMETHYL-ROSAMINE"        '(6-DIMETHYLAMINO-9-PHENYL-XANTHEN-3-YLIDENE)-DIMETHYL-AMMONIUM' 
'C23 H23 N2 O 1'    343.442 
SR  non-polymer   . 'STRONTIUM ION'                    ?                                                                'Sr 2' 
87.620  
# 
loop_
_pdbx_poly_seq_scheme.asym_id 
_pdbx_poly_seq_scheme.entity_id 
_pdbx_poly_seq_scheme.seq_id 
_pdbx_poly_seq_scheme.mon_id 
_pdbx_poly_seq_scheme.ndb_seq_num 
_pdbx_poly_seq_scheme.pdb_seq_num 
_pdbx_poly_seq_scheme.auth_seq_num 
_pdbx_poly_seq_scheme.pdb_mon_id 
_pdbx_poly_seq_scheme.auth_mon_id 
_pdbx_poly_seq_scheme.pdb_strand_id 
_pdbx_poly_seq_scheme.pdb_ins_code 
_pdbx_poly_seq_scheme.hetero 
A 1 1  G   1  1  1  G   G  A . n 
A 1 2  G   2  2  2  G   G  A . n 
A 1 3  A   3  3  3  A   A  A . n 
A 1 4  5BU 4  4  4  5BU +U A . n 
A 1 5  C   5  5  5  C   C  A . n 
A 1 6  C   6  6  6  C   C  A . n 
A 1 7  C   7  7  7  C   C  A . n 
A 1 8  G   8  8  8  G   G  A . n 
A 1 9  A   9  9  9  A   A  A . n 
A 1 10 C   10 10 10 C   C  A . n 
A 1 11 5BU 11 11 11 5BU +U A . n 
A 1 12 G   12 12 12 G   G  A . n 
A 1 13 G   13 13 13 G   G  A . n 
A 1 14 C   14 14 14 C   C  A . n 
A 1 15 G   15 15 15 G   G  A . n 
A 1 16 A   16 16 16 A   A  A . n 
A 1 17 G   17 17 17 G   G  A . n 
A 1 18 A   18 18 18 A   A  A . n 
A 1 19 G   19 19 19 G   G  A . n 
A 1 20 C   20 20 20 C   C  A . n 
A 1 21 C   21 21 21 C   C  A . n 
A 1 22 A   22 22 22 A   A  A . n 
A 1 23 G   23 23 23 G   G  A . n 
A 1 24 G   24 24 24 G   G  A . n 
A 1 25 5BU 25 25 25 5BU +U A . n 
A 1 26 A   26 26 26 A   A  A . n 
A 1 27 A   27 27 27 A   A  A . n 
A 1 28 C   28 28 28 C   C  A . n 
A 1 29 G   29 29 29 G   G  A . n 
A 1 30 A   30 30 30 A   A  A . n 
A 1 31 A   31 31 31 A   A  A . n 
A 1 32 5BU 32 32 32 5BU +U A . n 
A 1 33 G   33 33 33 G   G  A . n 
A 1 34 G   34 34 34 G   G  A . n 
A 1 35 A   35 35 35 A   A  A . n 
A 1 36 5BU 36 36 36 5BU +U A . n 
A 1 37 C   37 37 37 C   C  A . n 
A 1 38 C   38 38 38 C   C  A . n 
# 
loop_
_pdbx_nonpoly_scheme.asym_id 
_pdbx_nonpoly_scheme.entity_id 
_pdbx_nonpoly_scheme.mon_id 
_pdbx_nonpoly_scheme.ndb_seq_num 
_pdbx_nonpoly_scheme.pdb_seq_num 
_pdbx_nonpoly_scheme.auth_seq_num 
_pdbx_nonpoly_scheme.pdb_mon_id 
_pdbx_nonpoly_scheme.auth_mon_id 
_pdbx_nonpoly_scheme.pdb_strand_id 
_pdbx_nonpoly_scheme.pdb_ins_code 
B 2 SR  1 201 201 SR  SR  A . 
C 2 SR  1 202 202 SR  SR  A . 
D 2 SR  1 203 203 SR  SR  A . 
E 2 SR  1 204 204 SR  SR  A . 
F 2 SR  1 205 205 SR  SR  A . 
G 2 SR  1 206 206 SR  SR  A . 
H 2 SR  1 208 208 SR  SR  A . 
I 2 SR  1 209 209 SR  SR  A . 
J 3 ROS 1 101 101 ROS ROS A . 
K 4 HOH 1 301 301 HOH HOH A . 
K 4 HOH 2 302 302 HOH HOH A . 
K 4 HOH 3 303 303 HOH HOH A . 
K 4 HOH 4 304 304 HOH HOH A . 
K 4 HOH 5 305 305 HOH HOH A . 
# 
loop_
_software.name 
_software.classification 
_software.version 
_software.citation_id 
_software.pdbx_ordinal 
SHARP     phasing          .   ? 1 
CNS       refinement       0.9 ? 2 
DENZO     'data reduction' .   ? 3 
SCALEPACK 'data scaling'   .   ? 4 
# 
_cell.entry_id           1F1T 
_cell.length_a           55.297 
_cell.length_b           55.297 
_cell.length_c           143.92 
_cell.angle_alpha        90 
_cell.angle_beta         90 
_cell.angle_gamma        120 
_cell.Z_PDB              12 
_cell.pdbx_unique_axis   ? 
# 
_symmetry.entry_id                         1F1T 
_symmetry.space_group_name_H-M             'P 65 2 2' 
_symmetry.pdbx_full_space_group_name_H-M   ? 
_symmetry.cell_setting                     hexagonal 
_symmetry.Int_Tables_number                179 
# 
_exptl.entry_id          1F1T 
_exptl.method            'X-RAY DIFFRACTION' 
_exptl.crystals_number   1 
# 
_exptl_crystal.id                    1 
_exptl_crystal.density_meas          ? 
_exptl_crystal.density_percent_sol   52.30 
_exptl_crystal.density_Matthews      2.58 
_exptl_crystal.description           ? 
# 
_exptl_crystal_grow.crystal_id      1 
_exptl_crystal_grow.method          'VAPOR DIFFUSION, HANGING DROP' 
_exptl_crystal_grow.temp            298 
_exptl_crystal_grow.temp_details    ? 
_exptl_crystal_grow.pH              4.5 
_exptl_crystal_grow.pdbx_details    
'CACODYLATE, MGCL2, SRCL2, KCL, SPERMINE, MPD, pH 4.5, VAPOR DIFFUSION, HANGING DROP, temperature 298K' 
_exptl_crystal_grow.pdbx_pH_range   ? 
# 
loop_
_exptl_crystal_grow_comp.crystal_id 
_exptl_crystal_grow_comp.id 
_exptl_crystal_grow_comp.sol_id 
_exptl_crystal_grow_comp.name 
_exptl_crystal_grow_comp.volume 
_exptl_crystal_grow_comp.conc 
_exptl_crystal_grow_comp.details 
1 1 1 CACODYLATE ? ? ? 
1 2 1 MGCL2      ? ? ? 
1 3 1 SRCL2      ? ? ? 
1 4 1 KCL        ? ? ? 
1 5 1 SPERMINE   ? ? ? 
1 6 1 MPD        ? ? ? 
1 7 2 MPD        ? ? ? 
# 
_diffrn.id                     1 
_diffrn.ambient_temp           100 
_diffrn.ambient_temp_details   ? 
_diffrn.crystal_id             1 
# 
_diffrn_detector.diffrn_id              1 
_diffrn_detector.detector               CCD 
_diffrn_detector.type                   MARRESEARCH 
_diffrn_detector.pdbx_collection_date   1999-08-25 
_diffrn_detector.details                ? 
# 
_diffrn_radiation.diffrn_id                        1 
_diffrn_radiation.wavelength_id                    1 
_diffrn_radiation.pdbx_monochromatic_or_laue_m_l   M 
_diffrn_radiation.monochromator                    ? 
_diffrn_radiation.pdbx_diffrn_protocol             MAD 
_diffrn_radiation.pdbx_scattering_type             x-ray 
# 
loop_
_diffrn_radiation_wavelength.id 
_diffrn_radiation_wavelength.wavelength 
_diffrn_radiation_wavelength.wt 
1 0.92070 1.0 
2 0.92090 1.0 
3 0.90830 1.0 
4 1.0000  1.0 
# 
_diffrn_source.diffrn_id                   1 
_diffrn_source.source                      SYNCHROTRON 
_diffrn_source.type                        'ALS BEAMLINE 5.0.2' 
_diffrn_source.pdbx_synchrotron_site       ALS 
_diffrn_source.pdbx_synchrotron_beamline   5.0.2 
_diffrn_source.pdbx_wavelength             ? 
_diffrn_source.pdbx_wavelength_list        '0.92070, 0.92090, 0.90830, 1.0000' 
# 
_reflns.entry_id                     1F1T 
_reflns.observed_criterion_sigma_I   ? 
_reflns.observed_criterion_sigma_F   ? 
_reflns.d_resolution_low             20.0 
_reflns.d_resolution_high            2.8 
_reflns.number_obs                   3188 
_reflns.number_all                   3188 
_reflns.percent_possible_obs         99.7 
_reflns.pdbx_Rmerge_I_obs            0.057 
_reflns.pdbx_Rsym_value              ? 
_reflns.pdbx_netI_over_sigmaI        40.59 
_reflns.B_iso_Wilson_estimate        ? 
_reflns.pdbx_redundancy              40.3 
_reflns.R_free_details               ? 
_reflns.pdbx_diffrn_id               1 
_reflns.pdbx_ordinal                 1 
# 
_refine.entry_id                                 1F1T 
_refine.ls_number_reflns_obs                     3188 
_refine.ls_number_reflns_all                     3188 
_refine.pdbx_ls_sigma_I                          ? 
_refine.pdbx_ls_sigma_F                          0 
_refine.pdbx_data_cutoff_high_absF               ? 
_refine.pdbx_data_cutoff_low_absF                ? 
_refine.pdbx_data_cutoff_high_rms_absF           ? 
_refine.ls_d_res_low                             9.0 
_refine.ls_d_res_high                            2.8 
_refine.ls_percent_reflns_obs                    ? 
_refine.ls_R_factor_obs                          0.2609 
_refine.ls_R_factor_all                          ? 
_refine.ls_R_factor_R_work                       0.2609 
_refine.ls_R_factor_R_free                       0.2822 
_refine.ls_R_factor_R_free_error                 ? 
_refine.ls_R_factor_R_free_error_details         ? 
_refine.ls_percent_reflns_R_free                 ? 
_refine.ls_number_reflns_R_free                  ? 
_refine.ls_number_parameters                     ? 
_refine.ls_number_restraints                     ? 
_refine.occupancy_min                            ? 
_refine.occupancy_max                            ? 
_refine.B_iso_mean                               ? 
_refine.aniso_B[1][1]                            ? 
_refine.aniso_B[2][2]                            ? 
_refine.aniso_B[3][3]                            ? 
_refine.aniso_B[1][2]                            ? 
_refine.aniso_B[1][3]                            ? 
_refine.aniso_B[2][3]                            ? 
_refine.solvent_model_details                    ? 
_refine.solvent_model_param_ksol                 ? 
_refine.solvent_model_param_bsol                 ? 
_refine.pdbx_ls_cross_valid_method               THROUGHOUT 
_refine.details                                  ? 
_refine.pdbx_starting_model                      ? 
_refine.pdbx_method_to_determine_struct          ? 
_refine.pdbx_isotropic_thermal_model             ? 
_refine.pdbx_stereochemistry_target_values       ? 
_refine.pdbx_stereochem_target_val_spec_case     ? 
_refine.pdbx_R_Free_selection_details            RANDOM 
_refine.pdbx_overall_ESU_R                       ? 
_refine.pdbx_overall_ESU_R_Free                  ? 
_refine.overall_SU_ML                            ? 
_refine.overall_SU_B                             ? 
_refine.ls_redundancy_reflns_obs                 ? 
_refine.correlation_coeff_Fo_to_Fc               ? 
_refine.correlation_coeff_Fo_to_Fc_free          ? 
_refine.overall_SU_R_Cruickshank_DPI             ? 
_refine.overall_SU_R_free                        ? 
_refine.pdbx_refine_id                           'X-RAY DIFFRACTION' 
_refine.pdbx_diffrn_id                           1 
_refine.pdbx_TLS_residual_ADP_flag               ? 
_refine.pdbx_solvent_vdw_probe_radii             ? 
_refine.pdbx_solvent_ion_probe_radii             ? 
_refine.pdbx_solvent_shrinkage_radii             ? 
_refine.pdbx_overall_phase_error                 ? 
_refine.pdbx_overall_SU_R_free_Cruickshank_DPI   ? 
_refine.pdbx_overall_SU_R_Blow_DPI               ? 
_refine.pdbx_overall_SU_R_free_Blow_DPI          ? 
# 
_refine_hist.pdbx_refine_id                   'X-RAY DIFFRACTION' 
_refine_hist.cycle_id                         LAST 
_refine_hist.pdbx_number_atoms_protein        0 
_refine_hist.pdbx_number_atoms_nucleic_acid   816 
_refine_hist.pdbx_number_atoms_ligand         39 
_refine_hist.number_atoms_solvent             5 
_refine_hist.number_atoms_total               860 
_refine_hist.d_res_high                       2.8 
_refine_hist.d_res_low                        9.0 
# 
loop_
_refine_ls_restr.type 
_refine_ls_restr.dev_ideal 
_refine_ls_restr.dev_ideal_target 
_refine_ls_restr.weight 
_refine_ls_restr.number 
_refine_ls_restr.pdbx_refine_id 
_refine_ls_restr.pdbx_restraint_function 
c_bond_d                0.013 ? ? ? 'X-RAY DIFFRACTION' ? 
c_bond_d_na             ?     ? ? ? 'X-RAY DIFFRACTION' ? 
c_bond_d_prot           ?     ? ? ? 'X-RAY DIFFRACTION' ? 
c_angle_d               ?     ? ? ? 'X-RAY DIFFRACTION' ? 
c_angle_d_na            ?     ? ? ? 'X-RAY DIFFRACTION' ? 
c_angle_d_prot          ?     ? ? ? 'X-RAY DIFFRACTION' ? 
c_angle_deg             1.96  ? ? ? 'X-RAY DIFFRACTION' ? 
c_angle_deg_na          ?     ? ? ? 'X-RAY DIFFRACTION' ? 
c_angle_deg_prot        ?     ? ? ? 'X-RAY DIFFRACTION' ? 
c_dihedral_angle_d      ?     ? ? ? 'X-RAY DIFFRACTION' ? 
c_dihedral_angle_d_na   ?     ? ? ? 'X-RAY DIFFRACTION' ? 
c_dihedral_angle_d_prot ?     ? ? ? 'X-RAY DIFFRACTION' ? 
c_improper_angle_d      ?     ? ? ? 'X-RAY DIFFRACTION' ? 
c_improper_angle_d_na   ?     ? ? ? 'X-RAY DIFFRACTION' ? 
c_improper_angle_d_prot ?     ? ? ? 'X-RAY DIFFRACTION' ? 
c_mcbond_it             ?     ? ? ? 'X-RAY DIFFRACTION' ? 
c_mcangle_it            ?     ? ? ? 'X-RAY DIFFRACTION' ? 
c_scbond_it             ?     ? ? ? 'X-RAY DIFFRACTION' ? 
c_scangle_it            ?     ? ? ? 'X-RAY DIFFRACTION' ? 
# 
_struct.entry_id                  1F1T 
_struct.title                     'CRYSTAL STRUCTURE OF THE MALACHITE GREEN APTAMER COMPLEXED WITH TETRAMETHYL-ROSAMINE' 
_struct.pdbx_model_details        ? 
_struct.pdbx_CASP_flag            ? 
_struct.pdbx_model_type_details   ? 
# 
_struct_keywords.entry_id        1F1T 
_struct_keywords.pdbx_keywords   RNA 
_struct_keywords.text            'U-TURN, BASE QUADRUPLE, BASE TRIPLE, GNRA TETRALOOP, 5-BROMO-URIDINE, RNA' 
# 
loop_
_struct_asym.id 
_struct_asym.pdbx_blank_PDB_chainid_flag 
_struct_asym.pdbx_modified 
_struct_asym.entity_id 
_struct_asym.details 
A N N 1 ? 
B N N 2 ? 
C N N 2 ? 
D N N 2 ? 
E N N 2 ? 
F N N 2 ? 
G N N 2 ? 
H N N 2 ? 
I N N 2 ? 
J N N 3 ? 
K N N 4 ? 
# 
_struct_ref.id                         1 
_struct_ref.entity_id                  1 
_struct_ref.db_name                    PDB 
_struct_ref.db_code                    1F1T 
_struct_ref.pdbx_db_accession          1F1T 
_struct_ref.pdbx_db_isoform            ? 
_struct_ref.pdbx_seq_one_letter_code   ? 
_struct_ref.pdbx_align_begin           ? 
# 
_struct_ref_seq.align_id                      1 
_struct_ref_seq.ref_id                        1 
_struct_ref_seq.pdbx_PDB_id_code              1F1T 
_struct_ref_seq.pdbx_strand_id                A 
_struct_ref_seq.seq_align_beg                 1 
_struct_ref_seq.pdbx_seq_align_beg_ins_code   ? 
_struct_ref_seq.seq_align_end                 38 
_struct_ref_seq.pdbx_seq_align_end_ins_code   ? 
_struct_ref_seq.pdbx_db_accession             1F1T 
_struct_ref_seq.db_align_beg                  1 
_struct_ref_seq.pdbx_db_align_beg_ins_code    ? 
_struct_ref_seq.db_align_end                  38 
_struct_ref_seq.pdbx_db_align_end_ins_code    ? 
_struct_ref_seq.pdbx_auth_seq_align_beg       1 
_struct_ref_seq.pdbx_auth_seq_align_end       38 
# 
_pdbx_struct_assembly.id                   1 
_pdbx_struct_assembly.details              author_defined_assembly 
_pdbx_struct_assembly.method_details       ? 
_pdbx_struct_assembly.oligomeric_details   monomeric 
_pdbx_struct_assembly.oligomeric_count     1 
# 
_pdbx_struct_assembly_gen.assembly_id       1 
_pdbx_struct_assembly_gen.oper_expression   1 
_pdbx_struct_assembly_gen.asym_id_list      A,B,C,D,E,F,G,H,I,J,K 
# 
_pdbx_struct_oper_list.id                   1 
_pdbx_struct_oper_list.type                 'identity operation' 
_pdbx_struct_oper_list.name                 1_555 
_pdbx_struct_oper_list.symmetry_operation   x,y,z 
_pdbx_struct_oper_list.matrix[1][1]         1.0000000000 
_pdbx_struct_oper_list.matrix[1][2]         0.0000000000 
_pdbx_struct_oper_list.matrix[1][3]         0.0000000000 
_pdbx_struct_oper_list.vector[1]            0.0000000000 
_pdbx_struct_oper_list.matrix[2][1]         0.0000000000 
_pdbx_struct_oper_list.matrix[2][2]         1.0000000000 
_pdbx_struct_oper_list.matrix[2][3]         0.0000000000 
_pdbx_struct_oper_list.vector[2]            0.0000000000 
_pdbx_struct_oper_list.matrix[3][1]         0.0000000000 
_pdbx_struct_oper_list.matrix[3][2]         0.0000000000 
_pdbx_struct_oper_list.matrix[3][3]         1.0000000000 
_pdbx_struct_oper_list.vector[3]            0.0000000000 
# 
_struct_biol.id                    1 
_struct_biol.pdbx_parent_biol_id   ? 
_struct_biol.details               ? 
# 
loop_
_struct_conn.id 
_struct_conn.conn_type_id 
_struct_conn.pdbx_leaving_atom_flag 
_struct_conn.pdbx_PDB_id 
_struct_conn.ptnr1_label_asym_id 
_struct_conn.ptnr1_label_comp_id 
_struct_conn.ptnr1_label_seq_id 
_struct_conn.ptnr1_label_atom_id 
_struct_conn.pdbx_ptnr1_label_alt_id 
_struct_conn.pdbx_ptnr1_PDB_ins_code 
_struct_conn.pdbx_ptnr1_standard_comp_id 
_struct_conn.ptnr1_symmetry 
_struct_conn.ptnr2_label_asym_id 
_struct_conn.ptnr2_label_comp_id 
_struct_conn.ptnr2_label_seq_id 
_struct_conn.ptnr2_label_atom_id 
_struct_conn.pdbx_ptnr2_label_alt_id 
_struct_conn.pdbx_ptnr2_PDB_ins_code 
_struct_conn.ptnr1_auth_asym_id 
_struct_conn.ptnr1_auth_comp_id 
_struct_conn.ptnr1_auth_seq_id 
_struct_conn.ptnr2_auth_asym_id 
_struct_conn.ptnr2_auth_comp_id 
_struct_conn.ptnr2_auth_seq_id 
_struct_conn.ptnr2_symmetry 
_struct_conn.pdbx_ptnr3_label_atom_id 
_struct_conn.pdbx_ptnr3_label_seq_id 
_struct_conn.pdbx_ptnr3_label_comp_id 
_struct_conn.pdbx_ptnr3_label_asym_id 
_struct_conn.pdbx_ptnr3_label_alt_id 
_struct_conn.pdbx_ptnr3_PDB_ins_code 
_struct_conn.details 
_struct_conn.pdbx_dist_value 
_struct_conn.pdbx_value_order 
_struct_conn.pdbx_role 
covale1  covale both ? A A   3  "O3'" ? ? ? 1_555 A 5BU 4  P  ? ? A A   3   A 5BU 4   1_555 ? ? ? ? ? ? ?             1.600 ? ? 
covale2  covale both ? A 5BU 4  "O3'" ? ? ? 1_555 A C   5  P  ? ? A 5BU 4   A C   5   1_555 ? ? ? ? ? ? ?             1.614 ? ? 
covale3  covale both ? A C   10 "O3'" ? ? ? 1_555 A 5BU 11 P  ? ? A C   10  A 5BU 11  1_555 ? ? ? ? ? ? ?             1.604 ? ? 
covale4  covale both ? A 5BU 11 "O3'" ? ? ? 1_555 A G   12 P  ? ? A 5BU 11  A G   12  1_555 ? ? ? ? ? ? ?             1.608 ? ? 
covale5  covale both ? A G   24 "O3'" ? ? ? 1_555 A 5BU 25 P  ? ? A G   24  A 5BU 25  1_555 ? ? ? ? ? ? ?             1.657 ? ? 
covale6  covale both ? A 5BU 25 "O3'" ? ? ? 1_555 A A   26 P  ? ? A 5BU 25  A A   26  1_555 ? ? ? ? ? ? ?             1.602 ? ? 
covale7  covale both ? A A   31 "O3'" ? ? ? 1_555 A 5BU 32 P  ? ? A A   31  A 5BU 32  1_555 ? ? ? ? ? ? ?             1.586 ? ? 
covale8  covale both ? A 5BU 32 "O3'" ? ? ? 1_555 A G   33 P  ? ? A 5BU 32  A G   33  1_555 ? ? ? ? ? ? ?             1.609 ? ? 
covale9  covale both ? A A   35 "O3'" ? ? ? 1_555 A 5BU 36 P  ? ? A A   35  A 5BU 36  1_555 ? ? ? ? ? ? ?             1.592 ? ? 
covale10 covale both ? A 5BU 36 "O3'" ? ? ? 1_555 A C   37 P  ? ? A 5BU 36  A C   37  1_555 ? ? ? ? ? ? ?             1.601 ? ? 
metalc1  metalc ?    ? A A   16 OP1   ? ? ? 6_434 B SR  .  SR ? ? A A   16  A SR  201 1_555 ? ? ? ? ? ? ?             2.859 ? ? 
metalc2  metalc ?    ? A A   31 OP2   ? ? ? 1_555 F SR  .  SR ? ? A A   31  A SR  205 1_555 ? ? ? ? ? ? ?             3.204 ? ? 
metalc3  metalc ?    ? A 5BU 32 O2    ? ? ? 1_555 B SR  .  SR ? ? A 5BU 32  A SR  201 1_555 ? ? ? ? ? ? ?             2.774 ? ? 
metalc4  metalc ?    ? A G   33 OP2   ? ? ? 1_555 F SR  .  SR ? ? A G   33  A SR  205 1_555 ? ? ? ? ? ? ?             3.152 ? ? 
metalc5  metalc ?    ? A G   33 OP1   ? ? ? 1_555 G SR  .  SR ? ? A G   33  A SR  206 1_555 ? ? ? ? ? ? ?             2.617 ? ? 
metalc6  metalc ?    ? A G   34 OP1   ? ? ? 1_555 B SR  .  SR ? ? A G   34  A SR  201 1_555 ? ? ? ? ? ? ?             2.635 ? ? 
metalc7  metalc ?    ? G SR  .  SR    ? ? ? 1_555 K HOH .  O  ? ? A SR  206 A HOH 304 1_555 ? ? ? ? ? ? ?             2.722 ? ? 
hydrog1  hydrog ?    ? A G   1  N1    ? ? ? 1_555 A C   38 N3 ? ? A G   1   A C   38  1_555 ? ? ? ? ? ? WATSON-CRICK  ?     ? ? 
hydrog2  hydrog ?    ? A G   1  N2    ? ? ? 1_555 A C   38 O2 ? ? A G   1   A C   38  1_555 ? ? ? ? ? ? WATSON-CRICK  ?     ? ? 
hydrog3  hydrog ?    ? A G   1  O6    ? ? ? 1_555 A C   38 N4 ? ? A G   1   A C   38  1_555 ? ? ? ? ? ? WATSON-CRICK  ?     ? ? 
hydrog4  hydrog ?    ? A G   2  N1    ? ? ? 1_555 A C   37 N3 ? ? A G   2   A C   37  1_555 ? ? ? ? ? ? WATSON-CRICK  ?     ? ? 
hydrog5  hydrog ?    ? A G   2  N2    ? ? ? 1_555 A C   37 O2 ? ? A G   2   A C   37  1_555 ? ? ? ? ? ? WATSON-CRICK  ?     ? ? 
hydrog6  hydrog ?    ? A G   2  O6    ? ? ? 1_555 A C   37 N4 ? ? A G   2   A C   37  1_555 ? ? ? ? ? ? WATSON-CRICK  ?     ? ? 
hydrog7  hydrog ?    ? A A   3  N1    ? ? ? 1_555 A 5BU 36 N3 ? ? A A   3   A 5BU 36  1_555 ? ? ? ? ? ? WATSON-CRICK  ?     ? ? 
hydrog8  hydrog ?    ? A A   3  N6    ? ? ? 1_555 A 5BU 36 O4 ? ? A A   3   A 5BU 36  1_555 ? ? ? ? ? ? WATSON-CRICK  ?     ? ? 
hydrog9  hydrog ?    ? A 5BU 4  N3    ? ? ? 1_555 A A   35 N1 ? ? A 5BU 4   A A   35  1_555 ? ? ? ? ? ? WATSON-CRICK  ?     ? ? 
hydrog10 hydrog ?    ? A 5BU 4  O4    ? ? ? 1_555 A A   35 N6 ? ? A 5BU 4   A A   35  1_555 ? ? ? ? ? ? WATSON-CRICK  ?     ? ? 
hydrog11 hydrog ?    ? A C   5  N3    ? ? ? 1_555 A G   34 N1 ? ? A C   5   A G   34  1_555 ? ? ? ? ? ? WATSON-CRICK  ?     ? ? 
hydrog12 hydrog ?    ? A C   5  N4    ? ? ? 1_555 A G   34 O6 ? ? A C   5   A G   34  1_555 ? ? ? ? ? ? WATSON-CRICK  ?     ? ? 
hydrog13 hydrog ?    ? A C   5  O2    ? ? ? 1_555 A G   34 N2 ? ? A C   5   A G   34  1_555 ? ? ? ? ? ? WATSON-CRICK  ?     ? ? 
hydrog14 hydrog ?    ? A C   6  N3    ? ? ? 1_555 A G   33 N1 ? ? A C   6   A G   33  1_555 ? ? ? ? ? ? WATSON-CRICK  ?     ? ? 
hydrog15 hydrog ?    ? A C   6  N4    ? ? ? 1_555 A G   33 O6 ? ? A C   6   A G   33  1_555 ? ? ? ? ? ? WATSON-CRICK  ?     ? ? 
hydrog16 hydrog ?    ? A C   6  O2    ? ? ? 1_555 A G   33 N2 ? ? A C   6   A G   33  1_555 ? ? ? ? ? ? WATSON-CRICK  ?     ? ? 
hydrog17 hydrog ?    ? A C   7  N3    ? ? ? 1_555 A G   29 N1 ? ? A C   7   A G   29  1_555 ? ? ? ? ? ? WATSON-CRICK  ?     ? ? 
hydrog18 hydrog ?    ? A C   7  N4    ? ? ? 1_555 A G   29 O6 ? ? A C   7   A G   29  1_555 ? ? ? ? ? ? WATSON-CRICK  ?     ? ? 
hydrog19 hydrog ?    ? A C   7  O2    ? ? ? 1_555 A G   29 N2 ? ? A C   7   A G   29  1_555 ? ? ? ? ? ? WATSON-CRICK  ?     ? ? 
hydrog20 hydrog ?    ? A G   8  N1    ? ? ? 1_555 A C   28 N3 ? ? A G   8   A C   28  1_555 ? ? ? ? ? ? WATSON-CRICK  ?     ? ? 
hydrog21 hydrog ?    ? A G   8  N2    ? ? ? 1_555 A C   28 O2 ? ? A G   8   A C   28  1_555 ? ? ? ? ? ? WATSON-CRICK  ?     ? ? 
hydrog22 hydrog ?    ? A G   8  O6    ? ? ? 1_555 A C   28 N4 ? ? A G   8   A C   28  1_555 ? ? ? ? ? ? WATSON-CRICK  ?     ? ? 
hydrog23 hydrog ?    ? A C   10 N3    ? ? ? 1_555 A G   23 N1 ? ? A C   10  A G   23  1_555 ? ? ? ? ? ? WATSON-CRICK  ?     ? ? 
hydrog24 hydrog ?    ? A C   10 N4    ? ? ? 1_555 A G   23 O6 ? ? A C   10  A G   23  1_555 ? ? ? ? ? ? WATSON-CRICK  ?     ? ? 
hydrog25 hydrog ?    ? A C   10 O2    ? ? ? 1_555 A G   23 N2 ? ? A C   10  A G   23  1_555 ? ? ? ? ? ? WATSON-CRICK  ?     ? ? 
hydrog26 hydrog ?    ? A 5BU 11 N3    ? ? ? 1_555 A A   22 N1 ? ? A 5BU 11  A A   22  1_555 ? ? ? ? ? ? WATSON-CRICK  ?     ? ? 
hydrog27 hydrog ?    ? A 5BU 11 O4    ? ? ? 1_555 A A   22 N6 ? ? A 5BU 11  A A   22  1_555 ? ? ? ? ? ? WATSON-CRICK  ?     ? ? 
hydrog28 hydrog ?    ? A 5BU 11 O2    ? ? ? 1_555 A A   26 N6 ? ? A 5BU 11  A A   26  1_555 ? ? ? ? ? ? '5BU-A PAIR'  ?     ? ? 
hydrog29 hydrog ?    ? A G   12 N1    ? ? ? 1_555 A C   21 N3 ? ? A G   12  A C   21  1_555 ? ? ? ? ? ? WATSON-CRICK  ?     ? ? 
hydrog30 hydrog ?    ? A G   12 N2    ? ? ? 1_555 A C   21 O2 ? ? A G   12  A C   21  1_555 ? ? ? ? ? ? WATSON-CRICK  ?     ? ? 
hydrog31 hydrog ?    ? A G   12 O6    ? ? ? 1_555 A C   21 N4 ? ? A G   12  A C   21  1_555 ? ? ? ? ? ? WATSON-CRICK  ?     ? ? 
hydrog32 hydrog ?    ? A G   13 N1    ? ? ? 1_555 A C   20 N3 ? ? A G   13  A C   20  1_555 ? ? ? ? ? ? WATSON-CRICK  ?     ? ? 
hydrog33 hydrog ?    ? A G   13 N2    ? ? ? 1_555 A C   20 O2 ? ? A G   13  A C   20  1_555 ? ? ? ? ? ? WATSON-CRICK  ?     ? ? 
hydrog34 hydrog ?    ? A G   13 O6    ? ? ? 1_555 A C   20 N4 ? ? A G   13  A C   20  1_555 ? ? ? ? ? ? WATSON-CRICK  ?     ? ? 
hydrog35 hydrog ?    ? A C   14 N3    ? ? ? 1_555 A G   19 N1 ? ? A C   14  A G   19  1_555 ? ? ? ? ? ? WATSON-CRICK  ?     ? ? 
hydrog36 hydrog ?    ? A C   14 N4    ? ? ? 1_555 A G   19 O6 ? ? A C   14  A G   19  1_555 ? ? ? ? ? ? WATSON-CRICK  ?     ? ? 
hydrog37 hydrog ?    ? A C   14 O2    ? ? ? 1_555 A G   19 N2 ? ? A C   14  A G   19  1_555 ? ? ? ? ? ? WATSON-CRICK  ?     ? ? 
hydrog38 hydrog ?    ? A G   15 N2    ? ? ? 1_555 A A   18 N7 ? ? A G   15  A A   18  1_555 ? ? ? ? ? ? 'G-A MISPAIR' ?     ? ? 
hydrog39 hydrog ?    ? A G   23 N2    ? ? ? 1_555 A A   27 N1 ? ? A G   23  A A   27  1_555 ? ? ? ? ? ? TYPE_10_PAIR  ?     ? ? 
hydrog40 hydrog ?    ? A G   23 N3    ? ? ? 1_555 A A   27 N6 ? ? A G   23  A A   27  1_555 ? ? ? ? ? ? TYPE_10_PAIR  ?     ? ? 
hydrog41 hydrog ?    ? A G   24 N1    ? ? ? 1_555 A G   29 N7 ? ? A G   24  A G   29  1_555 ? ? ? ? ? ? TYPE_7_PAIR   ?     ? ? 
hydrog42 hydrog ?    ? A G   24 N2    ? ? ? 1_555 A G   29 O6 ? ? A G   24  A G   29  1_555 ? ? ? ? ? ? TYPE_7_PAIR   ?     ? ? 
hydrog43 hydrog ?    ? A G   29 N2    ? ? ? 1_555 A A   31 N1 ? ? A G   29  A A   31  1_555 ? ? ? ? ? ? TYPE_10_PAIR  ?     ? ? 
hydrog44 hydrog ?    ? A G   29 N3    ? ? ? 1_555 A A   31 N6 ? ? A G   29  A A   31  1_555 ? ? ? ? ? ? TYPE_10_PAIR  ?     ? ? 
# 
loop_
_struct_conn_type.id 
_struct_conn_type.criteria 
_struct_conn_type.reference 
covale ? ? 
metalc ? ? 
hydrog ? ? 
# 
loop_
_pdbx_struct_conn_angle.id 
_pdbx_struct_conn_angle.ptnr1_label_atom_id 
_pdbx_struct_conn_angle.ptnr1_label_alt_id 
_pdbx_struct_conn_angle.ptnr1_label_asym_id 
_pdbx_struct_conn_angle.ptnr1_label_comp_id 
_pdbx_struct_conn_angle.ptnr1_label_seq_id 
_pdbx_struct_conn_angle.ptnr1_auth_atom_id 
_pdbx_struct_conn_angle.ptnr1_auth_asym_id 
_pdbx_struct_conn_angle.ptnr1_auth_comp_id 
_pdbx_struct_conn_angle.ptnr1_auth_seq_id 
_pdbx_struct_conn_angle.ptnr1_PDB_ins_code 
_pdbx_struct_conn_angle.ptnr1_symmetry 
_pdbx_struct_conn_angle.ptnr2_label_atom_id 
_pdbx_struct_conn_angle.ptnr2_label_alt_id 
_pdbx_struct_conn_angle.ptnr2_label_asym_id 
_pdbx_struct_conn_angle.ptnr2_label_comp_id 
_pdbx_struct_conn_angle.ptnr2_label_seq_id 
_pdbx_struct_conn_angle.ptnr2_auth_atom_id 
_pdbx_struct_conn_angle.ptnr2_auth_asym_id 
_pdbx_struct_conn_angle.ptnr2_auth_comp_id 
_pdbx_struct_conn_angle.ptnr2_auth_seq_id 
_pdbx_struct_conn_angle.ptnr2_PDB_ins_code 
_pdbx_struct_conn_angle.ptnr2_symmetry 
_pdbx_struct_conn_angle.ptnr3_label_atom_id 
_pdbx_struct_conn_angle.ptnr3_label_alt_id 
_pdbx_struct_conn_angle.ptnr3_label_asym_id 
_pdbx_struct_conn_angle.ptnr3_label_comp_id 
_pdbx_struct_conn_angle.ptnr3_label_seq_id 
_pdbx_struct_conn_angle.ptnr3_auth_atom_id 
_pdbx_struct_conn_angle.ptnr3_auth_asym_id 
_pdbx_struct_conn_angle.ptnr3_auth_comp_id 
_pdbx_struct_conn_angle.ptnr3_auth_seq_id 
_pdbx_struct_conn_angle.ptnr3_PDB_ins_code 
_pdbx_struct_conn_angle.ptnr3_symmetry 
_pdbx_struct_conn_angle.value 
_pdbx_struct_conn_angle.value_esd 
1 OP1 ? A A   16 ? A A   16 ? 6_434 SR ? B SR . ? A SR 201 ? 1_555 O2  ? A 5BU 32 ? A 5BU 32  ? 1_555 74.9 ? 
2 OP1 ? A A   16 ? A A   16 ? 6_434 SR ? B SR . ? A SR 201 ? 1_555 OP1 ? A G   34 ? A G   34  ? 1_555 88.6 ? 
3 O2  ? A 5BU 32 ? A 5BU 32 ? 1_555 SR ? B SR . ? A SR 201 ? 1_555 OP1 ? A G   34 ? A G   34  ? 1_555 80.4 ? 
4 OP2 ? A A   31 ? A A   31 ? 1_555 SR ? F SR . ? A SR 205 ? 1_555 OP2 ? A G   33 ? A G   33  ? 1_555 93.5 ? 
5 OP1 ? A G   33 ? A G   33 ? 1_555 SR ? G SR . ? A SR 206 ? 1_555 O   ? K HOH .  ? A HOH 304 ? 1_555 59.7 ? 
# 
loop_
_struct_site.id 
_struct_site.pdbx_evidence_code 
_struct_site.pdbx_auth_asym_id 
_struct_site.pdbx_auth_comp_id 
_struct_site.pdbx_auth_seq_id 
_struct_site.pdbx_auth_ins_code 
_struct_site.pdbx_num_residues 
_struct_site.details 
AC1 Software A SR  201 ? 3 'BINDING SITE FOR RESIDUE SR A 201'  
AC2 Software A SR  205 ? 2 'BINDING SITE FOR RESIDUE SR A 205'  
AC3 Software A SR  206 ? 2 'BINDING SITE FOR RESIDUE SR A 206'  
AC4 Software A ROS 101 ? 6 'BINDING SITE FOR RESIDUE ROS A 101' 
1   ?        ? ?   ?   ? ? ?                                    
# 
loop_
_struct_site_gen.id 
_struct_site_gen.site_id 
_struct_site_gen.pdbx_num_res 
_struct_site_gen.label_comp_id 
_struct_site_gen.label_asym_id 
_struct_site_gen.label_seq_id 
_struct_site_gen.pdbx_auth_ins_code 
_struct_site_gen.auth_comp_id 
_struct_site_gen.auth_asym_id 
_struct_site_gen.auth_seq_id 
_struct_site_gen.label_atom_id 
_struct_site_gen.label_alt_id 
_struct_site_gen.symmetry 
_struct_site_gen.details 
1  AC1 3 A   A 16 ? A   A 16  . ? 6_434 ? 
2  AC1 3 5BU A 32 ? 5BU A 32  . ? 1_555 ? 
3  AC1 3 G   A 34 ? G   A 34  . ? 1_555 ? 
4  AC2 2 A   A 31 ? A   A 31  . ? 1_555 ? 
5  AC2 2 G   A 33 ? G   A 33  . ? 1_555 ? 
6  AC3 2 G   A 33 ? G   A 33  . ? 1_555 ? 
7  AC3 2 HOH K .  ? HOH A 304 . ? 1_555 ? 
8  AC4 6 C   A 7  ? C   A 7   . ? 1_555 ? 
9  AC4 6 G   A 8  ? G   A 8   . ? 1_555 ? 
10 AC4 6 G   A 24 ? G   A 24  . ? 1_555 ? 
11 AC4 6 C   A 28 ? C   A 28  . ? 1_555 ? 
12 AC4 6 G   A 29 ? G   A 29  . ? 1_555 ? 
13 AC4 6 A   A 30 ? A   A 30  . ? 1_555 ? 
# 
_pdbx_validate_close_contact.id               1 
_pdbx_validate_close_contact.PDB_model_num    1 
_pdbx_validate_close_contact.auth_atom_id_1   OP2 
_pdbx_validate_close_contact.auth_asym_id_1   A 
_pdbx_validate_close_contact.auth_comp_id_1   5BU 
_pdbx_validate_close_contact.auth_seq_id_1    4 
_pdbx_validate_close_contact.PDB_ins_code_1   ? 
_pdbx_validate_close_contact.label_alt_id_1   ? 
_pdbx_validate_close_contact.auth_atom_id_2   O 
_pdbx_validate_close_contact.auth_asym_id_2   A 
_pdbx_validate_close_contact.auth_comp_id_2   HOH 
_pdbx_validate_close_contact.auth_seq_id_2    305 
_pdbx_validate_close_contact.PDB_ins_code_2   ? 
_pdbx_validate_close_contact.label_alt_id_2   ? 
_pdbx_validate_close_contact.dist             1.94 
# 
loop_
_pdbx_validate_rmsd_angle.id 
_pdbx_validate_rmsd_angle.PDB_model_num 
_pdbx_validate_rmsd_angle.auth_atom_id_1 
_pdbx_validate_rmsd_angle.auth_asym_id_1 
_pdbx_validate_rmsd_angle.auth_comp_id_1 
_pdbx_validate_rmsd_angle.auth_seq_id_1 
_pdbx_validate_rmsd_angle.PDB_ins_code_1 
_pdbx_validate_rmsd_angle.label_alt_id_1 
_pdbx_validate_rmsd_angle.auth_atom_id_2 
_pdbx_validate_rmsd_angle.auth_asym_id_2 
_pdbx_validate_rmsd_angle.auth_comp_id_2 
_pdbx_validate_rmsd_angle.auth_seq_id_2 
_pdbx_validate_rmsd_angle.PDB_ins_code_2 
_pdbx_validate_rmsd_angle.label_alt_id_2 
_pdbx_validate_rmsd_angle.auth_atom_id_3 
_pdbx_validate_rmsd_angle.auth_asym_id_3 
_pdbx_validate_rmsd_angle.auth_comp_id_3 
_pdbx_validate_rmsd_angle.auth_seq_id_3 
_pdbx_validate_rmsd_angle.PDB_ins_code_3 
_pdbx_validate_rmsd_angle.label_alt_id_3 
_pdbx_validate_rmsd_angle.angle_value 
_pdbx_validate_rmsd_angle.angle_target_value 
_pdbx_validate_rmsd_angle.angle_deviation 
_pdbx_validate_rmsd_angle.angle_standard_deviation 
_pdbx_validate_rmsd_angle.linker_flag 
1 1 "O3'" A C 6  ? ? P     A C 7  ? ? OP2   A C 7  ? ? 117.38 110.50 6.88  1.10 Y 
2 1 N9    A G 8  ? ? "C1'" A G 8  ? ? "C2'" A G 8  ? ? 123.88 114.00 9.88  1.30 N 
3 1 N9    A G 15 ? ? "C1'" A G 15 ? ? "C2'" A G 15 ? ? 104.31 112.00 -7.69 1.10 N 
4 1 N9    A G 24 ? ? "C1'" A G 24 ? ? "C2'" A G 24 ? ? 122.34 114.00 8.34  1.30 N 
5 1 N9    A G 29 ? ? "C1'" A G 29 ? ? "C2'" A G 29 ? ? 124.62 114.00 10.62 1.30 N 
# 
loop_
_pdbx_validate_planes.id 
_pdbx_validate_planes.PDB_model_num 
_pdbx_validate_planes.auth_comp_id 
_pdbx_validate_planes.auth_asym_id 
_pdbx_validate_planes.auth_seq_id 
_pdbx_validate_planes.PDB_ins_code 
_pdbx_validate_planes.label_alt_id 
_pdbx_validate_planes.rmsd 
_pdbx_validate_planes.type 
1 1 G A 23 ? ? 0.052 'SIDE CHAIN' 
2 1 G A 24 ? ? 0.063 'SIDE CHAIN' 
# 
loop_
_pdbx_struct_mod_residue.id 
_pdbx_struct_mod_residue.label_asym_id 
_pdbx_struct_mod_residue.label_comp_id 
_pdbx_struct_mod_residue.label_seq_id 
_pdbx_struct_mod_residue.auth_asym_id 
_pdbx_struct_mod_residue.auth_comp_id 
_pdbx_struct_mod_residue.auth_seq_id 
_pdbx_struct_mod_residue.PDB_ins_code 
_pdbx_struct_mod_residue.parent_comp_id 
_pdbx_struct_mod_residue.details 
1 A 5BU 4  A 5BU 4  ? U "5-BROMO-URIDINE-5'-MONOPHOSPHATE" 
2 A 5BU 11 A 5BU 11 ? U "5-BROMO-URIDINE-5'-MONOPHOSPHATE" 
3 A 5BU 25 A 5BU 25 ? U "5-BROMO-URIDINE-5'-MONOPHOSPHATE" 
4 A 5BU 32 A 5BU 32 ? U "5-BROMO-URIDINE-5'-MONOPHOSPHATE" 
5 A 5BU 36 A 5BU 36 ? U "5-BROMO-URIDINE-5'-MONOPHOSPHATE" 
# 
_struct_site_keywords.site_id   1 
_struct_site_keywords.text      INTERCALATION 
# 
loop_
_chem_comp_atom.comp_id 
_chem_comp_atom.atom_id 
_chem_comp_atom.type_symbol 
_chem_comp_atom.pdbx_aromatic_flag 
_chem_comp_atom.pdbx_stereo_config 
_chem_comp_atom.pdbx_ordinal 
5BU P      P  N N 1   
5BU OP1    O  N N 2   
5BU OP2    O  N N 3   
5BU OP3    O  N N 4   
5BU "O5'"  O  N N 5   
5BU "C5'"  C  N N 6   
5BU "C4'"  C  N R 7   
5BU "O4'"  O  N N 8   
5BU "C3'"  C  N S 9   
5BU "O3'"  O  N N 10  
5BU "C2'"  C  N R 11  
5BU "O2'"  O  N N 12  
5BU "C1'"  C  N R 13  
5BU N1     N  N N 14  
5BU C2     C  N N 15  
5BU O2     O  N N 16  
5BU N3     N  N N 17  
5BU C4     C  N N 18  
5BU O4     O  N N 19  
5BU C5     C  N N 20  
5BU C6     C  N N 21  
5BU BR     BR N N 22  
5BU HOP2   H  N N 23  
5BU HOP3   H  N N 24  
5BU "H5'"  H  N N 25  
5BU "H5''" H  N N 26  
5BU "H4'"  H  N N 27  
5BU "H3'"  H  N N 28  
5BU "HO3'" H  N N 29  
5BU "H2'"  H  N N 30  
5BU "HO2'" H  N N 31  
5BU "H1'"  H  N N 32  
5BU H3     H  N N 33  
5BU H6     H  N N 34  
A   OP3    O  N N 35  
A   P      P  N N 36  
A   OP1    O  N N 37  
A   OP2    O  N N 38  
A   "O5'"  O  N N 39  
A   "C5'"  C  N N 40  
A   "C4'"  C  N R 41  
A   "O4'"  O  N N 42  
A   "C3'"  C  N S 43  
A   "O3'"  O  N N 44  
A   "C2'"  C  N R 45  
A   "O2'"  O  N N 46  
A   "C1'"  C  N R 47  
A   N9     N  Y N 48  
A   C8     C  Y N 49  
A   N7     N  Y N 50  
A   C5     C  Y N 51  
A   C6     C  Y N 52  
A   N6     N  N N 53  
A   N1     N  Y N 54  
A   C2     C  Y N 55  
A   N3     N  Y N 56  
A   C4     C  Y N 57  
A   HOP3   H  N N 58  
A   HOP2   H  N N 59  
A   "H5'"  H  N N 60  
A   "H5''" H  N N 61  
A   "H4'"  H  N N 62  
A   "H3'"  H  N N 63  
A   "HO3'" H  N N 64  
A   "H2'"  H  N N 65  
A   "HO2'" H  N N 66  
A   "H1'"  H  N N 67  
A   H8     H  N N 68  
A   H61    H  N N 69  
A   H62    H  N N 70  
A   H2     H  N N 71  
C   OP3    O  N N 72  
C   P      P  N N 73  
C   OP1    O  N N 74  
C   OP2    O  N N 75  
C   "O5'"  O  N N 76  
C   "C5'"  C  N N 77  
C   "C4'"  C  N R 78  
C   "O4'"  O  N N 79  
C   "C3'"  C  N S 80  
C   "O3'"  O  N N 81  
C   "C2'"  C  N R 82  
C   "O2'"  O  N N 83  
C   "C1'"  C  N R 84  
C   N1     N  N N 85  
C   C2     C  N N 86  
C   O2     O  N N 87  
C   N3     N  N N 88  
C   C4     C  N N 89  
C   N4     N  N N 90  
C   C5     C  N N 91  
C   C6     C  N N 92  
C   HOP3   H  N N 93  
C   HOP2   H  N N 94  
C   "H5'"  H  N N 95  
C   "H5''" H  N N 96  
C   "H4'"  H  N N 97  
C   "H3'"  H  N N 98  
C   "HO3'" H  N N 99  
C   "H2'"  H  N N 100 
C   "HO2'" H  N N 101 
C   "H1'"  H  N N 102 
C   H41    H  N N 103 
C   H42    H  N N 104 
C   H5     H  N N 105 
C   H6     H  N N 106 
G   OP3    O  N N 107 
G   P      P  N N 108 
G   OP1    O  N N 109 
G   OP2    O  N N 110 
G   "O5'"  O  N N 111 
G   "C5'"  C  N N 112 
G   "C4'"  C  N R 113 
G   "O4'"  O  N N 114 
G   "C3'"  C  N S 115 
G   "O3'"  O  N N 116 
G   "C2'"  C  N R 117 
G   "O2'"  O  N N 118 
G   "C1'"  C  N R 119 
G   N9     N  Y N 120 
G   C8     C  Y N 121 
G   N7     N  Y N 122 
G   C5     C  Y N 123 
G   C6     C  N N 124 
G   O6     O  N N 125 
G   N1     N  N N 126 
G   C2     C  N N 127 
G   N2     N  N N 128 
G   N3     N  N N 129 
G   C4     C  Y N 130 
G   HOP3   H  N N 131 
G   HOP2   H  N N 132 
G   "H5'"  H  N N 133 
G   "H5''" H  N N 134 
G   "H4'"  H  N N 135 
G   "H3'"  H  N N 136 
G   "HO3'" H  N N 137 
G   "H2'"  H  N N 138 
G   "HO2'" H  N N 139 
G   "H1'"  H  N N 140 
G   H8     H  N N 141 
G   H1     H  N N 142 
G   H21    H  N N 143 
G   H22    H  N N 144 
HOH O      O  N N 145 
HOH H1     H  N N 146 
HOH H2     H  N N 147 
ROS C1     C  Y N 148 
ROS C2     C  Y N 149 
ROS C3     C  Y N 150 
ROS O2     O  Y N 151 
ROS C4     C  Y N 152 
ROS C5     C  Y N 153 
ROS C6     C  Y N 154 
ROS C7     C  Y N 155 
ROS C8     C  Y N 156 
ROS C9     C  Y N 157 
ROS C10    C  Y N 158 
ROS C11    C  Y N 159 
ROS C12    C  Y N 160 
ROS C13    C  Y N 161 
ROS C14    C  Y N 162 
ROS C15    C  Y N 163 
ROS C16    C  Y N 164 
ROS C17    C  Y N 165 
ROS C18    C  Y N 166 
ROS C19    C  Y N 167 
ROS N1     N  N N 168 
ROS C20    C  N N 169 
ROS C21    C  N N 170 
ROS N2     N  N N 171 
ROS C22    C  N N 172 
ROS C23    C  N N 173 
ROS H2     H  N N 174 
ROS H5     H  N N 175 
ROS H7     H  N N 176 
ROS H8     H  N N 177 
ROS H12    H  N N 178 
ROS H13    H  N N 179 
ROS H15    H  N N 180 
ROS H16    H  N N 181 
ROS H17    H  N N 182 
ROS H18    H  N N 183 
ROS H19    H  N N 184 
ROS H201   H  N N 185 
ROS H202   H  N N 186 
ROS H203   H  N N 187 
ROS H211   H  N N 188 
ROS H212   H  N N 189 
ROS H213   H  N N 190 
ROS H221   H  N N 191 
ROS H222   H  N N 192 
ROS H223   H  N N 193 
ROS H231   H  N N 194 
ROS H232   H  N N 195 
ROS H233   H  N N 196 
SR  SR     SR N N 197 
# 
loop_
_chem_comp_bond.comp_id 
_chem_comp_bond.atom_id_1 
_chem_comp_bond.atom_id_2 
_chem_comp_bond.value_order 
_chem_comp_bond.pdbx_aromatic_flag 
_chem_comp_bond.pdbx_stereo_config 
_chem_comp_bond.pdbx_ordinal 
5BU P     OP1    doub N N 1   
5BU P     OP2    sing N N 2   
5BU P     OP3    sing N N 3   
5BU P     "O5'"  sing N N 4   
5BU OP2   HOP2   sing N N 5   
5BU OP3   HOP3   sing N N 6   
5BU "O5'" "C5'"  sing N N 7   
5BU "C5'" "C4'"  sing N N 8   
5BU "C5'" "H5'"  sing N N 9   
5BU "C5'" "H5''" sing N N 10  
5BU "C4'" "O4'"  sing N N 11  
5BU "C4'" "C3'"  sing N N 12  
5BU "C4'" "H4'"  sing N N 13  
5BU "O4'" "C1'"  sing N N 14  
5BU "C3'" "O3'"  sing N N 15  
5BU "C3'" "C2'"  sing N N 16  
5BU "C3'" "H3'"  sing N N 17  
5BU "O3'" "HO3'" sing N N 18  
5BU "C2'" "O2'"  sing N N 19  
5BU "C2'" "C1'"  sing N N 20  
5BU "C2'" "H2'"  sing N N 21  
5BU "O2'" "HO2'" sing N N 22  
5BU "C1'" N1     sing N N 23  
5BU "C1'" "H1'"  sing N N 24  
5BU N1    C2     sing N N 25  
5BU N1    C6     sing N N 26  
5BU C2    O2     doub N N 27  
5BU C2    N3     sing N N 28  
5BU N3    C4     sing N N 29  
5BU N3    H3     sing N N 30  
5BU C4    O4     doub N N 31  
5BU C4    C5     sing N N 32  
5BU C5    C6     doub N N 33  
5BU C5    BR     sing N N 34  
5BU C6    H6     sing N N 35  
A   OP3   P      sing N N 36  
A   OP3   HOP3   sing N N 37  
A   P     OP1    doub N N 38  
A   P     OP2    sing N N 39  
A   P     "O5'"  sing N N 40  
A   OP2   HOP2   sing N N 41  
A   "O5'" "C5'"  sing N N 42  
A   "C5'" "C4'"  sing N N 43  
A   "C5'" "H5'"  sing N N 44  
A   "C5'" "H5''" sing N N 45  
A   "C4'" "O4'"  sing N N 46  
A   "C4'" "C3'"  sing N N 47  
A   "C4'" "H4'"  sing N N 48  
A   "O4'" "C1'"  sing N N 49  
A   "C3'" "O3'"  sing N N 50  
A   "C3'" "C2'"  sing N N 51  
A   "C3'" "H3'"  sing N N 52  
A   "O3'" "HO3'" sing N N 53  
A   "C2'" "O2'"  sing N N 54  
A   "C2'" "C1'"  sing N N 55  
A   "C2'" "H2'"  sing N N 56  
A   "O2'" "HO2'" sing N N 57  
A   "C1'" N9     sing N N 58  
A   "C1'" "H1'"  sing N N 59  
A   N9    C8     sing Y N 60  
A   N9    C4     sing Y N 61  
A   C8    N7     doub Y N 62  
A   C8    H8     sing N N 63  
A   N7    C5     sing Y N 64  
A   C5    C6     sing Y N 65  
A   C5    C4     doub Y N 66  
A   C6    N6     sing N N 67  
A   C6    N1     doub Y N 68  
A   N6    H61    sing N N 69  
A   N6    H62    sing N N 70  
A   N1    C2     sing Y N 71  
A   C2    N3     doub Y N 72  
A   C2    H2     sing N N 73  
A   N3    C4     sing Y N 74  
C   OP3   P      sing N N 75  
C   OP3   HOP3   sing N N 76  
C   P     OP1    doub N N 77  
C   P     OP2    sing N N 78  
C   P     "O5'"  sing N N 79  
C   OP2   HOP2   sing N N 80  
C   "O5'" "C5'"  sing N N 81  
C   "C5'" "C4'"  sing N N 82  
C   "C5'" "H5'"  sing N N 83  
C   "C5'" "H5''" sing N N 84  
C   "C4'" "O4'"  sing N N 85  
C   "C4'" "C3'"  sing N N 86  
C   "C4'" "H4'"  sing N N 87  
C   "O4'" "C1'"  sing N N 88  
C   "C3'" "O3'"  sing N N 89  
C   "C3'" "C2'"  sing N N 90  
C   "C3'" "H3'"  sing N N 91  
C   "O3'" "HO3'" sing N N 92  
C   "C2'" "O2'"  sing N N 93  
C   "C2'" "C1'"  sing N N 94  
C   "C2'" "H2'"  sing N N 95  
C   "O2'" "HO2'" sing N N 96  
C   "C1'" N1     sing N N 97  
C   "C1'" "H1'"  sing N N 98  
C   N1    C2     sing N N 99  
C   N1    C6     sing N N 100 
C   C2    O2     doub N N 101 
C   C2    N3     sing N N 102 
C   N3    C4     doub N N 103 
C   C4    N4     sing N N 104 
C   C4    C5     sing N N 105 
C   N4    H41    sing N N 106 
C   N4    H42    sing N N 107 
C   C5    C6     doub N N 108 
C   C5    H5     sing N N 109 
C   C6    H6     sing N N 110 
G   OP3   P      sing N N 111 
G   OP3   HOP3   sing N N 112 
G   P     OP1    doub N N 113 
G   P     OP2    sing N N 114 
G   P     "O5'"  sing N N 115 
G   OP2   HOP2   sing N N 116 
G   "O5'" "C5'"  sing N N 117 
G   "C5'" "C4'"  sing N N 118 
G   "C5'" "H5'"  sing N N 119 
G   "C5'" "H5''" sing N N 120 
G   "C4'" "O4'"  sing N N 121 
G   "C4'" "C3'"  sing N N 122 
G   "C4'" "H4'"  sing N N 123 
G   "O4'" "C1'"  sing N N 124 
G   "C3'" "O3'"  sing N N 125 
G   "C3'" "C2'"  sing N N 126 
G   "C3'" "H3'"  sing N N 127 
G   "O3'" "HO3'" sing N N 128 
G   "C2'" "O2'"  sing N N 129 
G   "C2'" "C1'"  sing N N 130 
G   "C2'" "H2'"  sing N N 131 
G   "O2'" "HO2'" sing N N 132 
G   "C1'" N9     sing N N 133 
G   "C1'" "H1'"  sing N N 134 
G   N9    C8     sing Y N 135 
G   N9    C4     sing Y N 136 
G   C8    N7     doub Y N 137 
G   C8    H8     sing N N 138 
G   N7    C5     sing Y N 139 
G   C5    C6     sing N N 140 
G   C5    C4     doub Y N 141 
G   C6    O6     doub N N 142 
G   C6    N1     sing N N 143 
G   N1    C2     sing N N 144 
G   N1    H1     sing N N 145 
G   C2    N2     sing N N 146 
G   C2    N3     doub N N 147 
G   N2    H21    sing N N 148 
G   N2    H22    sing N N 149 
G   N3    C4     sing N N 150 
HOH O     H1     sing N N 151 
HOH O     H2     sing N N 152 
ROS C1    C2     sing Y N 153 
ROS C1    C13    sing Y N 154 
ROS C1    N1     doub N N 155 
ROS C2    C3     doub Y N 156 
ROS C2    H2     sing N N 157 
ROS C3    O2     sing Y N 158 
ROS C3    C11    sing Y N 159 
ROS O2    C4     sing Y N 160 
ROS C4    C5     sing Y N 161 
ROS C4    C9     doub Y N 162 
ROS C5    C6     doub Y N 163 
ROS C5    H5     sing N N 164 
ROS C6    C7     sing Y N 165 
ROS C6    N2     sing N N 166 
ROS C7    C8     doub Y N 167 
ROS C7    H7     sing N N 168 
ROS C8    C9     sing Y N 169 
ROS C8    H8     sing N N 170 
ROS C9    C10    sing Y N 171 
ROS C10   C11    doub Y N 172 
ROS C10   C14    sing Y N 173 
ROS C11   C12    sing Y N 174 
ROS C12   C13    doub Y N 175 
ROS C12   H12    sing N N 176 
ROS C13   H13    sing N N 177 
ROS C14   C15    doub Y N 178 
ROS C14   C19    sing Y N 179 
ROS C15   C16    sing Y N 180 
ROS C15   H15    sing N N 181 
ROS C16   C17    doub Y N 182 
ROS C16   H16    sing N N 183 
ROS C17   C18    sing Y N 184 
ROS C17   H17    sing N N 185 
ROS C18   C19    doub Y N 186 
ROS C18   H18    sing N N 187 
ROS C19   H19    sing N N 188 
ROS N1    C20    sing N N 189 
ROS N1    C21    sing N N 190 
ROS C20   H201   sing N N 191 
ROS C20   H202   sing N N 192 
ROS C20   H203   sing N N 193 
ROS C21   H211   sing N N 194 
ROS C21   H212   sing N N 195 
ROS C21   H213   sing N N 196 
ROS N2    C22    sing N N 197 
ROS N2    C23    sing N N 198 
ROS C22   H221   sing N N 199 
ROS C22   H222   sing N N 200 
ROS C22   H223   sing N N 201 
ROS C23   H231   sing N N 202 
ROS C23   H232   sing N N 203 
ROS C23   H233   sing N N 204 
# 
loop_
_ndb_struct_conf_na.entry_id 
_ndb_struct_conf_na.feature 
1F1T 'double helix'         
1F1T 'a-form double helix'  
1F1T tetraloop              
1F1T 'bulge loop'           
1F1T 'mismatched base pair' 
1F1T 'internal loop'        
# 
loop_
_ndb_struct_na_base_pair.model_number 
_ndb_struct_na_base_pair.i_label_asym_id 
_ndb_struct_na_base_pair.i_label_comp_id 
_ndb_struct_na_base_pair.i_label_seq_id 
_ndb_struct_na_base_pair.i_symmetry 
_ndb_struct_na_base_pair.j_label_asym_id 
_ndb_struct_na_base_pair.j_label_comp_id 
_ndb_struct_na_base_pair.j_label_seq_id 
_ndb_struct_na_base_pair.j_symmetry 
_ndb_struct_na_base_pair.shear 
_ndb_struct_na_base_pair.stretch 
_ndb_struct_na_base_pair.stagger 
_ndb_struct_na_base_pair.buckle 
_ndb_struct_na_base_pair.propeller 
_ndb_struct_na_base_pair.opening 
_ndb_struct_na_base_pair.pair_number 
_ndb_struct_na_base_pair.pair_name 
_ndb_struct_na_base_pair.i_auth_asym_id 
_ndb_struct_na_base_pair.i_auth_seq_id 
_ndb_struct_na_base_pair.i_PDB_ins_code 
_ndb_struct_na_base_pair.j_auth_asym_id 
_ndb_struct_na_base_pair.j_auth_seq_id 
_ndb_struct_na_base_pair.j_PDB_ins_code 
_ndb_struct_na_base_pair.hbond_type_28 
_ndb_struct_na_base_pair.hbond_type_12 
1 A G   1  1_555 A C   38 1_555 -0.785 -0.534 0.159  -4.834 -1.906  -6.072  1  A_G1:C38_A    A 1  ? A 38 ? 19 1 
1 A G   2  1_555 A C   37 1_555 -0.659 -0.859 -0.304 -1.413 -19.985 3.072   2  A_G2:C37_A    A 2  ? A 37 ? 19 1 
1 A A   3  1_555 A 5BU 36 1_555 0.099  -0.263 0.277  7.079  -9.795  1.960   3  A_A3:5BU36_A  A 3  ? A 36 ? 20 1 
1 A 5BU 4  1_555 A A   35 1_555 -0.544 -0.386 -0.276 11.008 -2.274  -3.505  4  A_5BU4:A35_A  A 4  ? A 35 ? 20 1 
1 A C   5  1_555 A G   34 1_555 -0.262 -0.205 -0.396 12.129 -12.501 3.853   5  A_C5:G34_A    A 5  ? A 34 ? 19 1 
1 A C   6  1_555 A G   33 1_555 0.277  -0.017 0.048  -0.391 -8.314  3.199   6  A_C6:G33_A    A 6  ? A 33 ? 19 1 
1 A C   7  1_555 A G   29 1_555 0.691  0.011  0.351  2.167  -3.222  0.367   7  A_C7:G29_A    A 7  ? A 29 ? 19 1 
1 A G   8  1_555 A C   28 1_555 -1.097 -0.267 0.101  -2.733 2.302   -0.458  8  A_G8:C28_A    A 8  ? A 28 ? 19 1 
1 A C   10 1_555 A G   23 1_555 0.016  -0.317 -0.135 -4.922 1.609   -4.179  9  A_C10:G23_A   A 10 ? A 23 ? 19 1 
1 A 5BU 11 1_555 A A   22 1_555 0.392  -0.630 -0.096 4.327  -3.682  0.483   10 A_5BU11:A22_A A 11 ? A 22 ? 20 1 
1 A G   12 1_555 A C   21 1_555 -0.015 -0.369 -0.175 2.704  -13.856 4.466   11 A_G12:C21_A   A 12 ? A 21 ? 19 1 
1 A G   13 1_555 A C   20 1_555 -0.182 -0.238 -0.048 1.130  -11.956 10.074  12 A_G13:C20_A   A 13 ? A 20 ? 19 1 
1 A C   14 1_555 A G   19 1_555 0.477  0.007  -0.248 -2.205 -0.923  -0.746  13 A_C14:G19_A   A 14 ? A 19 ? 19 1 
1 A G   15 1_555 A A   18 1_555 7.439  -5.000 -0.028 9.026  5.568   -24.202 14 A_G15:A18_A   A 15 ? A 18 ? ?  ? 
# 
loop_
_ndb_struct_na_base_pair_step.model_number 
_ndb_struct_na_base_pair_step.i_label_asym_id_1 
_ndb_struct_na_base_pair_step.i_label_comp_id_1 
_ndb_struct_na_base_pair_step.i_label_seq_id_1 
_ndb_struct_na_base_pair_step.i_symmetry_1 
_ndb_struct_na_base_pair_step.j_label_asym_id_1 
_ndb_struct_na_base_pair_step.j_label_comp_id_1 
_ndb_struct_na_base_pair_step.j_label_seq_id_1 
_ndb_struct_na_base_pair_step.j_symmetry_1 
_ndb_struct_na_base_pair_step.i_label_asym_id_2 
_ndb_struct_na_base_pair_step.i_label_comp_id_2 
_ndb_struct_na_base_pair_step.i_label_seq_id_2 
_ndb_struct_na_base_pair_step.i_symmetry_2 
_ndb_struct_na_base_pair_step.j_label_asym_id_2 
_ndb_struct_na_base_pair_step.j_label_comp_id_2 
_ndb_struct_na_base_pair_step.j_label_seq_id_2 
_ndb_struct_na_base_pair_step.j_symmetry_2 
_ndb_struct_na_base_pair_step.shift 
_ndb_struct_na_base_pair_step.slide 
_ndb_struct_na_base_pair_step.rise 
_ndb_struct_na_base_pair_step.tilt 
_ndb_struct_na_base_pair_step.roll 
_ndb_struct_na_base_pair_step.twist 
_ndb_struct_na_base_pair_step.x_displacement 
_ndb_struct_na_base_pair_step.y_displacement 
_ndb_struct_na_base_pair_step.helical_rise 
_ndb_struct_na_base_pair_step.inclination 
_ndb_struct_na_base_pair_step.tip 
_ndb_struct_na_base_pair_step.helical_twist 
_ndb_struct_na_base_pair_step.step_number 
_ndb_struct_na_base_pair_step.step_name 
_ndb_struct_na_base_pair_step.i_auth_asym_id_1 
_ndb_struct_na_base_pair_step.i_auth_seq_id_1 
_ndb_struct_na_base_pair_step.i_PDB_ins_code_1 
_ndb_struct_na_base_pair_step.j_auth_asym_id_1 
_ndb_struct_na_base_pair_step.j_auth_seq_id_1 
_ndb_struct_na_base_pair_step.j_PDB_ins_code_1 
_ndb_struct_na_base_pair_step.i_auth_asym_id_2 
_ndb_struct_na_base_pair_step.i_auth_seq_id_2 
_ndb_struct_na_base_pair_step.i_PDB_ins_code_2 
_ndb_struct_na_base_pair_step.j_auth_asym_id_2 
_ndb_struct_na_base_pair_step.j_auth_seq_id_2 
_ndb_struct_na_base_pair_step.j_PDB_ins_code_2 
1 A G   1  1_555 A C   38 1_555 A G   2  1_555 A C   37 1_555 -0.136 -0.891 3.232 5.028  -4.007 30.090 -0.892  1.244  3.256 -7.609 
-9.549 30.754 1  AA_G1G2:C37C38_AA     A 1  ? A 38 ? A 2  ? A 37 ? 
1 A G   2  1_555 A C   37 1_555 A A   3  1_555 A 5BU 36 1_555 0.640  -1.544 2.963 -3.744 6.957  29.989 -4.019  -1.806 2.455 13.159 
7.082  30.990 2  AA_G2A3:5BU36C37_AA   A 2  ? A 37 ? A 3  ? A 36 ? 
1 A A   3  1_555 A 5BU 36 1_555 A 5BU 4  1_555 A A   35 1_555 0.210  -1.772 3.269 4.815  2.052  32.222 -3.506  0.452  3.151 3.667  
-8.605 32.633 3  AA_A35BU4:A355BU36_AA A 3  ? A 36 ? A 4  ? A 35 ? 
1 A 5BU 4  1_555 A A   35 1_555 A C   5  1_555 A G   34 1_555 -0.040 -2.501 3.331 -0.826 7.910  24.161 -7.732  -0.122 2.403 18.274 
1.907  25.417 4  AA_5BU4C5:G34A35_AA   A 4  ? A 35 ? A 5  ? A 34 ? 
1 A C   5  1_555 A G   34 1_555 A C   6  1_555 A G   33 1_555 0.349  -2.126 3.585 -2.456 10.826 37.864 -4.444  -0.811 2.866 16.261 
3.689  39.400 5  AA_C5C6:G33G34_AA     A 5  ? A 34 ? A 6  ? A 33 ? 
1 A C   6  1_555 A G   33 1_555 A C   7  1_555 A G   29 1_555 2.310  -1.226 3.000 -1.657 5.130  52.579 -1.673  -2.692 2.808 5.774  
1.865  52.835 6  AA_C6C7:G29G33_AA     A 6  ? A 33 ? A 7  ? A 29 ? 
1 A C   7  1_555 A G   29 1_555 A G   8  1_555 A C   28 1_555 0.837  -2.197 7.008 1.248  12.221 4.086  -32.747 -1.364 0.224 71.299 
-7.281 12.944 7  AA_C7G8:C28G29_AA     A 7  ? A 29 ? A 8  ? A 28 ? 
1 A G   8  1_555 A C   28 1_555 A C   10 1_555 A G   23 1_555 1.513  1.565  3.319 2.810  1.619  90.910 1.065   -1.005 3.376 1.135  
-1.971 90.956 8  AA_G8C10:G23C28_AA    A 8  ? A 28 ? A 10 ? A 23 ? 
1 A C   10 1_555 A G   23 1_555 A 5BU 11 1_555 A A   22 1_555 -0.516 -1.588 3.089 -3.100 1.197  34.417 -2.846  0.418  3.067 2.017  
5.223  34.573 9  AA_C105BU11:A22G23_AA A 10 ? A 23 ? A 11 ? A 22 ? 
1 A 5BU 11 1_555 A A   22 1_555 A G   12 1_555 A C   21 1_555 -0.185 -1.652 3.259 1.885  9.014  29.000 -4.816  0.702  2.622 17.453 
-3.649 30.397 10 AA_5BU11G12:C21A22_AA A 11 ? A 22 ? A 12 ? A 21 ? 
1 A G   12 1_555 A C   21 1_555 A G   13 1_555 A C   20 1_555 0.665  -1.660 3.186 1.042  9.528  28.678 -4.925  -1.087 2.538 18.592 
-2.033 30.206 11 AA_G12G13:C20C21_AA   A 12 ? A 21 ? A 13 ? A 20 ? 
1 A G   13 1_555 A C   20 1_555 A C   14 1_555 A G   19 1_555 0.368  -1.797 3.366 3.353  5.522  36.650 -3.548  -0.132 3.092 8.698  
-5.282 37.196 12 AA_G13C14:G19C20_AA   A 13 ? A 20 ? A 14 ? A 19 ? 
1 A C   14 1_555 A G   19 1_555 A G   15 1_555 A A   18 1_555 -1.286 -2.130 2.959 1.581  5.913  49.635 -2.891  1.621  2.666 7.013  
-1.875 49.988 13 AA_C14G15:A18G19_AA   A 14 ? A 19 ? A 15 ? A 18 ? 
# 
_atom_sites.entry_id                    1F1T 
_atom_sites.fract_transf_matrix[1][1]   -0.01301577 
_atom_sites.fract_transf_matrix[1][2]   -0.01461787 
_atom_sites.fract_transf_matrix[1][3]   -0.00727688 
_atom_sites.fract_transf_matrix[2][1]   0.00742697 
_atom_sites.fract_transf_matrix[2][2]   -0.01862464 
_atom_sites.fract_transf_matrix[2][3]   -0.00583274 
_atom_sites.fract_transf_matrix[3][1]   -0.00092486 
_atom_sites.fract_transf_matrix[3][2]   -0.00239118 
_atom_sites.fract_transf_matrix[3][3]   0.00645768 
_atom_sites.fract_transf_vector[1]      1.197247 
_atom_sites.fract_transf_vector[2]      -1.619167 
_atom_sites.fract_transf_vector[3]      -0.563943 
# 
loop_
_atom_type.symbol 
BR 
C  
N  
O  
P  
SR 
# 
loop_
_atom_site.group_PDB 
_atom_site.id 
_atom_site.type_symbol 
_atom_site.label_atom_id 
_atom_site.label_alt_id 
_atom_site.label_comp_id 
_atom_site.label_asym_id 
_atom_site.label_entity_id 
_atom_site.label_seq_id 
_atom_site.pdbx_PDB_ins_code 
_atom_site.Cartn_x 
_atom_site.Cartn_y 
_atom_site.Cartn_z 
_atom_site.occupancy 
_atom_site.B_iso_or_equiv 
_atom_site.pdbx_formal_charge 
_atom_site.auth_seq_id 
_atom_site.auth_comp_id 
_atom_site.auth_asym_id 
_atom_site.auth_atom_id 
_atom_site.pdbx_PDB_model_num 
ATOM   1   O  "O5'" . G   A 1 1  ? -12.843 -1.268  -17.706 1.00 70.49  ? 1   G   A "O5'" 1 
ATOM   2   C  "C5'" . G   A 1 1  ? -13.164 0.113   -17.891 1.00 70.50  ? 1   G   A "C5'" 1 
ATOM   3   C  "C4'" . G   A 1 1  ? -14.457 0.479   -17.201 1.00 70.44  ? 1   G   A "C4'" 1 
ATOM   4   O  "O4'" . G   A 1 1  ? -15.430 -0.559  -17.464 1.00 70.31  ? 1   G   A "O4'" 1 
ATOM   5   C  "C3'" . G   A 1 1  ? -14.398 0.514   -15.686 1.00 70.50  ? 1   G   A "C3'" 1 
ATOM   6   O  "O3'" . G   A 1 1  ? -13.864 1.727   -15.181 1.00 70.72  ? 1   G   A "O3'" 1 
ATOM   7   C  "C2'" . G   A 1 1  ? -15.850 0.325   -15.307 1.00 70.35  ? 1   G   A "C2'" 1 
ATOM   8   O  "O2'" . G   A 1 1  ? -16.568 1.538   -15.471 1.00 70.19  ? 1   G   A "O2'" 1 
ATOM   9   C  "C1'" . G   A 1 1  ? -16.255 -0.747  -16.325 1.00 70.27  ? 1   G   A "C1'" 1 
ATOM   10  N  N9    . G   A 1 1  ? -16.065 -2.132  -15.895 1.00 70.09  ? 1   G   A N9    1 
ATOM   11  C  C8    . G   A 1 1  ? -15.183 -3.029  -16.443 1.00 69.96  ? 1   G   A C8    1 
ATOM   12  N  N7    . G   A 1 1  ? -15.265 -4.219  -15.915 1.00 69.88  ? 1   G   A N7    1 
ATOM   13  C  C5    . G   A 1 1  ? -16.250 -4.102  -14.944 1.00 69.92  ? 1   G   A C5    1 
ATOM   14  C  C6    . G   A 1 1  ? -16.790 -5.076  -14.049 1.00 69.83  ? 1   G   A C6    1 
ATOM   15  O  O6    . G   A 1 1  ? -16.500 -6.265  -13.937 1.00 69.70  ? 1   G   A O6    1 
ATOM   16  N  N1    . G   A 1 1  ? -17.773 -4.535  -13.238 1.00 69.83  ? 1   G   A N1    1 
ATOM   17  C  C2    . G   A 1 1  ? -18.190 -3.234  -13.271 1.00 69.89  ? 1   G   A C2    1 
ATOM   18  N  N2    . G   A 1 1  ? -19.148 -2.912  -12.388 1.00 69.93  ? 1   G   A N2    1 
ATOM   19  N  N3    . G   A 1 1  ? -17.704 -2.315  -14.098 1.00 69.99  ? 1   G   A N3    1 
ATOM   20  C  C4    . G   A 1 1  ? -16.745 -2.817  -14.904 1.00 69.99  ? 1   G   A C4    1 
ATOM   21  P  P     . G   A 1 2  ? -13.114 1.712   -13.755 1.00 70.81  ? 2   G   A P     1 
ATOM   22  O  OP1   . G   A 1 2  ? -12.589 3.107   -13.513 1.00 70.82  ? 2   G   A OP1   1 
ATOM   23  O  OP2   . G   A 1 2  ? -12.187 0.528   -13.658 1.00 70.79  ? 2   G   A OP2   1 
ATOM   24  O  "O5'" . G   A 1 2  ? -14.329 1.460   -12.771 1.00 70.35  ? 2   G   A "O5'" 1 
ATOM   25  C  "C5'" . G   A 1 2  ? -15.352 2.418   -12.711 1.00 69.76  ? 2   G   A "C5'" 1 
ATOM   26  C  "C4'" . G   A 1 2  ? -16.409 1.949   -11.785 1.00 69.29  ? 2   G   A "C4'" 1 
ATOM   27  O  "O4'" . G   A 1 2  ? -17.042 0.765   -12.366 1.00 69.27  ? 2   G   A "O4'" 1 
ATOM   28  C  "C3'" . G   A 1 2  ? -15.887 1.427   -10.464 1.00 68.86  ? 2   G   A "C3'" 1 
ATOM   29  O  "O3'" . G   A 1 2  ? -15.382 2.415   -9.563  1.00 68.02  ? 2   G   A "O3'" 1 
ATOM   30  C  "C2'" . G   A 1 2  ? -17.089 0.614   -10.019 1.00 69.02  ? 2   G   A "C2'" 1 
ATOM   31  O  "O2'" . G   A 1 2  ? -18.184 1.456   -9.677  1.00 68.94  ? 2   G   A "O2'" 1 
ATOM   32  C  "C1'" . G   A 1 2  ? -17.368 -0.146  -11.324 1.00 69.06  ? 2   G   A "C1'" 1 
ATOM   33  N  N9    . G   A 1 2  ? -16.478 -1.298  -11.452 1.00 69.04  ? 2   G   A N9    1 
ATOM   34  C  C8    . G   A 1 2  ? -15.261 -1.375  -12.102 1.00 69.04  ? 2   G   A C8    1 
ATOM   35  N  N7    . G   A 1 2  ? -14.713 -2.561  -12.024 1.00 69.00  ? 2   G   A N7    1 
ATOM   36  C  C5    . G   A 1 2  ? -15.624 -3.303  -11.274 1.00 69.00  ? 2   G   A C5    1 
ATOM   37  C  C6    . G   A 1 2  ? -15.602 -4.674  -10.851 1.00 68.95  ? 2   G   A C6    1 
ATOM   38  O  O6    . G   A 1 2  ? -14.748 -5.544  -11.052 1.00 68.90  ? 2   G   A O6    1 
ATOM   39  N  N1    . G   A 1 2  ? -16.736 -4.994  -10.125 1.00 68.93  ? 2   G   A N1    1 
ATOM   40  C  C2    . G   A 1 2  ? -17.765 -4.133  -9.846  1.00 68.95  ? 2   G   A C2    1 
ATOM   41  N  N2    . G   A 1 2  ? -18.783 -4.638  -9.142  1.00 68.97  ? 2   G   A N2    1 
ATOM   42  N  N3    . G   A 1 2  ? -17.800 -2.874  -10.225 1.00 68.91  ? 2   G   A N3    1 
ATOM   43  C  C4    . G   A 1 2  ? -16.712 -2.529  -10.921 1.00 68.96  ? 2   G   A C4    1 
ATOM   44  P  P     . A   A 1 3  ? -13.873 2.227   -8.967  1.00 67.49  ? 3   A   A P     1 
ATOM   45  O  OP1   . A   A 1 3  ? -13.250 3.572   -8.693  1.00 67.44  ? 3   A   A OP1   1 
ATOM   46  O  OP2   . A   A 1 3  ? -13.164 1.261   -9.861  1.00 67.50  ? 3   A   A OP2   1 
ATOM   47  O  "O5'" . A   A 1 3  ? -14.105 1.454   -7.592  1.00 66.20  ? 3   A   A "O5'" 1 
ATOM   48  C  "C5'" . A   A 1 3  ? -15.190 1.832   -6.769  1.00 64.27  ? 3   A   A "C5'" 1 
ATOM   49  C  "C4'" . A   A 1 3  ? -15.827 0.618   -6.162  1.00 62.79  ? 3   A   A "C4'" 1 
ATOM   50  O  "O4'" . A   A 1 3  ? -16.160 -0.321  -7.214  1.00 62.41  ? 3   A   A "O4'" 1 
ATOM   51  C  "C3'" . A   A 1 3  ? -14.918 -0.184  -5.259  1.00 61.84  ? 3   A   A "C3'" 1 
ATOM   52  O  "O3'" . A   A 1 3  ? -14.812 0.415   -3.981  1.00 60.50  ? 3   A   A "O3'" 1 
ATOM   53  C  "C2'" . A   A 1 3  ? -15.611 -1.535  -5.252  1.00 61.88  ? 3   A   A "C2'" 1 
ATOM   54  O  "O2'" . A   A 1 3  ? -16.749 -1.591  -4.417  1.00 61.68  ? 3   A   A "O2'" 1 
ATOM   55  C  "C1'" . A   A 1 3  ? -16.025 -1.644  -6.720  1.00 62.00  ? 3   A   A "C1'" 1 
ATOM   56  N  N9    . A   A 1 3  ? -14.996 -2.321  -7.501  1.00 61.73  ? 3   A   A N9    1 
ATOM   57  C  C8    . A   A 1 3  ? -14.099 -1.799  -8.397  1.00 61.68  ? 3   A   A C8    1 
ATOM   58  N  N7    . A   A 1 3  ? -13.289 -2.692  -8.905  1.00 61.52  ? 3   A   A N7    1 
ATOM   59  C  C5    . A   A 1 3  ? -13.686 -3.881  -8.303  1.00 61.39  ? 3   A   A C5    1 
ATOM   60  C  C6    . A   A 1 3  ? -13.217 -5.206  -8.406  1.00 61.31  ? 3   A   A C6    1 
ATOM   61  N  N6    . A   A 1 3  ? -12.196 -5.579  -9.193  1.00 61.08  ? 3   A   A N6    1 
ATOM   62  N  N1    . A   A 1 3  ? -13.839 -6.146  -7.655  1.00 61.22  ? 3   A   A N1    1 
ATOM   63  C  C2    . A   A 1 3  ? -14.851 -5.770  -6.869  1.00 61.22  ? 3   A   A C2    1 
ATOM   64  N  N3    . A   A 1 3  ? -15.376 -4.568  -6.690  1.00 61.26  ? 3   A   A N3    1 
ATOM   65  C  C4    . A   A 1 3  ? -14.739 -3.661  -7.442  1.00 61.46  ? 3   A   A C4    1 
HETATM 66  P  P     . 5BU A 1 4  ? -13.355 0.661   -3.367  1.00 59.62  ? 4   5BU A P     1 
HETATM 67  O  OP1   . 5BU A 1 4  ? -13.494 1.769   -2.402  1.00 59.71  ? 4   5BU A OP1   1 
HETATM 68  O  OP2   . 5BU A 1 4  ? -12.391 0.771   -4.493  1.00 59.57  ? 4   5BU A OP2   1 
HETATM 69  O  "O5'" . 5BU A 1 4  ? -13.074 -0.678  -2.567  1.00 58.71  ? 4   5BU A "O5'" 1 
HETATM 70  C  "C5'" . 5BU A 1 4  ? -14.036 -1.109  -1.631  1.00 57.28  ? 4   5BU A "C5'" 1 
HETATM 71  C  "C4'" . 5BU A 1 4  ? -13.911 -2.578  -1.368  1.00 56.20  ? 4   5BU A "C4'" 1 
HETATM 72  O  "O4'" . 5BU A 1 4  ? -14.275 -3.344  -2.537  1.00 56.43  ? 4   5BU A "O4'" 1 
HETATM 73  C  "C3'" . 5BU A 1 4  ? -12.540 -3.108  -1.011  1.00 55.27  ? 4   5BU A "C3'" 1 
HETATM 74  O  "O3'" . 5BU A 1 4  ? -12.231 -2.834  0.351   1.00 52.77  ? 4   5BU A "O3'" 1 
HETATM 75  C  "C2'" . 5BU A 1 4  ? -12.757 -4.599  -1.222  1.00 55.95  ? 4   5BU A "C2'" 1 
HETATM 76  O  "O2'" . 5BU A 1 4  ? -13.447 -5.148  -0.109  1.00 56.02  ? 4   5BU A "O2'" 1 
HETATM 77  C  "C1'" . 5BU A 1 4  ? -13.620 -4.601  -2.494  1.00 56.71  ? 4   5BU A "C1'" 1 
HETATM 78  N  N1    . 5BU A 1 4  ? -12.783 -4.695  -3.693  1.00 57.68  ? 4   5BU A N1    1 
HETATM 79  C  C2    . 5BU A 1 4  ? -12.368 -5.937  -4.107  1.00 57.96  ? 4   5BU A C2    1 
HETATM 80  O  O2    . 5BU A 1 4  ? -12.735 -6.969  -3.561  1.00 57.99  ? 4   5BU A O2    1 
HETATM 81  N  N3    . 5BU A 1 4  ? -11.506 -5.923  -5.178  1.00 58.15  ? 4   5BU A N3    1 
HETATM 82  C  C4    . 5BU A 1 4  ? -11.049 -4.807  -5.855  1.00 58.81  ? 4   5BU A C4    1 
HETATM 83  O  O4    . 5BU A 1 4  ? -10.223 -4.909  -6.763  1.00 58.42  ? 4   5BU A O4    1 
HETATM 84  C  C5    . 5BU A 1 4  ? -11.567 -3.595  -5.388  1.00 59.08  ? 4   5BU A C5    1 
HETATM 85  C  C6    . 5BU A 1 4  ? -12.395 -3.567  -4.357  1.00 58.67  ? 4   5BU A C6    1 
HETATM 86  BR BR    . 5BU A 1 4  ? -11.142 -2.018  -6.299  1.00 61.91  ? 4   5BU A BR    1 
ATOM   87  P  P     . C   A 1 5  ? -10.693 -2.878  0.840   1.00 51.05  ? 5   C   A P     1 
ATOM   88  O  OP1   . C   A 1 5  ? -10.743 -2.677  2.329   1.00 51.20  ? 5   C   A OP1   1 
ATOM   89  O  OP2   . C   A 1 5  ? -9.782  -2.017  0.010   1.00 50.78  ? 5   C   A OP2   1 
ATOM   90  O  "O5'" . C   A 1 5  ? -10.281 -4.401  0.614   1.00 48.84  ? 5   C   A "O5'" 1 
ATOM   91  C  "C5'" . C   A 1 5  ? -10.881 -5.408  1.404   1.00 45.26  ? 5   C   A "C5'" 1 
ATOM   92  C  "C4'" . C   A 1 5  ? -10.260 -6.739  1.111   1.00 42.72  ? 5   C   A "C4'" 1 
ATOM   93  O  "O4'" . C   A 1 5  ? -10.674 -7.200  -0.198  1.00 42.10  ? 5   C   A "O4'" 1 
ATOM   94  C  "C3'" . C   A 1 5  ? -8.738  -6.837  1.088   1.00 41.16  ? 5   C   A "C3'" 1 
ATOM   95  O  "O3'" . C   A 1 5  ? -8.300  -6.976  2.421   1.00 39.15  ? 5   C   A "O3'" 1 
ATOM   96  C  "C2'" . C   A 1 5  ? -8.575  -8.157  0.357   1.00 41.14  ? 5   C   A "C2'" 1 
ATOM   97  O  "O2'" . C   A 1 5  ? -8.909  -9.266  1.160   1.00 41.32  ? 5   C   A "O2'" 1 
ATOM   98  C  "C1'" . C   A 1 5  ? -9.673  -8.054  -0.706  1.00 41.19  ? 5   C   A "C1'" 1 
ATOM   99  N  N1    . C   A 1 5  ? -9.092  -7.451  -1.890  1.00 40.56  ? 5   C   A N1    1 
ATOM   100 C  C2    . C   A 1 5  ? -8.419  -8.280  -2.720  1.00 40.24  ? 5   C   A C2    1 
ATOM   101 O  O2    . C   A 1 5  ? -8.413  -9.472  -2.440  1.00 40.15  ? 5   C   A O2    1 
ATOM   102 N  N3    . C   A 1 5  ? -7.781  -7.787  -3.790  1.00 40.10  ? 5   C   A N3    1 
ATOM   103 C  C4    . C   A 1 5  ? -7.806  -6.482  -4.021  1.00 40.09  ? 5   C   A C4    1 
ATOM   104 N  N4    . C   A 1 5  ? -7.141  -6.033  -5.064  1.00 40.07  ? 5   C   A N4    1 
ATOM   105 C  C5    . C   A 1 5  ? -8.519  -5.582  -3.179  1.00 40.10  ? 5   C   A C5    1 
ATOM   106 C  C6    . C   A 1 5  ? -9.160  -6.110  -2.139  1.00 40.26  ? 5   C   A C6    1 
ATOM   107 P  P     . C   A 1 6  ? -6.895  -6.379  2.900   1.00 37.58  ? 6   C   A P     1 
ATOM   108 O  OP1   . C   A 1 6  ? -6.978  -6.496  4.365   1.00 37.65  ? 6   C   A OP1   1 
ATOM   109 O  OP2   . C   A 1 6  ? -6.610  -5.058  2.325   1.00 37.62  ? 6   C   A OP2   1 
ATOM   110 O  "O5'" . C   A 1 6  ? -5.861  -7.446  2.334   1.00 36.54  ? 6   C   A "O5'" 1 
ATOM   111 C  "C5'" . C   A 1 6  ? -6.094  -8.849  2.516   1.00 34.58  ? 6   C   A "C5'" 1 
ATOM   112 C  "C4'" . C   A 1 6  ? -5.035  -9.666  1.820   1.00 33.30  ? 6   C   A "C4'" 1 
ATOM   113 O  "O4'" . C   A 1 6  ? -5.386  -9.928  0.435   1.00 32.73  ? 6   C   A "O4'" 1 
ATOM   114 C  "C3'" . C   A 1 6  ? -3.665  -9.027  1.742   1.00 32.83  ? 6   C   A "C3'" 1 
ATOM   115 O  "O3'" . C   A 1 6  ? -2.986  -9.162  2.990   1.00 32.27  ? 6   C   A "O3'" 1 
ATOM   116 C  "C2'" . C   A 1 6  ? -3.045  -9.822  0.606   1.00 32.61  ? 6   C   A "C2'" 1 
ATOM   117 O  "O2'" . C   A 1 6  ? -2.670  -11.109 1.053   1.00 32.83  ? 6   C   A "O2'" 1 
ATOM   118 C  "C1'" . C   A 1 6  ? -4.226  -9.944  -0.355  1.00 32.32  ? 6   C   A "C1'" 1 
ATOM   119 N  N1    . C   A 1 6  ? -4.292  -8.810  -1.288  1.00 31.85  ? 6   C   A N1    1 
ATOM   120 C  C2    . C   A 1 6  ? -3.490  -8.826  -2.444  1.00 31.64  ? 6   C   A C2    1 
ATOM   121 O  O2    . C   A 1 6  ? -2.811  -9.821  -2.694  1.00 31.44  ? 6   C   A O2    1 
ATOM   122 N  N3    . C   A 1 6  ? -3.472  -7.748  -3.251  1.00 31.45  ? 6   C   A N3    1 
ATOM   123 C  C4    . C   A 1 6  ? -4.207  -6.683  -2.950  1.00 31.25  ? 6   C   A C4    1 
ATOM   124 N  N4    . C   A 1 6  ? -4.112  -5.621  -3.743  1.00 30.93  ? 6   C   A N4    1 
ATOM   125 C  C5    . C   A 1 6  ? -5.058  -6.655  -1.809  1.00 31.36  ? 6   C   A C5    1 
ATOM   126 C  C6    . C   A 1 6  ? -5.080  -7.735  -1.020  1.00 31.59  ? 6   C   A C6    1 
ATOM   127 P  P     . C   A 1 7  ? -1.570  -8.423  3.251   1.00 31.97  ? 7   C   A P     1 
ATOM   128 O  OP1   . C   A 1 7  ? -1.163  -9.313  4.353   1.00 32.19  ? 7   C   A OP1   1 
ATOM   129 O  OP2   . C   A 1 7  ? -1.598  -6.954  3.484   1.00 31.87  ? 7   C   A OP2   1 
ATOM   130 O  "O5'" . C   A 1 7  ? -0.714  -8.597  1.909   1.00 31.69  ? 7   C   A "O5'" 1 
ATOM   131 C  "C5'" . C   A 1 7  ? 0.290   -9.587  1.764   1.00 31.65  ? 7   C   A "C5'" 1 
ATOM   132 C  "C4'" . C   A 1 7  ? 1.043   -9.359  0.482   1.00 31.75  ? 7   C   A "C4'" 1 
ATOM   133 O  "O4'" . C   A 1 7  ? 0.086   -9.294  -0.608  1.00 31.64  ? 7   C   A "O4'" 1 
ATOM   134 C  "C3'" . C   A 1 7  ? 1.802   -8.047  0.373   1.00 31.91  ? 7   C   A "C3'" 1 
ATOM   135 O  "O3'" . C   A 1 7  ? 3.091   -8.216  0.976   1.00 32.49  ? 7   C   A "O3'" 1 
ATOM   136 C  "C2'" . C   A 1 7  ? 1.871   -7.861  -1.151  1.00 31.75  ? 7   C   A "C2'" 1 
ATOM   137 O  "O2'" . C   A 1 7  ? 2.799   -8.618  -1.920  1.00 31.70  ? 7   C   A "O2'" 1 
ATOM   138 C  "C1'" . C   A 1 7  ? 0.496   -8.345  -1.568  1.00 31.51  ? 7   C   A "C1'" 1 
ATOM   139 N  N1    . C   A 1 7  ? -0.437  -7.223  -1.555  1.00 31.34  ? 7   C   A N1    1 
ATOM   140 C  C2    . C   A 1 7  ? -0.351  -6.298  -2.561  1.00 31.12  ? 7   C   A C2    1 
ATOM   141 O  O2    . C   A 1 7  ? 0.467   -6.487  -3.441  1.00 30.95  ? 7   C   A O2    1 
ATOM   142 N  N3    . C   A 1 7  ? -1.162  -5.216  -2.548  1.00 31.22  ? 7   C   A N3    1 
ATOM   143 C  C4    . C   A 1 7  ? -2.051  -5.069  -1.562  1.00 31.22  ? 7   C   A C4    1 
ATOM   144 N  N4    . C   A 1 7  ? -2.847  -4.007  -1.578  1.00 31.25  ? 7   C   A N4    1 
ATOM   145 C  C5    . C   A 1 7  ? -2.169  -6.017  -0.519  1.00 31.20  ? 7   C   A C5    1 
ATOM   146 C  C6    . C   A 1 7  ? -1.353  -7.075  -0.555  1.00 31.36  ? 7   C   A C6    1 
ATOM   147 P  P     . G   A 1 8  ? 3.623   -7.195  2.110   1.00 32.73  ? 8   G   A P     1 
ATOM   148 O  OP1   . G   A 1 8  ? 4.954   -7.730  2.473   1.00 32.72  ? 8   G   A OP1   1 
ATOM   149 O  OP2   . G   A 1 8  ? 2.605   -6.981  3.173   1.00 32.48  ? 8   G   A OP2   1 
ATOM   150 O  "O5'" . G   A 1 8  ? 3.915   -5.866  1.308   1.00 32.82  ? 8   G   A "O5'" 1 
ATOM   151 C  "C5'" . G   A 1 8  ? 4.955   -5.836  0.345   1.00 33.39  ? 8   G   A "C5'" 1 
ATOM   152 C  "C4'" . G   A 1 8  ? 5.618   -4.493  0.395   1.00 33.77  ? 8   G   A "C4'" 1 
ATOM   153 O  "O4'" . G   A 1 8  ? 4.643   -3.482  0.180   1.00 33.65  ? 8   G   A "O4'" 1 
ATOM   154 C  "C3'" . G   A 1 8  ? 6.326   -4.192  1.706   1.00 34.00  ? 8   G   A "C3'" 1 
ATOM   155 O  "O3'" . G   A 1 8  ? 7.634   -3.853  1.223   1.00 34.98  ? 8   G   A "O3'" 1 
ATOM   156 C  "C2'" . G   A 1 8  ? 5.627   -2.962  2.268   1.00 33.74  ? 8   G   A "C2'" 1 
ATOM   157 O  "O2'" . G   A 1 8  ? 6.480   -1.998  2.847   1.00 34.01  ? 8   G   A "O2'" 1 
ATOM   158 C  "C1'" . G   A 1 8  ? 4.928   -2.423  1.023   1.00 33.37  ? 8   G   A "C1'" 1 
ATOM   159 N  N9    . G   A 1 8  ? 3.785   -1.532  1.060   1.00 32.73  ? 8   G   A N9    1 
ATOM   160 C  C8    . G   A 1 8  ? 2.668   -1.556  1.847   1.00 32.44  ? 8   G   A C8    1 
ATOM   161 N  N7    . G   A 1 8  ? 1.839   -0.587  1.578   1.00 32.32  ? 8   G   A N7    1 
ATOM   162 C  C5    . G   A 1 8  ? 2.462   0.111   0.554   1.00 32.11  ? 8   G   A C5    1 
ATOM   163 C  C6    . G   A 1 8  ? 2.057   1.256   -0.164  1.00 31.89  ? 8   G   A C6    1 
ATOM   164 O  O6    . G   A 1 8  ? 1.017   1.930   -0.039  1.00 31.73  ? 8   G   A O6    1 
ATOM   165 N  N1    . G   A 1 8  ? 3.003   1.610   -1.122  1.00 31.76  ? 8   G   A N1    1 
ATOM   166 C  C2    . G   A 1 8  ? 4.171   0.953   -1.368  1.00 31.68  ? 8   G   A C2    1 
ATOM   167 N  N2    . G   A 1 8  ? 4.942   1.450   -2.325  1.00 31.26  ? 8   G   A N2    1 
ATOM   168 N  N3    . G   A 1 8  ? 4.552   -0.120  -0.711  1.00 31.99  ? 8   G   A N3    1 
ATOM   169 C  C4    . G   A 1 8  ? 3.659   -0.474  0.231   1.00 32.30  ? 8   G   A C4    1 
ATOM   170 P  P     . A   A 1 9  ? 8.841   -3.554  2.230   1.00 35.95  ? 9   A   A P     1 
ATOM   171 O  OP1   . A   A 1 9  ? 8.787   -4.718  3.152   1.00 35.70  ? 9   A   A OP1   1 
ATOM   172 O  OP2   . A   A 1 9  ? 8.796   -2.174  2.791   1.00 35.90  ? 9   A   A OP2   1 
ATOM   173 O  "O5'" . A   A 1 9  ? 10.133  -3.588  1.284   1.00 36.27  ? 9   A   A "O5'" 1 
ATOM   174 C  "C5'" . A   A 1 9  ? 11.265  -2.743  1.540   1.00 37.08  ? 9   A   A "C5'" 1 
ATOM   175 C  "C4'" . A   A 1 9  ? 11.575  -1.937  0.313   1.00 37.69  ? 9   A   A "C4'" 1 
ATOM   176 O  "O4'" . A   A 1 9  ? 11.800  -2.872  -0.760  1.00 37.69  ? 9   A   A "O4'" 1 
ATOM   177 C  "C3'" . A   A 1 9  ? 10.362  -1.104  -0.072  1.00 38.18  ? 9   A   A "C3'" 1 
ATOM   178 O  "O3'" . A   A 1 9  ? 10.526  0.280   0.208   1.00 39.07  ? 9   A   A "O3'" 1 
ATOM   179 C  "C2'" . A   A 1 9  ? 10.263  -1.199  -1.591  1.00 38.14  ? 9   A   A "C2'" 1 
ATOM   180 O  "O2'" . A   A 1 9  ? 10.630  -0.031  -2.310  1.00 38.14  ? 9   A   A "O2'" 1 
ATOM   181 C  "C1'" . A   A 1 9  ? 11.080  -2.462  -1.910  1.00 37.79  ? 9   A   A "C1'" 1 
ATOM   182 N  N9    . A   A 1 9  ? 10.182  -3.532  -2.322  1.00 37.32  ? 9   A   A N9    1 
ATOM   183 C  C8    . A   A 1 9  ? 9.316   -4.257  -1.557  1.00 37.20  ? 9   A   A C8    1 
ATOM   184 N  N7    . A   A 1 9  ? 8.569   -5.077  -2.251  1.00 37.07  ? 9   A   A N7    1 
ATOM   185 C  C5    . A   A 1 9  ? 8.991   -4.888  -3.557  1.00 37.00  ? 9   A   A C5    1 
ATOM   186 C  C6    . A   A 1 9  ? 8.588   -5.450  -4.763  1.00 36.89  ? 9   A   A C6    1 
ATOM   187 N  N6    . A   A 1 9  ? 7.634   -6.372  -4.871  1.00 36.86  ? 9   A   A N6    1 
ATOM   188 N  N1    . A   A 1 9  ? 9.203   -5.037  -5.879  1.00 36.91  ? 9   A   A N1    1 
ATOM   189 C  C2    . A   A 1 9  ? 10.167  -4.124  -5.781  1.00 37.03  ? 9   A   A C2    1 
ATOM   190 N  N3    . A   A 1 9  ? 10.642  -3.525  -4.703  1.00 37.14  ? 9   A   A N3    1 
ATOM   191 C  C4    . A   A 1 9  ? 9.996   -3.955  -3.610  1.00 37.14  ? 9   A   A C4    1 
ATOM   192 P  P     . C   A 1 10 ? 12.000  0.922   0.429   1.00 39.72  ? 10  C   A P     1 
ATOM   193 O  OP1   . C   A 1 10 ? 13.019  0.295   -0.470  1.00 39.57  ? 10  C   A OP1   1 
ATOM   194 O  OP2   . C   A 1 10 ? 12.208  0.913   1.900   1.00 39.62  ? 10  C   A OP2   1 
ATOM   195 O  "O5'" . C   A 1 10 ? 11.773  2.422   -0.065  1.00 39.87  ? 10  C   A "O5'" 1 
ATOM   196 C  "C5'" . C   A 1 10 ? 11.548  2.679   -1.451  1.00 40.49  ? 10  C   A "C5'" 1 
ATOM   197 C  "C4'" . C   A 1 10 ? 10.196  3.296   -1.677  1.00 40.91  ? 10  C   A "C4'" 1 
ATOM   198 O  "O4'" . C   A 1 10 ? 9.134   2.330   -1.530  1.00 40.92  ? 10  C   A "O4'" 1 
ATOM   199 C  "C3'" . C   A 1 10 ? 9.808   4.393   -0.707  1.00 41.36  ? 10  C   A "C3'" 1 
ATOM   200 O  "O3'" . C   A 1 10 ? 10.390  5.614   -1.082  1.00 42.09  ? 10  C   A "O3'" 1 
ATOM   201 C  "C2'" . C   A 1 10 ? 8.300   4.475   -0.879  1.00 41.17  ? 10  C   A "C2'" 1 
ATOM   202 O  "O2'" . C   A 1 10 ? 7.888   5.249   -1.980  1.00 41.61  ? 10  C   A "O2'" 1 
ATOM   203 C  "C1'" . C   A 1 10 ? 7.945   3.027   -1.182  1.00 40.88  ? 10  C   A "C1'" 1 
ATOM   204 N  N1    . C   A 1 10 ? 7.313   2.404   -0.032  1.00 40.48  ? 10  C   A N1    1 
ATOM   205 C  C2    . C   A 1 10 ? 6.109   2.912   0.401   1.00 40.42  ? 10  C   A C2    1 
ATOM   206 O  O2    . C   A 1 10 ? 5.651   3.904   -0.161  1.00 40.43  ? 10  C   A O2    1 
ATOM   207 N  N3    . C   A 1 10 ? 5.471   2.312   1.416   1.00 40.38  ? 10  C   A N3    1 
ATOM   208 C  C4    . C   A 1 10 ? 6.005   1.242   1.983   1.00 40.22  ? 10  C   A C4    1 
ATOM   209 N  N4    . C   A 1 10 ? 5.338   0.651   2.939   1.00 40.28  ? 10  C   A N4    1 
ATOM   210 C  C5    . C   A 1 10 ? 7.246   0.727   1.582   1.00 40.26  ? 10  C   A C5    1 
ATOM   211 C  C6    . C   A 1 10 ? 7.868   1.335   0.583   1.00 40.34  ? 10  C   A C6    1 
HETATM 212 P  P     . 5BU A 1 11 ? 10.741  6.697   0.047   1.00 43.04  ? 11  5BU A P     1 
HETATM 213 O  OP1   . 5BU A 1 11 ? 11.700  7.639   -0.626  1.00 42.91  ? 11  5BU A OP1   1 
HETATM 214 O  OP2   . 5BU A 1 11 ? 11.135  6.024   1.340   1.00 42.81  ? 11  5BU A OP2   1 
HETATM 215 O  "O5'" . 5BU A 1 11 ? 9.339   7.428   0.326   1.00 43.39  ? 11  5BU A "O5'" 1 
HETATM 216 C  "C5'" . 5BU A 1 11 ? 8.708   8.229   -0.663  1.00 44.00  ? 11  5BU A "C5'" 1 
HETATM 217 C  "C4'" . 5BU A 1 11 ? 7.345   8.669   -0.189  1.00 44.54  ? 11  5BU A "C4'" 1 
HETATM 218 O  "O4'" . 5BU A 1 11 ? 6.453   7.539   -0.039  1.00 44.84  ? 11  5BU A "O4'" 1 
HETATM 219 C  "C3'" . 5BU A 1 11 ? 7.308   9.266   1.190   1.00 44.88  ? 11  5BU A "C3'" 1 
HETATM 220 O  "O3'" . 5BU A 1 11 ? 7.772   10.602  1.164   1.00 45.07  ? 11  5BU A "O3'" 1 
HETATM 221 C  "C2'" . 5BU A 1 11 ? 5.832   9.190   1.503   1.00 44.90  ? 11  5BU A "C2'" 1 
HETATM 222 O  "O2'" . 5BU A 1 11 ? 5.169   10.133  0.704   1.00 44.87  ? 11  5BU A "O2'" 1 
HETATM 223 C  "C1'" . 5BU A 1 11 ? 5.513   7.803   0.982   1.00 45.04  ? 11  5BU A "C1'" 1 
HETATM 224 N  N1    . 5BU A 1 11 ? 5.674   6.758   1.990   1.00 45.53  ? 11  5BU A N1    1 
HETATM 225 C  C2    . 5BU A 1 11 ? 4.664   6.547   2.898   1.00 45.63  ? 11  5BU A C2    1 
HETATM 226 O  O2    . 5BU A 1 11 ? 3.677   7.223   2.952   1.00 45.54  ? 11  5BU A O2    1 
HETATM 227 N  N3    . 5BU A 1 11 ? 4.860   5.504   3.746   1.00 45.75  ? 11  5BU A N3    1 
HETATM 228 C  C4    . 5BU A 1 11 ? 5.931   4.681   3.780   1.00 46.19  ? 11  5BU A C4    1 
HETATM 229 O  O4    . 5BU A 1 11 ? 5.955   3.748   4.554   1.00 45.97  ? 11  5BU A O4    1 
HETATM 230 C  C5    . 5BU A 1 11 ? 6.927   4.977   2.855   1.00 46.50  ? 11  5BU A C5    1 
HETATM 231 C  C6    . 5BU A 1 11 ? 6.785   5.988   2.007   1.00 46.22  ? 11  5BU A C6    1 
HETATM 232 BR BR    . 5BU A 1 11 ? 8.486   3.951   2.862   1.00 48.64  ? 11  5BU A BR    1 
ATOM   233 P  P     . G   A 1 12 ? 8.517   11.188  2.463   1.00 44.91  ? 12  G   A P     1 
ATOM   234 O  OP1   . G   A 1 12 ? 9.098   12.443  1.937   1.00 44.93  ? 12  G   A OP1   1 
ATOM   235 O  OP2   . G   A 1 12 ? 9.413   10.144  3.020   1.00 44.70  ? 12  G   A OP2   1 
ATOM   236 O  "O5'" . G   A 1 12 ? 7.308   11.475  3.474   1.00 44.82  ? 12  G   A "O5'" 1 
ATOM   237 C  "C5'" . G   A 1 12 ? 6.315   12.427  3.122   1.00 44.82  ? 12  G   A "C5'" 1 
ATOM   238 C  "C4'" . G   A 1 12 ? 5.159   12.392  4.073   1.00 44.87  ? 12  G   A "C4'" 1 
ATOM   239 O  "O4'" . G   A 1 12 ? 4.433   11.135  3.972   1.00 44.81  ? 12  G   A "O4'" 1 
ATOM   240 C  "C3'" . G   A 1 12 ? 5.485   12.497  5.542   1.00 45.04  ? 12  G   A "C3'" 1 
ATOM   241 O  "O3'" . G   A 1 12 ? 5.732   13.846  5.904   1.00 45.48  ? 12  G   A "O3'" 1 
ATOM   242 C  "C2'" . G   A 1 12 ? 4.176   12.004  6.145   1.00 44.90  ? 12  G   A "C2'" 1 
ATOM   243 O  "O2'" . G   A 1 12 ? 3.155   12.968  5.943   1.00 44.96  ? 12  G   A "O2'" 1 
ATOM   244 C  "C1'" . G   A 1 12 ? 3.881   10.805  5.246   1.00 44.62  ? 12  G   A "C1'" 1 
ATOM   245 N  N9    . G   A 1 12 ? 4.544   9.596   5.712   1.00 44.28  ? 12  G   A N9    1 
ATOM   246 C  C8    . G   A 1 12 ? 5.755   9.135   5.258   1.00 44.35  ? 12  G   A C8    1 
ATOM   247 N  N7    . G   A 1 12 ? 6.130   8.026   5.831   1.00 44.18  ? 12  G   A N7    1 
ATOM   248 C  C5    . G   A 1 12 ? 5.107   7.739   6.716   1.00 44.07  ? 12  G   A C5    1 
ATOM   249 C  C6    . G   A 1 12 ? 4.983   6.684   7.603   1.00 44.08  ? 12  G   A C6    1 
ATOM   250 O  O6    . G   A 1 12 ? 5.764   5.734   7.779   1.00 44.09  ? 12  G   A O6    1 
ATOM   251 N  N1    . G   A 1 12 ? 3.814   6.774   8.340   1.00 43.98  ? 12  G   A N1    1 
ATOM   252 C  C2    . G   A 1 12 ? 2.886   7.749   8.215   1.00 43.88  ? 12  G   A C2    1 
ATOM   253 N  N2    . G   A 1 12 ? 1.828   7.619   9.013   1.00 43.81  ? 12  G   A N2    1 
ATOM   254 N  N3    . G   A 1 12 ? 2.985   8.761   7.371   1.00 43.92  ? 12  G   A N3    1 
ATOM   255 C  C4    . G   A 1 12 ? 4.119   8.696   6.659   1.00 44.05  ? 12  G   A C4    1 
ATOM   256 P  P     . G   A 1 13 ? 6.747   14.172  7.121   1.00 45.84  ? 13  G   A P     1 
ATOM   257 O  OP1   . G   A 1 13 ? 6.792   15.654  7.281   1.00 45.95  ? 13  G   A OP1   1 
ATOM   258 O  OP2   . G   A 1 13 ? 8.012   13.418  6.843   1.00 45.82  ? 13  G   A OP2   1 
ATOM   259 O  "O5'" . G   A 1 13 ? 6.045   13.570  8.405   1.00 45.35  ? 13  G   A "O5'" 1 
ATOM   260 C  "C5'" . G   A 1 13 ? 4.831   14.133  8.829   1.00 45.25  ? 13  G   A "C5'" 1 
ATOM   261 C  "C4'" . G   A 1 13 ? 4.293   13.364  9.998   1.00 45.03  ? 13  G   A "C4'" 1 
ATOM   262 O  "O4'" . G   A 1 13 ? 3.952   12.016  9.580   1.00 44.74  ? 13  G   A "O4'" 1 
ATOM   263 C  "C3'" . G   A 1 13 ? 5.337   13.098  11.057  1.00 44.95  ? 13  G   A "C3'" 1 
ATOM   264 O  "O3'" . G   A 1 13 ? 5.584   14.178  11.910  1.00 44.74  ? 13  G   A "O3'" 1 
ATOM   265 C  "C2'" . G   A 1 13 ? 4.688   11.990  11.831  1.00 44.90  ? 13  G   A "C2'" 1 
ATOM   266 O  "O2'" . G   A 1 13 ? 3.709   12.541  12.700  1.00 45.19  ? 13  G   A "O2'" 1 
ATOM   267 C  "C1'" . G   A 1 13 ? 4.127   11.144  10.680  1.00 44.75  ? 13  G   A "C1'" 1 
ATOM   268 N  N9    . G   A 1 13 ? 5.099   10.128  10.309  1.00 44.46  ? 13  G   A N9    1 
ATOM   269 C  C8    . G   A 1 13 ? 6.071   10.216  9.352   1.00 44.49  ? 13  G   A C8    1 
ATOM   270 N  N7    . G   A 1 13 ? 6.821   9.145   9.288   1.00 44.40  ? 13  G   A N7    1 
ATOM   271 C  C5    . G   A 1 13 ? 6.299   8.305   10.258  1.00 44.32  ? 13  G   A C5    1 
ATOM   272 C  C6    . G   A 1 13 ? 6.705   7.011   10.665  1.00 44.39  ? 13  G   A C6    1 
ATOM   273 O  O6    . G   A 1 13 ? 7.642   6.320   10.226  1.00 44.50  ? 13  G   A O6    1 
ATOM   274 N  N1    . G   A 1 13 ? 5.905   6.523   11.695  1.00 44.21  ? 13  G   A N1    1 
ATOM   275 C  C2    . G   A 1 13 ? 4.855   7.190   12.248  1.00 44.11  ? 13  G   A C2    1 
ATOM   276 N  N2    . G   A 1 13 ? 4.215   6.556   13.209  1.00 43.96  ? 13  G   A N2    1 
ATOM   277 N  N3    . G   A 1 13 ? 4.464   8.394   11.880  1.00 44.19  ? 13  G   A N3    1 
ATOM   278 C  C4    . G   A 1 13 ? 5.231   8.891   10.888  1.00 44.33  ? 13  G   A C4    1 
ATOM   279 P  P     . C   A 1 14 ? 7.048   14.319  12.562  1.00 44.72  ? 14  C   A P     1 
ATOM   280 O  OP1   . C   A 1 14 ? 7.181   15.748  12.968  1.00 44.76  ? 14  C   A OP1   1 
ATOM   281 O  OP2   . C   A 1 14 ? 8.004   13.753  11.569  1.00 44.73  ? 14  C   A OP2   1 
ATOM   282 O  "O5'" . C   A 1 14 ? 7.016   13.345  13.832  1.00 44.12  ? 14  C   A "O5'" 1 
ATOM   283 C  "C5'" . C   A 1 14 ? 5.882   13.296  14.699  1.00 43.21  ? 14  C   A "C5'" 1 
ATOM   284 C  "C4'" . C   A 1 14 ? 5.973   12.096  15.614  1.00 42.62  ? 14  C   A "C4'" 1 
ATOM   285 O  "O4'" . C   A 1 14 ? 5.635   10.877  14.900  1.00 42.41  ? 14  C   A "O4'" 1 
ATOM   286 C  "C3'" . C   A 1 14 ? 7.330   11.784  16.194  1.00 42.44  ? 14  C   A "C3'" 1 
ATOM   287 O  "O3'" . C   A 1 14 ? 7.587   12.626  17.301  1.00 42.30  ? 14  C   A "O3'" 1 
ATOM   288 C  "C2'" . C   A 1 14 ? 7.114   10.341  16.628  1.00 42.38  ? 14  C   A "C2'" 1 
ATOM   289 O  "O2'" . C   A 1 14 ? 6.208   10.261  17.705  1.00 42.67  ? 14  C   A "O2'" 1 
ATOM   290 C  "C1'" . C   A 1 14 ? 6.361   9.782   15.434  1.00 42.11  ? 14  C   A "C1'" 1 
ATOM   291 N  N1    . C   A 1 14 ? 7.273   9.238   14.411  1.00 41.84  ? 14  C   A N1    1 
ATOM   292 C  C2    . C   A 1 14 ? 7.720   7.921   14.552  1.00 41.73  ? 14  C   A C2    1 
ATOM   293 O  O2    . C   A 1 14 ? 7.300   7.248   15.494  1.00 41.84  ? 14  C   A O2    1 
ATOM   294 N  N3    . C   A 1 14 ? 8.593   7.416   13.663  1.00 41.49  ? 14  C   A N3    1 
ATOM   295 C  C4    . C   A 1 14 ? 9.026   8.174   12.664  1.00 41.38  ? 14  C   A C4    1 
ATOM   296 N  N4    . C   A 1 14 ? 9.938   7.656   11.845  1.00 41.16  ? 14  C   A N4    1 
ATOM   297 C  C5    . C   A 1 14 ? 8.559   9.507   12.472  1.00 41.38  ? 14  C   A C5    1 
ATOM   298 C  C6    . C   A 1 14 ? 7.695   9.994   13.358  1.00 41.53  ? 14  C   A C6    1 
ATOM   299 P  P     . G   A 1 15 ? 9.111   12.894  17.794  1.00 42.32  ? 15  G   A P     1 
ATOM   300 O  OP1   . G   A 1 15 ? 8.908   13.507  19.132  1.00 42.33  ? 15  G   A OP1   1 
ATOM   301 O  OP2   . G   A 1 15 ? 9.960   13.607  16.768  1.00 42.27  ? 15  G   A OP2   1 
ATOM   302 O  "O5'" . G   A 1 15 ? 9.747   11.442  17.996  1.00 42.05  ? 15  G   A "O5'" 1 
ATOM   303 C  "C5'" . G   A 1 15 ? 11.023  11.118  17.421  1.00 41.55  ? 15  G   A "C5'" 1 
ATOM   304 C  "C4'" . G   A 1 15 ? 11.371  9.667   17.681  1.00 41.16  ? 15  G   A "C4'" 1 
ATOM   305 O  "O4'" . G   A 1 15 ? 10.618  8.780   16.788  1.00 40.98  ? 15  G   A "O4'" 1 
ATOM   306 C  "C3'" . G   A 1 15 ? 12.822  9.312   17.408  1.00 41.09  ? 15  G   A "C3'" 1 
ATOM   307 O  "O3'" . G   A 1 15 ? 13.613  9.701   18.537  1.00 41.11  ? 15  G   A "O3'" 1 
ATOM   308 C  "C2'" . G   A 1 15 ? 12.730  7.801   17.199  1.00 40.98  ? 15  G   A "C2'" 1 
ATOM   309 O  "O2'" . G   A 1 15 ? 12.682  7.041   18.393  1.00 41.29  ? 15  G   A "O2'" 1 
ATOM   310 C  "C1'" . G   A 1 15 ? 11.432  7.690   16.401  1.00 40.56  ? 15  G   A "C1'" 1 
ATOM   311 N  N9    . G   A 1 15 ? 11.830  7.932   15.039  1.00 39.86  ? 15  G   A N9    1 
ATOM   312 C  C8    . G   A 1 15 ? 11.652  9.084   14.332  1.00 39.62  ? 15  G   A C8    1 
ATOM   313 N  N7    . G   A 1 15 ? 12.201  9.044   13.150  1.00 39.54  ? 15  G   A N7    1 
ATOM   314 C  C5    . G   A 1 15 ? 12.747  7.777   13.071  1.00 39.45  ? 15  G   A C5    1 
ATOM   315 C  C6    . G   A 1 15 ? 13.466  7.149   12.030  1.00 39.27  ? 15  G   A C6    1 
ATOM   316 O  O6    . G   A 1 15 ? 13.732  7.591   10.913  1.00 39.23  ? 15  G   A O6    1 
ATOM   317 N  N1    . G   A 1 15 ? 13.876  5.862   12.389  1.00 38.99  ? 15  G   A N1    1 
ATOM   318 C  C2    . G   A 1 15 ? 13.604  5.261   13.581  1.00 38.84  ? 15  G   A C2    1 
ATOM   319 N  N2    . G   A 1 15 ? 14.097  4.057   13.730  1.00 38.71  ? 15  G   A N2    1 
ATOM   320 N  N3    . G   A 1 15 ? 12.904  5.818   14.549  1.00 39.07  ? 15  G   A N3    1 
ATOM   321 C  C4    . G   A 1 15 ? 12.517  7.073   14.232  1.00 39.55  ? 15  G   A C4    1 
ATOM   322 P  P     . A   A 1 16 ? 15.160  9.237   18.668  1.00 41.04  ? 16  A   A P     1 
ATOM   323 O  OP1   . A   A 1 16 ? 15.255  8.491   19.945  1.00 40.94  ? 16  A   A OP1   1 
ATOM   324 O  OP2   . A   A 1 16 ? 16.042  10.421  18.419  1.00 41.07  ? 16  A   A OP2   1 
ATOM   325 O  "O5'" . A   A 1 16 ? 15.392  8.185   17.498  1.00 40.77  ? 16  A   A "O5'" 1 
ATOM   326 C  "C5'" . A   A 1 16 ? 16.653  8.036   16.900  1.00 40.35  ? 16  A   A "C5'" 1 
ATOM   327 C  "C4'" . A   A 1 16 ? 16.492  8.169   15.422  1.00 40.09  ? 16  A   A "C4'" 1 
ATOM   328 O  "O4'" . A   A 1 16 ? 15.279  8.871   15.163  1.00 40.18  ? 16  A   A "O4'" 1 
ATOM   329 C  "C3'" . A   A 1 16 ? 17.631  8.922   14.776  1.00 39.90  ? 16  A   A "C3'" 1 
ATOM   330 O  "O3'" . A   A 1 16 ? 18.492  7.946   14.170  1.00 39.06  ? 16  A   A "O3'" 1 
ATOM   331 C  "C2'" . A   A 1 16 ? 16.978  9.982   13.878  1.00 40.16  ? 16  A   A "C2'" 1 
ATOM   332 O  "O2'" . A   A 1 16 ? 17.215  9.989   12.489  1.00 40.57  ? 16  A   A "O2'" 1 
ATOM   333 C  "C1'" . A   A 1 16 ? 15.490  9.782   14.134  1.00 40.51  ? 16  A   A "C1'" 1 
ATOM   334 N  N9    . A   A 1 16 ? 14.772  10.983  14.466  1.00 40.92  ? 16  A   A N9    1 
ATOM   335 C  C8    . A   A 1 16 ? 14.316  11.411  15.688  1.00 41.13  ? 16  A   A C8    1 
ATOM   336 N  N7    . A   A 1 16 ? 13.600  12.509  15.629  1.00 41.32  ? 16  A   A N7    1 
ATOM   337 C  C5    . A   A 1 16 ? 13.613  12.835  14.282  1.00 41.32  ? 16  A   A C5    1 
ATOM   338 C  C6    . A   A 1 16 ? 13.041  13.877  13.566  1.00 41.45  ? 16  A   A C6    1 
ATOM   339 N  N6    . A   A 1 16 ? 12.296  14.842  14.131  1.00 41.40  ? 16  A   A N6    1 
ATOM   340 N  N1    . A   A 1 16 ? 13.254  13.903  12.223  1.00 41.57  ? 16  A   A N1    1 
ATOM   341 C  C2    . A   A 1 16 ? 13.985  12.929  11.660  1.00 41.38  ? 16  A   A C2    1 
ATOM   342 N  N3    . A   A 1 16 ? 14.568  11.889  12.231  1.00 41.25  ? 16  A   A N3    1 
ATOM   343 C  C4    . A   A 1 16 ? 14.346  11.907  13.557  1.00 41.22  ? 16  A   A C4    1 
ATOM   344 P  P     . G   A 1 17 ? 17.873  6.911   13.104  1.00 38.31  ? 17  G   A P     1 
ATOM   345 O  OP1   . G   A 1 17 ? 18.733  6.805   11.897  1.00 38.15  ? 17  G   A OP1   1 
ATOM   346 O  OP2   . G   A 1 17 ? 16.425  7.225   12.978  1.00 38.07  ? 17  G   A OP2   1 
ATOM   347 O  "O5'" . G   A 1 17 ? 18.048  5.484   13.768  1.00 37.92  ? 17  G   A "O5'" 1 
ATOM   348 C  "C5'" . G   A 1 17 ? 19.071  4.636   13.280  1.00 36.93  ? 17  G   A "C5'" 1 
ATOM   349 C  "C4'" . G   A 1 17 ? 19.109  3.375   14.071  1.00 36.29  ? 17  G   A "C4'" 1 
ATOM   350 O  "O4'" . G   A 1 17 ? 19.057  3.700   15.483  1.00 36.14  ? 17  G   A "O4'" 1 
ATOM   351 C  "C3'" . G   A 1 17 ? 17.918  2.460   13.905  1.00 35.92  ? 17  G   A "C3'" 1 
ATOM   352 O  "O3'" . G   A 1 17 ? 18.062  1.717   12.713  1.00 35.47  ? 17  G   A "O3'" 1 
ATOM   353 C  "C2'" . G   A 1 17 ? 18.072  1.576   15.130  1.00 35.80  ? 17  G   A "C2'" 1 
ATOM   354 O  "O2'" . G   A 1 17 ? 19.146  0.677   14.946  1.00 35.61  ? 17  G   A "O2'" 1 
ATOM   355 C  "C1'" . G   A 1 17 ? 18.467  2.620   16.184  1.00 35.84  ? 17  G   A "C1'" 1 
ATOM   356 N  N9    . G   A 1 17 ? 17.337  3.112   16.968  1.00 35.57  ? 17  G   A N9    1 
ATOM   357 C  C8    . G   A 1 17 ? 16.599  4.255   16.808  1.00 35.51  ? 17  G   A C8    1 
ATOM   358 N  N7    . G   A 1 17 ? 15.634  4.364   17.682  1.00 35.36  ? 17  G   A N7    1 
ATOM   359 C  C5    . G   A 1 17 ? 15.756  3.229   18.450  1.00 35.48  ? 17  G   A C5    1 
ATOM   360 C  C6    . G   A 1 17 ? 14.995  2.776   19.540  1.00 35.65  ? 17  G   A C6    1 
ATOM   361 O  O6    . G   A 1 17 ? 14.017  3.326   20.088  1.00 35.90  ? 17  G   A O6    1 
ATOM   362 N  N1    . G   A 1 17 ? 15.464  1.549   20.011  1.00 35.56  ? 17  G   A N1    1 
ATOM   363 C  C2    . G   A 1 17 ? 16.536  0.868   19.502  1.00 35.53  ? 17  G   A C2    1 
ATOM   364 N  N2    . G   A 1 17 ? 16.852  -0.274  20.074  1.00 35.58  ? 17  G   A N2    1 
ATOM   365 N  N3    . G   A 1 17 ? 17.253  1.287   18.500  1.00 35.62  ? 17  G   A N3    1 
ATOM   366 C  C4    . G   A 1 17 ? 16.808  2.459   18.021  1.00 35.53  ? 17  G   A C4    1 
ATOM   367 P  P     . A   A 1 18 ? 16.765  1.346   11.848  1.00 35.16  ? 18  A   A P     1 
ATOM   368 O  OP1   . A   A 1 18 ? 17.306  0.771   10.565  1.00 34.99  ? 18  A   A OP1   1 
ATOM   369 O  OP2   . A   A 1 18 ? 15.821  2.533   11.826  1.00 34.91  ? 18  A   A OP2   1 
ATOM   370 O  "O5'" . A   A 1 18 ? 16.069  0.202   12.716  1.00 34.68  ? 18  A   A "O5'" 1 
ATOM   371 C  "C5'" . A   A 1 18 ? 16.670  -1.085  12.851  1.00 33.95  ? 18  A   A "C5'" 1 
ATOM   372 C  "C4'" . A   A 1 18 ? 15.990  -1.871  13.949  1.00 33.45  ? 18  A   A "C4'" 1 
ATOM   373 O  "O4'" . A   A 1 18 ? 16.259  -1.255  15.230  1.00 33.41  ? 18  A   A "O4'" 1 
ATOM   374 C  "C3'" . A   A 1 18 ? 14.475  -1.971  13.910  1.00 33.17  ? 18  A   A "C3'" 1 
ATOM   375 O  "O3'" . A   A 1 18 ? 14.176  -3.085  13.151  1.00 33.14  ? 18  A   A "O3'" 1 
ATOM   376 C  "C2'" . A   A 1 18 ? 14.158  -2.343  15.340  1.00 33.15  ? 18  A   A "C2'" 1 
ATOM   377 O  "O2'" . A   A 1 18 ? 14.414  -3.726  15.583  1.00 33.15  ? 18  A   A "O2'" 1 
ATOM   378 C  "C1'" . A   A 1 18 ? 15.152  -1.452  16.097  1.00 32.81  ? 18  A   A "C1'" 1 
ATOM   379 N  N9    . A   A 1 18 ? 14.562  -0.151  16.330  1.00 31.99  ? 18  A   A N9    1 
ATOM   380 C  C8    . A   A 1 18 ? 14.680  0.949   15.542  1.00 31.75  ? 18  A   A C8    1 
ATOM   381 N  N7    . A   A 1 18 ? 13.946  1.950   15.930  1.00 31.49  ? 18  A   A N7    1 
ATOM   382 C  C5    . A   A 1 18 ? 13.329  1.475   17.067  1.00 31.43  ? 18  A   A C5    1 
ATOM   383 C  C6    . A   A 1 18 ? 12.441  2.053   17.938  1.00 31.18  ? 18  A   A C6    1 
ATOM   384 N  N6    . A   A 1 18 ? 11.984  3.280   17.771  1.00 30.98  ? 18  A   A N6    1 
ATOM   385 N  N1    . A   A 1 18 ? 12.034  1.327   19.002  1.00 31.09  ? 18  A   A N1    1 
ATOM   386 C  C2    . A   A 1 18 ? 12.509  0.101   19.146  1.00 31.24  ? 18  A   A C2    1 
ATOM   387 N  N3    . A   A 1 18 ? 13.351  -0.560  18.377  1.00 31.45  ? 18  A   A N3    1 
ATOM   388 C  C4    . A   A 1 18 ? 13.726  0.195   17.340  1.00 31.57  ? 18  A   A C4    1 
ATOM   389 P  P     . G   A 1 19 ? 12.798  -3.179  12.388  1.00 33.15  ? 19  G   A P     1 
ATOM   390 O  OP1   . G   A 1 19 ? 13.004  -4.354  11.518  1.00 33.42  ? 19  G   A OP1   1 
ATOM   391 O  OP2   . G   A 1 19 ? 12.344  -1.923  11.808  1.00 33.40  ? 19  G   A OP2   1 
ATOM   392 O  "O5'" . G   A 1 19 ? 11.748  -3.517  13.505  1.00 33.15  ? 19  G   A "O5'" 1 
ATOM   393 C  "C5'" . G   A 1 19 ? 10.478  -2.925  13.470  1.00 33.05  ? 19  G   A "C5'" 1 
ATOM   394 C  "C4'" . G   A 1 19 ? 10.152  -2.378  14.829  1.00 33.20  ? 19  G   A "C4'" 1 
ATOM   395 O  "O4'" . G   A 1 19 ? 11.178  -1.417  15.232  1.00 32.98  ? 19  G   A "O4'" 1 
ATOM   396 C  "C3'" . G   A 1 19 ? 8.839   -1.631  14.873  1.00 33.26  ? 19  G   A "C3'" 1 
ATOM   397 O  "O3'" . G   A 1 19 ? 7.805   -2.527  15.230  1.00 33.72  ? 19  G   A "O3'" 1 
ATOM   398 C  "C2'" . G   A 1 19 ? 9.078   -0.662  16.000  1.00 33.05  ? 19  G   A "C2'" 1 
ATOM   399 O  "O2'" . G   A 1 19 ? 8.952   -1.457  17.152  1.00 33.12  ? 19  G   A "O2'" 1 
ATOM   400 C  "C1'" . G   A 1 19 ? 10.546  -0.275  15.765  1.00 32.79  ? 19  G   A "C1'" 1 
ATOM   401 N  N9    . G   A 1 19 ? 10.770  0.807   14.814  1.00 32.37  ? 19  G   A N9    1 
ATOM   402 C  C8    . G   A 1 19 ? 11.567  0.737   13.697  1.00 32.36  ? 19  G   A C8    1 
ATOM   403 N  N7    . G   A 1 19 ? 11.606  1.852   13.021  1.00 32.17  ? 19  G   A N7    1 
ATOM   404 C  C5    . G   A 1 19 ? 10.786  2.719   13.737  1.00 31.98  ? 19  G   A C5    1 
ATOM   405 C  C6    . G   A 1 19 ? 10.449  4.055   13.499  1.00 31.66  ? 19  G   A C6    1 
ATOM   406 O  O6    . G   A 1 19 ? 10.820  4.780   12.606  1.00 31.56  ? 19  G   A O6    1 
ATOM   407 N  N1    . G   A 1 19 ? 9.590   4.541   14.447  1.00 31.53  ? 19  G   A N1    1 
ATOM   408 C  C2    . G   A 1 19 ? 9.119   3.849   15.489  1.00 31.63  ? 19  G   A C2    1 
ATOM   409 N  N2    . G   A 1 19 ? 8.303   4.493   16.252  1.00 31.84  ? 19  G   A N2    1 
ATOM   410 N  N3    . G   A 1 19 ? 9.421   2.605   15.759  1.00 32.05  ? 19  G   A N3    1 
ATOM   411 C  C4    . G   A 1 19 ? 10.258  2.092   14.841  1.00 32.19  ? 19  G   A C4    1 
ATOM   412 P  P     . C   A 1 20 ? 6.392   -2.440  14.466  1.00 34.25  ? 20  C   A P     1 
ATOM   413 O  OP1   . C   A 1 20 ? 5.532   -3.624  14.790  1.00 34.14  ? 20  C   A OP1   1 
ATOM   414 O  OP2   . C   A 1 20 ? 6.736   -2.159  13.071  1.00 34.51  ? 20  C   A OP2   1 
ATOM   415 O  "O5'" . C   A 1 20 ? 5.740   -1.085  14.983  1.00 34.50  ? 20  C   A "O5'" 1 
ATOM   416 C  "C5'" . C   A 1 20 ? 5.530   -0.897  16.365  1.00 35.14  ? 20  C   A "C5'" 1 
ATOM   417 C  "C4'" . C   A 1 20 ? 4.738   0.345   16.582  1.00 35.61  ? 20  C   A "C4'" 1 
ATOM   418 O  "O4'" . C   A 1 20 ? 5.619   1.499   16.621  1.00 35.93  ? 20  C   A "O4'" 1 
ATOM   419 C  "C3'" . C   A 1 20 ? 3.817   0.661   15.433  1.00 35.87  ? 20  C   A "C3'" 1 
ATOM   420 O  "O3'" . C   A 1 20 ? 2.685   -0.154  15.504  1.00 35.99  ? 20  C   A "O3'" 1 
ATOM   421 C  "C2'" . C   A 1 20 ? 3.587   2.154   15.658  1.00 35.91  ? 20  C   A "C2'" 1 
ATOM   422 O  "O2'" . C   A 1 20 ? 2.852   2.450   16.825  1.00 35.86  ? 20  C   A "O2'" 1 
ATOM   423 C  "C1'" . C   A 1 20 ? 5.019   2.592   15.940  1.00 35.86  ? 20  C   A "C1'" 1 
ATOM   424 N  N1    . C   A 1 20 ? 5.763   2.783   14.706  1.00 35.80  ? 20  C   A N1    1 
ATOM   425 C  C2    . C   A 1 20 ? 5.667   3.979   14.059  1.00 35.98  ? 20  C   A C2    1 
ATOM   426 O  O2    . C   A 1 20 ? 4.953   4.852   14.541  1.00 35.99  ? 20  C   A O2    1 
ATOM   427 N  N3    . C   A 1 20 ? 6.365   4.178   12.919  1.00 36.08  ? 20  C   A N3    1 
ATOM   428 C  C4    . C   A 1 20 ? 7.148   3.221   12.460  1.00 35.93  ? 20  C   A C4    1 
ATOM   429 N  N4    . C   A 1 20 ? 7.862   3.476   11.376  1.00 36.09  ? 20  C   A N4    1 
ATOM   430 C  C5    . C   A 1 20 ? 7.247   1.966   13.104  1.00 35.92  ? 20  C   A C5    1 
ATOM   431 C  C6    . C   A 1 20 ? 6.544   1.789   14.212  1.00 35.75  ? 20  C   A C6    1 
ATOM   432 P  P     . C   A 1 21 ? 1.404   0.192   14.614  1.00 36.39  ? 21  C   A P     1 
ATOM   433 O  OP1   . C   A 1 21 ? 0.470   -0.935  14.961  1.00 36.26  ? 21  C   A OP1   1 
ATOM   434 O  OP2   . C   A 1 21 ? 1.752   0.462   13.189  1.00 36.27  ? 21  C   A OP2   1 
ATOM   435 O  "O5'" . C   A 1 21 ? 0.889   1.617   15.131  1.00 35.70  ? 21  C   A "O5'" 1 
ATOM   436 C  "C5'" . C   A 1 21 ? -0.391  2.057   14.773  1.00 35.11  ? 21  C   A "C5'" 1 
ATOM   437 C  "C4'" . C   A 1 21 ? -0.365  3.495   14.411  1.00 34.93  ? 21  C   A "C4'" 1 
ATOM   438 O  "O4'" . C   A 1 21 ? 0.985   3.921   14.218  1.00 34.77  ? 21  C   A "O4'" 1 
ATOM   439 C  "C3'" . C   A 1 21 ? -0.930  3.719   13.043  1.00 35.12  ? 21  C   A "C3'" 1 
ATOM   440 O  "O3'" . C   A 1 21 ? -2.316  3.597   13.037  1.00 35.68  ? 21  C   A "O3'" 1 
ATOM   441 C  "C2'" . C   A 1 21 ? -0.359  5.057   12.621  1.00 34.74  ? 21  C   A "C2'" 1 
ATOM   442 O  "O2'" . C   A 1 21 ? -1.035  6.186   13.108  1.00 34.89  ? 21  C   A "O2'" 1 
ATOM   443 C  "C1'" . C   A 1 21 ? 1.026   4.957   13.225  1.00 34.36  ? 21  C   A "C1'" 1 
ATOM   444 N  N1    . C   A 1 21 ? 2.020   4.577   12.228  1.00 33.77  ? 21  C   A N1    1 
ATOM   445 C  C2    . C   A 1 21 ? 2.347   5.463   11.252  1.00 33.32  ? 21  C   A C2    1 
ATOM   446 O  O2    . C   A 1 21 ? 1.733   6.492   11.190  1.00 33.24  ? 21  C   A O2    1 
ATOM   447 N  N3    . C   A 1 21 ? 3.331   5.176   10.398  1.00 33.11  ? 21  C   A N3    1 
ATOM   448 C  C4    . C   A 1 21 ? 3.971   4.018   10.497  1.00 33.00  ? 21  C   A C4    1 
ATOM   449 N  N4    . C   A 1 21 ? 4.953   3.775   9.669   1.00 32.79  ? 21  C   A N4    1 
ATOM   450 C  C5    . C   A 1 21 ? 3.627   3.058   11.463  1.00 33.30  ? 21  C   A C5    1 
ATOM   451 C  C6    . C   A 1 21 ? 2.642   3.368   12.302  1.00 33.62  ? 21  C   A C6    1 
ATOM   452 P  P     . A   A 1 22 ? -2.956  2.609   11.975  1.00 35.86  ? 22  A   A P     1 
ATOM   453 O  OP1   . A   A 1 22 ? -4.381  2.348   12.258  1.00 36.05  ? 22  A   A OP1   1 
ATOM   454 O  OP2   . A   A 1 22 ? -2.000  1.457   11.982  1.00 35.75  ? 22  A   A OP2   1 
ATOM   455 O  "O5'" . A   A 1 22 ? -2.900  3.576   10.713  1.00 36.12  ? 22  A   A "O5'" 1 
ATOM   456 C  "C5'" . A   A 1 22 ? -3.372  4.916   10.864  1.00 36.44  ? 22  A   A "C5'" 1 
ATOM   457 C  "C4'" . A   A 1 22 ? -2.928  5.794   9.712   1.00 36.87  ? 22  A   A "C4'" 1 
ATOM   458 O  "O4'" . A   A 1 22 ? -1.473  5.935   9.678   1.00 36.71  ? 22  A   A "O4'" 1 
ATOM   459 C  "C3'" . A   A 1 22 ? -3.213  5.234   8.347   1.00 37.20  ? 22  A   A "C3'" 1 
ATOM   460 O  "O3'" . A   A 1 22 ? -4.560  5.267   7.982   1.00 37.98  ? 22  A   A "O3'" 1 
ATOM   461 C  "C2'" . A   A 1 22 ? -2.304  6.054   7.451   1.00 37.01  ? 22  A   A "C2'" 1 
ATOM   462 O  "O2'" . A   A 1 22 ? -2.853  7.324   7.108   1.00 37.13  ? 22  A   A "O2'" 1 
ATOM   463 C  "C1'" . A   A 1 22 ? -1.060  6.175   8.341   1.00 36.57  ? 22  A   A "C1'" 1 
ATOM   464 N  N9    . A   A 1 22 ? 0.057   5.280   8.002   1.00 35.98  ? 22  A   A N9    1 
ATOM   465 C  C8    . A   A 1 22 ? 0.501   4.138   8.613   1.00 35.68  ? 22  A   A C8    1 
ATOM   466 N  N7    . A   A 1 22 ? 1.610   3.665   8.103   1.00 35.29  ? 22  A   A N7    1 
ATOM   467 C  C5    . A   A 1 22 ? 1.902   4.543   7.073   1.00 35.40  ? 22  A   A C5    1 
ATOM   468 C  C6    . A   A 1 22 ? 2.955   4.599   6.142   1.00 35.41  ? 22  A   A C6    1 
ATOM   469 N  N6    . A   A 1 22 ? 3.970   3.721   6.112   1.00 35.17  ? 22  A   A N6    1 
ATOM   470 N  N1    . A   A 1 22 ? 2.928   5.593   5.221   1.00 35.41  ? 22  A   A N1    1 
ATOM   471 C  C2    . A   A 1 22 ? 1.907   6.451   5.239   1.00 35.47  ? 22  A   A C2    1 
ATOM   472 N  N3    . A   A 1 22 ? 0.863   6.503   6.058   1.00 35.53  ? 22  A   A N3    1 
ATOM   473 C  C4    . A   A 1 22 ? 0.929   5.513   6.969   1.00 35.66  ? 22  A   A C4    1 
ATOM   474 P  P     . G   A 1 23 ? -5.133  3.996   7.200   1.00 38.81  ? 23  G   A P     1 
ATOM   475 O  OP1   . G   A 1 23 ? -6.626  4.064   7.152   1.00 38.62  ? 23  G   A OP1   1 
ATOM   476 O  OP2   . G   A 1 23 ? -4.458  2.799   7.829   1.00 38.56  ? 23  G   A OP2   1 
ATOM   477 O  "O5'" . G   A 1 23 ? -4.486  4.151   5.744   1.00 38.76  ? 23  G   A "O5'" 1 
ATOM   478 C  "C5'" . G   A 1 23 ? -4.562  5.379   5.039   1.00 39.07  ? 23  G   A "C5'" 1 
ATOM   479 C  "C4'" . G   A 1 23 ? -3.720  5.345   3.757   1.00 39.36  ? 23  G   A "C4'" 1 
ATOM   480 O  "O4'" . G   A 1 23 ? -2.338  5.677   3.996   1.00 39.05  ? 23  G   A "O4'" 1 
ATOM   481 C  "C3'" . G   A 1 23 ? -3.674  4.105   2.880   1.00 39.65  ? 23  G   A "C3'" 1 
ATOM   482 O  "O3'" . G   A 1 23 ? -4.842  4.046   2.075   1.00 40.66  ? 23  G   A "O3'" 1 
ATOM   483 C  "C2'" . G   A 1 23 ? -2.462  4.397   1.995   1.00 39.42  ? 23  G   A "C2'" 1 
ATOM   484 O  "O2'" . G   A 1 23 ? -2.731  5.102   0.794   1.00 39.68  ? 23  G   A "O2'" 1 
ATOM   485 C  "C1'" . G   A 1 23 ? -1.554  5.202   2.930   1.00 38.86  ? 23  G   A "C1'" 1 
ATOM   486 N  N9    . G   A 1 23 ? -0.564  4.294   3.472   1.00 38.33  ? 23  G   A N9    1 
ATOM   487 C  C8    . G   A 1 23 ? -0.739  3.400   4.492   1.00 37.96  ? 23  G   A C8    1 
ATOM   488 N  N7    . G   A 1 23 ? 0.282   2.614   4.647   1.00 37.77  ? 23  G   A N7    1 
ATOM   489 C  C5    . G   A 1 23 ? 1.199   3.047   3.693   1.00 37.67  ? 23  G   A C5    1 
ATOM   490 C  C6    . G   A 1 23 ? 2.482   2.566   3.369   1.00 37.40  ? 23  G   A C6    1 
ATOM   491 O  O6    . G   A 1 23 ? 3.083   1.647   3.844   1.00 37.28  ? 23  G   A O6    1 
ATOM   492 N  N1    . G   A 1 23 ? 3.056   3.281   2.358   1.00 37.44  ? 23  G   A N1    1 
ATOM   493 C  C2    . G   A 1 23 ? 2.476   4.322   1.721   1.00 37.63  ? 23  G   A C2    1 
ATOM   494 N  N2    . G   A 1 23 ? 3.214   4.883   0.768   1.00 37.71  ? 23  G   A N2    1 
ATOM   495 N  N3    . G   A 1 23 ? 1.274   4.784   1.994   1.00 37.73  ? 23  G   A N3    1 
ATOM   496 C  C4    . G   A 1 23 ? 0.700   4.101   2.990   1.00 37.89  ? 23  G   A C4    1 
ATOM   497 P  P     . G   A 1 24 ? -5.156  2.747   1.196   1.00 41.37  ? 24  G   A P     1 
ATOM   498 O  OP1   . G   A 1 24 ? -5.914  1.854   2.083   1.00 41.37  ? 24  G   A OP1   1 
ATOM   499 O  OP2   . G   A 1 24 ? -3.872  2.267   0.611   1.00 41.55  ? 24  G   A OP2   1 
ATOM   500 O  "O5'" . G   A 1 24 ? -6.080  3.304   0.012   1.00 42.21  ? 24  G   A "O5'" 1 
ATOM   501 C  "C5'" . G   A 1 24 ? -5.513  4.074   -1.051  1.00 43.98  ? 24  G   A "C5'" 1 
ATOM   502 C  "C4'" . G   A 1 24 ? -6.581  4.886   -1.759  1.00 45.48  ? 24  G   A "C4'" 1 
ATOM   503 O  "O4'" . G   A 1 24 ? -6.146  5.181   -3.090  1.00 45.68  ? 24  G   A "O4'" 1 
ATOM   504 C  "C3'" . G   A 1 24 ? -7.902  4.140   -1.830  1.00 46.45  ? 24  G   A "C3'" 1 
ATOM   505 O  "O3'" . G   A 1 24 ? -9.042  4.833   -1.210  1.00 47.87  ? 24  G   A "O3'" 1 
ATOM   506 C  "C2'" . G   A 1 24 ? -8.185  3.911   -3.324  1.00 46.37  ? 24  G   A "C2'" 1 
ATOM   507 O  "O2'" . G   A 1 24 ? -9.460  4.319   -3.753  1.00 46.40  ? 24  G   A "O2'" 1 
ATOM   508 C  "C1'" . G   A 1 24 ? -7.112  4.755   -4.001  1.00 46.22  ? 24  G   A "C1'" 1 
ATOM   509 N  N9    . G   A 1 24 ? -6.434  4.325   -5.208  1.00 46.46  ? 24  G   A N9    1 
ATOM   510 C  C8    . G   A 1 24 ? -6.398  5.049   -6.358  1.00 46.56  ? 24  G   A C8    1 
ATOM   511 N  N7    . G   A 1 24 ? -5.582  4.559   -7.244  1.00 46.83  ? 24  G   A N7    1 
ATOM   512 C  C5    . G   A 1 24 ? -5.081  3.404   -6.656  1.00 46.81  ? 24  G   A C5    1 
ATOM   513 C  C6    . G   A 1 24 ? -4.129  2.484   -7.127  1.00 46.87  ? 24  G   A C6    1 
ATOM   514 O  O6    . G   A 1 24 ? -3.516  2.492   -8.210  1.00 47.12  ? 24  G   A O6    1 
ATOM   515 N  N1    . G   A 1 24 ? -3.891  1.483   -6.208  1.00 46.71  ? 24  G   A N1    1 
ATOM   516 C  C2    . G   A 1 24 ? -4.476  1.374   -5.007  1.00 46.65  ? 24  G   A C2    1 
ATOM   517 N  N2    . G   A 1 24 ? -4.080  0.330   -4.272  1.00 46.77  ? 24  G   A N2    1 
ATOM   518 N  N3    . G   A 1 24 ? -5.374  2.218   -4.544  1.00 46.74  ? 24  G   A N3    1 
ATOM   519 C  C4    . G   A 1 24 ? -5.627  3.215   -5.418  1.00 46.71  ? 24  G   A C4    1 
HETATM 520 P  P     . 5BU A 1 25 ? -8.900  6.248   -0.361  1.00 49.00  ? 25  5BU A P     1 
HETATM 521 O  OP1   . 5BU A 1 25 ? -9.688  6.000   0.894   1.00 48.93  ? 25  5BU A OP1   1 
HETATM 522 O  OP2   . 5BU A 1 25 ? -9.185  7.447   -1.179  1.00 48.90  ? 25  5BU A OP2   1 
HETATM 523 O  "O5'" . 5BU A 1 25 ? -7.383  6.497   0.065   1.00 49.99  ? 25  5BU A "O5'" 1 
HETATM 524 C  "C5'" . 5BU A 1 25 ? -6.928  7.827   0.305   1.00 51.21  ? 25  5BU A "C5'" 1 
HETATM 525 C  "C4'" . 5BU A 1 25 ? -5.422  7.879   0.361   1.00 52.07  ? 25  5BU A "C4'" 1 
HETATM 526 O  "O4'" . 5BU A 1 25 ? -4.876  7.016   -0.653  1.00 52.73  ? 25  5BU A "O4'" 1 
HETATM 527 C  "C3'" . 5BU A 1 25 ? -4.875  9.252   0.015   1.00 52.46  ? 25  5BU A "C3'" 1 
HETATM 528 O  "O3'" . 5BU A 1 25 ? -4.782  10.045  1.171   1.00 52.53  ? 25  5BU A "O3'" 1 
HETATM 529 C  "C2'" . 5BU A 1 25 ? -3.515  8.926   -0.538  1.00 52.76  ? 25  5BU A "C2'" 1 
HETATM 530 O  "O2'" . 5BU A 1 25 ? -2.654  8.581   0.526   1.00 52.76  ? 25  5BU A "O2'" 1 
HETATM 531 C  "C1'" . 5BU A 1 25 ? -3.849  7.692   -1.369  1.00 53.36  ? 25  5BU A "C1'" 1 
HETATM 532 N  N1    . 5BU A 1 25 ? -4.381  8.005   -2.703  1.00 54.13  ? 25  5BU A N1    1 
HETATM 533 C  C2    . 5BU A 1 25 ? -3.516  8.380   -3.700  1.00 54.52  ? 25  5BU A C2    1 
HETATM 534 O  O2    . 5BU A 1 25 ? -2.317  8.427   -3.567  1.00 54.41  ? 25  5BU A O2    1 
HETATM 535 N  N3    . 5BU A 1 25 ? -4.117  8.694   -4.884  1.00 55.06  ? 25  5BU A N3    1 
HETATM 536 C  C4    . 5BU A 1 25 ? -5.456  8.647   -5.162  1.00 55.59  ? 25  5BU A C4    1 
HETATM 537 O  O4    . 5BU A 1 25 ? -5.873  8.943   -6.276  1.00 55.50  ? 25  5BU A O4    1 
HETATM 538 C  C5    . 5BU A 1 25 ? -6.255  8.233   -4.104  1.00 55.80  ? 25  5BU A C5    1 
HETATM 539 C  C6    . 5BU A 1 25 ? -5.716  7.932   -2.933  1.00 55.19  ? 25  5BU A C6    1 
HETATM 540 BR BR    . 5BU A 1 25 ? -8.113  8.089   -4.383  1.00 58.48  ? 25  5BU A BR    1 
ATOM   541 P  P     . A   A 1 26 ? -5.763  11.300  1.345   1.00 52.44  ? 26  A   A P     1 
ATOM   542 O  OP1   . A   A 1 26 ? -6.413  11.130  2.673   1.00 52.36  ? 26  A   A OP1   1 
ATOM   543 O  OP2   . A   A 1 26 ? -6.606  11.434  0.118   1.00 52.34  ? 26  A   A OP2   1 
ATOM   544 O  "O5'" . A   A 1 26 ? -4.746  12.521  1.331   1.00 52.17  ? 26  A   A "O5'" 1 
ATOM   545 C  "C5'" . A   A 1 26 ? -5.010  13.621  0.479   1.00 51.93  ? 26  A   A "C5'" 1 
ATOM   546 C  "C4'" . A   A 1 26 ? -3.780  14.009  -0.300  1.00 51.59  ? 26  A   A "C4'" 1 
ATOM   547 O  "O4'" . A   A 1 26 ? -2.695  14.201  0.638   1.00 51.68  ? 26  A   A "O4'" 1 
ATOM   548 C  "C3'" . A   A 1 26 ? -3.250  13.020  -1.318  1.00 51.27  ? 26  A   A "C3'" 1 
ATOM   549 O  "O3'" . A   A 1 26 ? -3.947  13.234  -2.544  1.00 50.81  ? 26  A   A "O3'" 1 
ATOM   550 C  "C2'" . A   A 1 26 ? -1.790  13.461  -1.418  1.00 51.37  ? 26  A   A "C2'" 1 
ATOM   551 O  "O2'" . A   A 1 26 ? -1.603  14.633  -2.188  1.00 51.28  ? 26  A   A "O2'" 1 
ATOM   552 C  "C1'" . A   A 1 26 ? -1.480  13.811  0.038   1.00 51.48  ? 26  A   A "C1'" 1 
ATOM   553 N  N9    . A   A 1 26 ? -0.959  12.696  0.811   1.00 51.42  ? 26  A   A N9    1 
ATOM   554 C  C8    . A   A 1 26 ? -1.604  11.970  1.775   1.00 51.42  ? 26  A   A C8    1 
ATOM   555 N  N7    . A   A 1 26 ? -0.880  10.997  2.271   1.00 51.44  ? 26  A   A N7    1 
ATOM   556 C  C5    . A   A 1 26 ? 0.322   11.102  1.588   1.00 51.39  ? 26  A   A C5    1 
ATOM   557 C  C6    . A   A 1 26 ? 1.495   10.359  1.645   1.00 51.36  ? 26  A   A C6    1 
ATOM   558 N  N6    . A   A 1 26 ? 1.669   9.327   2.460   1.00 51.35  ? 26  A   A N6    1 
ATOM   559 N  N1    . A   A 1 26 ? 2.502   10.714  0.826   1.00 51.44  ? 26  A   A N1    1 
ATOM   560 C  C2    . A   A 1 26 ? 2.330   11.765  0.014   1.00 51.45  ? 26  A   A C2    1 
ATOM   561 N  N3    . A   A 1 26 ? 1.268   12.550  -0.123  1.00 51.49  ? 26  A   A N3    1 
ATOM   562 C  C4    . A   A 1 26 ? 0.286   12.153  0.698   1.00 51.39  ? 26  A   A C4    1 
ATOM   563 P  P     . A   A 1 27 ? -4.075  12.046  -3.639  1.00 50.39  ? 27  A   A P     1 
ATOM   564 O  OP1   . A   A 1 27 ? -4.747  12.604  -4.844  1.00 50.58  ? 27  A   A OP1   1 
ATOM   565 O  OP2   . A   A 1 27 ? -4.715  10.892  -2.934  1.00 50.52  ? 27  A   A OP2   1 
ATOM   566 O  "O5'" . A   A 1 27 ? -2.560  11.702  -4.051  1.00 49.80  ? 27  A   A "O5'" 1 
ATOM   567 C  "C5'" . A   A 1 27 ? -1.794  12.551  -4.906  1.00 48.75  ? 27  A   A "C5'" 1 
ATOM   568 C  "C4'" . A   A 1 27 ? -0.376  12.038  -5.051  1.00 48.15  ? 27  A   A "C4'" 1 
ATOM   569 O  "O4'" . A   A 1 27 ? 0.344   12.175  -3.802  1.00 47.95  ? 27  A   A "O4'" 1 
ATOM   570 C  "C3'" . A   A 1 27 ? -0.208  10.575  -5.404  1.00 47.99  ? 27  A   A "C3'" 1 
ATOM   571 O  "O3'" . A   A 1 27 ? -0.348  10.379  -6.801  1.00 47.84  ? 27  A   A "O3'" 1 
ATOM   572 C  "C2'" . A   A 1 27 ? 1.217   10.296  -4.936  1.00 47.87  ? 27  A   A "C2'" 1 
ATOM   573 O  "O2'" . A   A 1 27 ? 2.256   10.731  -5.812  1.00 47.84  ? 27  A   A "O2'" 1 
ATOM   574 C  "C1'" . A   A 1 27 ? 1.251   11.095  -3.640  1.00 47.74  ? 27  A   A "C1'" 1 
ATOM   575 N  N9    . A   A 1 27 ? 0.758   10.269  -2.549  1.00 47.71  ? 27  A   A N9    1 
ATOM   576 C  C8    . A   A 1 27 ? -0.460  10.371  -1.923  1.00 47.55  ? 27  A   A C8    1 
ATOM   577 N  N7    . A   A 1 27 ? -0.662  9.463   -1.009  1.00 47.48  ? 27  A   A N7    1 
ATOM   578 C  C5    . A   A 1 27 ? 0.499   8.705   -1.023  1.00 47.51  ? 27  A   A C5    1 
ATOM   579 C  C6    . A   A 1 27 ? 0.892   7.574   -0.296  1.00 47.54  ? 27  A   A C6    1 
ATOM   580 N  N6    . A   A 1 27 ? 0.107   6.958   0.608   1.00 47.52  ? 27  A   A N6    1 
ATOM   581 N  N1    . A   A 1 27 ? 2.128   7.078   -0.535  1.00 47.43  ? 27  A   A N1    1 
ATOM   582 C  C2    . A   A 1 27 ? 2.898   7.677   -1.450  1.00 47.50  ? 27  A   A C2    1 
ATOM   583 N  N3    . A   A 1 27 ? 2.631   8.729   -2.217  1.00 47.58  ? 27  A   A N3    1 
ATOM   584 C  C4    . A   A 1 27 ? 1.397   9.203   -1.952  1.00 47.65  ? 27  A   A C4    1 
ATOM   585 P  P     . C   A 1 28 ? -0.922  8.979   -7.360  1.00 47.76  ? 28  C   A P     1 
ATOM   586 O  OP1   . C   A 1 28 ? -1.059  9.124   -8.829  1.00 47.73  ? 28  C   A OP1   1 
ATOM   587 O  OP2   . C   A 1 28 ? -2.141  8.688   -6.530  1.00 47.45  ? 28  C   A OP2   1 
ATOM   588 O  "O5'" . C   A 1 28 ? 0.248   7.911   -7.104  1.00 47.28  ? 28  C   A "O5'" 1 
ATOM   589 C  "C5'" . C   A 1 28 ? 1.542   8.044   -7.708  1.00 46.74  ? 28  C   A "C5'" 1 
ATOM   590 C  "C4'" . C   A 1 28 ? 2.499   6.932   -7.236  1.00 46.49  ? 28  C   A "C4'" 1 
ATOM   591 O  "O4'" . C   A 1 28 ? 2.678   6.990   -5.790  1.00 46.36  ? 28  C   A "O4'" 1 
ATOM   592 C  "C3'" . C   A 1 28 ? 2.130   5.475   -7.518  1.00 46.27  ? 28  C   A "C3'" 1 
ATOM   593 O  "O3'" . C   A 1 28 ? 2.579   5.094   -8.820  1.00 45.78  ? 28  C   A "O3'" 1 
ATOM   594 C  "C2'" . C   A 1 28 ? 2.916   4.710   -6.451  1.00 46.27  ? 28  C   A "C2'" 1 
ATOM   595 O  "O2'" . C   A 1 28 ? 4.261   4.461   -6.779  1.00 46.48  ? 28  C   A "O2'" 1 
ATOM   596 C  "C1'" . C   A 1 28 ? 2.941   5.697   -5.289  1.00 46.25  ? 28  C   A "C1'" 1 
ATOM   597 N  N1    . C   A 1 28 ? 1.997   5.379   -4.206  1.00 46.16  ? 28  C   A N1    1 
ATOM   598 C  C2    . C   A 1 28 ? 2.298   4.303   -3.382  1.00 46.05  ? 28  C   A C2    1 
ATOM   599 O  O2    . C   A 1 28 ? 3.349   3.687   -3.589  1.00 45.94  ? 28  C   A O2    1 
ATOM   600 N  N3    . C   A 1 28 ? 1.441   3.967   -2.386  1.00 45.99  ? 28  C   A N3    1 
ATOM   601 C  C4    . C   A 1 28 ? 0.332   4.678   -2.194  1.00 46.06  ? 28  C   A C4    1 
ATOM   602 N  N4    . C   A 1 28 ? -0.488  4.311   -1.208  1.00 46.28  ? 28  C   A N4    1 
ATOM   603 C  C5    . C   A 1 28 ? 0.006   5.792   -3.009  1.00 46.07  ? 28  C   A C5    1 
ATOM   604 C  C6    . C   A 1 28 ? 0.857   6.103   -4.001  1.00 46.13  ? 28  C   A C6    1 
ATOM   605 P  P     . G   A 1 29 ? 1.535   4.474   -9.880  1.00 45.41  ? 29  G   A P     1 
ATOM   606 O  OP1   . G   A 1 29 ? 2.046   4.787   -11.249 1.00 45.41  ? 29  G   A OP1   1 
ATOM   607 O  OP2   . G   A 1 29 ? 0.183   4.913   -9.467  1.00 45.40  ? 29  G   A OP2   1 
ATOM   608 O  "O5'" . G   A 1 29 ? 1.576   2.879   -9.699  1.00 45.15  ? 29  G   A "O5'" 1 
ATOM   609 C  "C5'" . G   A 1 29 ? 2.825   2.114   -9.741  1.00 44.42  ? 29  G   A "C5'" 1 
ATOM   610 C  "C4'" . G   A 1 29 ? 2.526   0.618   -9.759  1.00 43.74  ? 29  G   A "C4'" 1 
ATOM   611 O  "O4'" . G   A 1 29 ? 1.659   0.352   -8.659  1.00 43.60  ? 29  G   A "O4'" 1 
ATOM   612 C  "C3'" . G   A 1 29 ? 1.807   0.126   -11.021 1.00 43.33  ? 29  G   A "C3'" 1 
ATOM   613 O  "O3'" . G   A 1 29 ? 2.531   -0.958  -11.650 1.00 42.79  ? 29  G   A "O3'" 1 
ATOM   614 C  "C2'" . G   A 1 29 ? 0.542   -0.576  -10.523 1.00 43.35  ? 29  G   A "C2'" 1 
ATOM   615 O  "O2'" . G   A 1 29 ? 0.394   -1.856  -11.082 1.00 43.37  ? 29  G   A "O2'" 1 
ATOM   616 C  "C1'" . G   A 1 29 ? 0.807   -0.671  -9.028  1.00 43.48  ? 29  G   A "C1'" 1 
ATOM   617 N  N9    . G   A 1 29 ? -0.221  -0.820  -8.017  1.00 43.70  ? 29  G   A N9    1 
ATOM   618 C  C8    . G   A 1 29 ? -1.247  0.022   -7.680  1.00 43.73  ? 29  G   A C8    1 
ATOM   619 N  N7    . G   A 1 29 ? -1.906  -0.385  -6.625  1.00 43.83  ? 29  G   A N7    1 
ATOM   620 C  C5    . G   A 1 29 ? -1.290  -1.576  -6.272  1.00 43.84  ? 29  G   A C5    1 
ATOM   621 C  C6    . G   A 1 29 ? -1.556  -2.466  -5.212  1.00 44.02  ? 29  G   A C6    1 
ATOM   622 O  O6    . G   A 1 29 ? -2.447  -2.391  -4.350  1.00 44.42  ? 29  G   A O6    1 
ATOM   623 N  N1    . G   A 1 29 ? -0.678  -3.547  -5.214  1.00 43.95  ? 29  G   A N1    1 
ATOM   624 C  C2    . G   A 1 29 ? 0.316   -3.754  -6.143  1.00 43.95  ? 29  G   A C2    1 
ATOM   625 N  N2    . G   A 1 29 ? 1.060   -4.878  -6.022  1.00 43.81  ? 29  G   A N2    1 
ATOM   626 N  N3    . G   A 1 29 ? 0.566   -2.924  -7.136  1.00 43.93  ? 29  G   A N3    1 
ATOM   627 C  C4    . G   A 1 29 ? -0.269  -1.867  -7.137  1.00 43.81  ? 29  G   A C4    1 
ATOM   628 P  P     . A   A 1 30 ? 3.965   -0.743  -12.365 1.00 42.38  ? 30  A   A P     1 
ATOM   629 O  OP1   . A   A 1 30 ? 4.268   0.692   -12.480 1.00 42.63  ? 30  A   A OP1   1 
ATOM   630 O  OP2   . A   A 1 30 ? 4.002   -1.608  -13.592 1.00 42.40  ? 30  A   A OP2   1 
ATOM   631 O  "O5'" . A   A 1 30 ? 5.038   -1.309  -11.337 1.00 42.02  ? 30  A   A "O5'" 1 
ATOM   632 C  "C5'" . A   A 1 30 ? 5.659   -2.593  -11.531 1.00 41.25  ? 30  A   A "C5'" 1 
ATOM   633 C  "C4'" . A   A 1 30 ? 6.909   -2.706  -10.687 1.00 40.71  ? 30  A   A "C4'" 1 
ATOM   634 O  "O4'" . A   A 1 30 ? 6.744   -2.132  -9.379  1.00 40.56  ? 30  A   A "O4'" 1 
ATOM   635 C  "C3'" . A   A 1 30 ? 7.389   -4.123  -10.447 1.00 40.57  ? 30  A   A "C3'" 1 
ATOM   636 O  "O3'" . A   A 1 30 ? 8.608   -4.244  -11.155 1.00 40.29  ? 30  A   A "O3'" 1 
ATOM   637 C  "C2'" . A   A 1 30 ? 7.870   -4.150  -8.991  1.00 40.50  ? 30  A   A "C2'" 1 
ATOM   638 O  "O2'" . A   A 1 30 ? 9.222   -4.557  -8.920  1.00 40.77  ? 30  A   A "O2'" 1 
ATOM   639 C  "C1'" . A   A 1 30 ? 7.730   -2.686  -8.568  1.00 40.29  ? 30  A   A "C1'" 1 
ATOM   640 N  N9    . A   A 1 30 ? 7.446   -2.395  -7.178  1.00 39.91  ? 30  A   A N9    1 
ATOM   641 C  C8    . A   A 1 30 ? 7.952   -1.399  -6.376  1.00 39.74  ? 30  A   A C8    1 
ATOM   642 N  N7    . A   A 1 30 ? 7.475   -1.413  -5.158  1.00 39.56  ? 30  A   A N7    1 
ATOM   643 C  C5    . A   A 1 30 ? 6.610   -2.491  -5.169  1.00 39.44  ? 30  A   A C5    1 
ATOM   644 C  C6    . A   A 1 30 ? 5.789   -3.013  -4.210  1.00 39.39  ? 30  A   A C6    1 
ATOM   645 N  N6    . A   A 1 30 ? 5.690   -2.521  -2.977  1.00 39.42  ? 30  A   A N6    1 
ATOM   646 N  N1    . A   A 1 30 ? 5.042   -4.077  -4.545  1.00 39.49  ? 30  A   A N1    1 
ATOM   647 C  C2    . A   A 1 30 ? 5.126   -4.553  -5.792  1.00 39.52  ? 30  A   A C2    1 
ATOM   648 N  N3    . A   A 1 30 ? 5.864   -4.136  -6.798  1.00 39.39  ? 30  A   A N3    1 
ATOM   649 C  C4    . A   A 1 30 ? 6.590   -3.096  -6.407  1.00 39.59  ? 30  A   A C4    1 
ATOM   650 P  P     . A   A 1 31 ? 8.615   -4.660  -12.680 1.00 40.04  ? 31  A   A P     1 
ATOM   651 O  OP1   . A   A 1 31 ? 9.964   -4.300  -13.182 1.00 40.34  ? 31  A   A OP1   1 
ATOM   652 O  OP2   . A   A 1 31 ? 7.413   -4.070  -13.292 1.00 40.17  ? 31  A   A OP2   1 
ATOM   653 O  "O5'" . A   A 1 31 ? 8.379   -6.238  -12.703 1.00 39.92  ? 31  A   A "O5'" 1 
ATOM   654 C  "C5'" . A   A 1 31 ? 9.219   -7.152  -12.000 1.00 39.45  ? 31  A   A "C5'" 1 
ATOM   655 C  "C4'" . A   A 1 31 ? 8.395   -8.328  -11.489 1.00 39.08  ? 31  A   A "C4'" 1 
ATOM   656 O  "O4'" . A   A 1 31 ? 7.655   -7.962  -10.293 1.00 38.98  ? 31  A   A "O4'" 1 
ATOM   657 C  "C3'" . A   A 1 31 ? 7.375   -8.882  -12.473 1.00 38.67  ? 31  A   A "C3'" 1 
ATOM   658 O  "O3'" . A   A 1 31 ? 8.040   -9.916  -13.175 1.00 38.58  ? 31  A   A "O3'" 1 
ATOM   659 C  "C2'" . A   A 1 31 ? 6.318   -9.479  -11.554 1.00 38.58  ? 31  A   A "C2'" 1 
ATOM   660 O  "O2'" . A   A 1 31 ? 6.679   -10.770 -11.123 1.00 38.13  ? 31  A   A "O2'" 1 
ATOM   661 C  "C1'" . A   A 1 31 ? 6.355   -8.519  -10.352 1.00 38.67  ? 31  A   A "C1'" 1 
ATOM   662 N  N9    . A   A 1 31 ? 5.384   -7.417  -10.410 1.00 38.35  ? 31  A   A N9    1 
ATOM   663 C  C8    . A   A 1 31 ? 5.013   -6.724  -11.520 1.00 38.36  ? 31  A   A C8    1 
ATOM   664 N  N7    . A   A 1 31 ? 4.073   -5.837  -11.294 1.00 38.32  ? 31  A   A N7    1 
ATOM   665 C  C5    . A   A 1 31 ? 3.829   -5.946  -9.939  1.00 37.98  ? 31  A   A C5    1 
ATOM   666 C  C6    . A   A 1 31 ? 2.941   -5.280  -9.089  1.00 37.78  ? 31  A   A C6    1 
ATOM   667 N  N6    . A   A 1 31 ? 2.107   -4.336  -9.485  1.00 37.64  ? 31  A   A N6    1 
ATOM   668 N  N1    . A   A 1 31 ? 2.939   -5.624  -7.800  1.00 37.62  ? 31  A   A N1    1 
ATOM   669 C  C2    . A   A 1 31 ? 3.784   -6.561  -7.404  1.00 37.63  ? 31  A   A C2    1 
ATOM   670 N  N3    . A   A 1 31 ? 4.675   -7.253  -8.102  1.00 37.80  ? 31  A   A N3    1 
ATOM   671 C  C4    . A   A 1 31 ? 4.640   -6.899  -9.380  1.00 37.98  ? 31  A   A C4    1 
HETATM 672 P  P     . 5BU A 1 32 ? 7.911   -10.020 -14.752 1.00 38.26  ? 32  5BU A P     1 
HETATM 673 O  OP1   . 5BU A 1 32 ? 8.731   -11.174 -15.192 1.00 38.51  ? 32  5BU A OP1   1 
HETATM 674 O  OP2   . 5BU A 1 32 ? 8.224   -8.672  -15.258 1.00 38.27  ? 32  5BU A OP2   1 
HETATM 675 O  "O5'" . 5BU A 1 32 ? 6.378   -10.370 -14.970 1.00 38.31  ? 32  5BU A "O5'" 1 
HETATM 676 C  "C5'" . 5BU A 1 32 ? 5.732   -10.106 -16.197 1.00 38.44  ? 32  5BU A "C5'" 1 
HETATM 677 C  "C4'" . 5BU A 1 32 ? 4.383   -10.745 -16.191 1.00 38.74  ? 32  5BU A "C4'" 1 
HETATM 678 O  "O4'" . 5BU A 1 32 ? 4.596   -12.164 -16.109 1.00 39.15  ? 32  5BU A "O4'" 1 
HETATM 679 C  "C3'" . 5BU A 1 32 ? 3.546   -10.425 -14.975 1.00 38.74  ? 32  5BU A "C3'" 1 
HETATM 680 O  "O3'" . 5BU A 1 32 ? 2.803   -9.233  -15.162 1.00 38.12  ? 32  5BU A "O3'" 1 
HETATM 681 C  "C2'" . 5BU A 1 32 ? 2.670   -11.655 -14.866 1.00 39.19  ? 32  5BU A "C2'" 1 
HETATM 682 O  "O2'" . 5BU A 1 32 ? 1.658   -11.668 -15.822 1.00 39.48  ? 32  5BU A "O2'" 1 
HETATM 683 C  "C1'" . 5BU A 1 32 ? 3.639   -12.752 -15.271 1.00 39.57  ? 32  5BU A "C1'" 1 
HETATM 684 N  N1    . 5BU A 1 32 ? 4.314   -13.378 -14.131 1.00 40.31  ? 32  5BU A N1    1 
HETATM 685 C  C2    . 5BU A 1 32 ? 3.539   -14.126 -13.341 1.00 40.59  ? 32  5BU A C2    1 
HETATM 686 O  O2    . 5BU A 1 32 ? 2.365   -14.285 -13.577 1.00 40.54  ? 32  5BU A O2    1 
HETATM 687 N  N3    . 5BU A 1 32 ? 4.165   -14.687 -12.264 1.00 40.86  ? 32  5BU A N3    1 
HETATM 688 C  C4    . 5BU A 1 32 ? 5.477   -14.572 -11.926 1.00 41.37  ? 32  5BU A C4    1 
HETATM 689 O  O4    . 5BU A 1 32 ? 5.921   -15.124 -10.915 1.00 41.27  ? 32  5BU A O4    1 
HETATM 690 C  C5    . 5BU A 1 32 ? 6.220   -13.797 -12.796 1.00 41.57  ? 32  5BU A C5    1 
HETATM 691 C  C6    . 5BU A 1 32 ? 5.641   -13.225 -13.855 1.00 41.20  ? 32  5BU A C6    1 
HETATM 692 BR BR    . 5BU A 1 32 ? 8.064   -13.609 -12.463 1.00 43.84  ? 32  5BU A BR    1 
ATOM   693 P  P     . G   A 1 33 ? 3.242   -7.916  -14.349 1.00 38.19  ? 33  G   A P     1 
ATOM   694 O  OP1   . G   A 1 33 ? 2.267   -6.812  -14.461 1.00 38.31  ? 33  G   A OP1   1 
ATOM   695 O  OP2   . G   A 1 33 ? 4.691   -7.601  -14.533 1.00 38.00  ? 33  G   A OP2   1 
ATOM   696 O  "O5'" . G   A 1 33 ? 3.019   -8.423  -12.866 1.00 37.65  ? 33  G   A "O5'" 1 
ATOM   697 C  "C5'" . G   A 1 33 ? 1.800   -9.032  -12.541 1.00 36.76  ? 33  G   A "C5'" 1 
ATOM   698 C  "C4'" . G   A 1 33 ? 1.953   -9.787  -11.282 1.00 36.11  ? 33  G   A "C4'" 1 
ATOM   699 O  "O4'" . G   A 1 33 ? 2.363   -8.862  -10.245 1.00 36.02  ? 33  G   A "O4'" 1 
ATOM   700 C  "C3'" . G   A 1 33 ? 0.667   -10.405 -10.782 1.00 35.61  ? 33  G   A "C3'" 1 
ATOM   701 O  "O3'" . G   A 1 33 ? 0.497   -11.639 -11.431 1.00 34.91  ? 33  G   A "O3'" 1 
ATOM   702 C  "C2'" . G   A 1 33 ? 0.971   -10.550 -9.298  1.00 35.69  ? 33  G   A "C2'" 1 
ATOM   703 O  "O2'" . G   A 1 33 ? 1.754   -11.692 -8.995  1.00 35.94  ? 33  G   A "O2'" 1 
ATOM   704 C  "C1'" . G   A 1 33 ? 1.749   -9.247  -9.030  1.00 35.60  ? 33  G   A "C1'" 1 
ATOM   705 N  N9    . G   A 1 33 ? 0.812   -8.204  -8.656  1.00 35.35  ? 33  G   A N9    1 
ATOM   706 C  C8    . G   A 1 33 ? 0.467   -7.064  -9.323  1.00 35.05  ? 33  G   A C8    1 
ATOM   707 N  N7    . G   A 1 33 ? -0.470  -6.392  -8.715  1.00 35.10  ? 33  G   A N7    1 
ATOM   708 C  C5    . G   A 1 33 ? -0.740  -7.132  -7.577  1.00 35.15  ? 33  G   A C5    1 
ATOM   709 C  C6    . G   A 1 33 ? -1.661  -6.933  -6.519  1.00 35.14  ? 33  G   A C6    1 
ATOM   710 O  O6    . G   A 1 33 ? -2.459  -6.015  -6.347  1.00 35.24  ? 33  G   A O6    1 
ATOM   711 N  N1    . G   A 1 33 ? -1.592  -7.961  -5.588  1.00 35.05  ? 33  G   A N1    1 
ATOM   712 C  C2    . G   A 1 33 ? -0.755  -9.025  -5.662  1.00 34.89  ? 33  G   A C2    1 
ATOM   713 N  N2    . G   A 1 33 ? -0.849  -9.926  -4.744  1.00 35.13  ? 33  G   A N2    1 
ATOM   714 N  N3    . G   A 1 33 ? 0.108   -9.206  -6.596  1.00 35.07  ? 33  G   A N3    1 
ATOM   715 C  C4    . G   A 1 33 ? 0.059   -8.239  -7.527  1.00 35.29  ? 33  G   A C4    1 
ATOM   716 P  P     . G   A 1 34 ? -0.976  -12.207 -11.692 1.00 34.85  ? 34  G   A P     1 
ATOM   717 O  OP1   . G   A 1 34 ? -0.847  -13.447 -12.495 1.00 34.58  ? 34  G   A OP1   1 
ATOM   718 O  OP2   . G   A 1 34 ? -1.848  -11.102 -12.210 1.00 34.86  ? 34  G   A OP2   1 
ATOM   719 O  "O5'" . G   A 1 34 ? -1.483  -12.607 -10.229 1.00 34.25  ? 34  G   A "O5'" 1 
ATOM   720 C  "C5'" . G   A 1 34 ? -0.852  -13.669 -9.521  1.00 33.69  ? 34  G   A "C5'" 1 
ATOM   721 C  "C4'" . G   A 1 34 ? -1.613  -13.991 -8.273  1.00 33.19  ? 34  G   A "C4'" 1 
ATOM   722 O  "O4'" . G   A 1 34 ? -1.464  -12.947 -7.277  1.00 33.11  ? 34  G   A "O4'" 1 
ATOM   723 C  "C3'" . G   A 1 34 ? -3.092  -14.069 -8.512  1.00 32.93  ? 34  G   A "C3'" 1 
ATOM   724 O  "O3'" . G   A 1 34 ? -3.404  -15.345 -8.991  1.00 32.81  ? 34  G   A "O3'" 1 
ATOM   725 C  "C2'" . G   A 1 34 ? -3.667  -13.808 -7.132  1.00 32.84  ? 34  G   A "C2'" 1 
ATOM   726 O  "O2'" . G   A 1 34 ? -3.735  -14.944 -6.299  1.00 32.93  ? 34  G   A "O2'" 1 
ATOM   727 C  "C1'" . G   A 1 34 ? -2.685  -12.776 -6.591  1.00 32.67  ? 34  G   A "C1'" 1 
ATOM   728 N  N9    . G   A 1 34 ? -3.175  -11.453 -6.910  1.00 32.42  ? 34  G   A N9    1 
ATOM   729 C  C8    . G   A 1 34 ? -2.796  -10.670 -7.960  1.00 32.35  ? 34  G   A C8    1 
ATOM   730 N  N7    . G   A 1 34 ? -3.422  -9.528  -7.988  1.00 32.41  ? 34  G   A N7    1 
ATOM   731 C  C5    . G   A 1 34 ? -4.265  -9.574  -6.890  1.00 32.18  ? 34  G   A C5    1 
ATOM   732 C  C6    . G   A 1 34 ? -5.172  -8.644  -6.409  1.00 32.04  ? 34  G   A C6    1 
ATOM   733 O  O6    . G   A 1 34 ? -5.443  -7.564  -6.843  1.00 32.02  ? 34  G   A O6    1 
ATOM   734 N  N1    . G   A 1 34 ? -5.802  -9.080  -5.275  1.00 32.15  ? 34  G   A N1    1 
ATOM   735 C  C2    . G   A 1 34 ? -5.575  -10.267 -4.669  1.00 32.13  ? 34  G   A C2    1 
ATOM   736 N  N2    . G   A 1 34 ? -6.250  -10.471 -3.575  1.00 32.29  ? 34  G   A N2    1 
ATOM   737 N  N3    . G   A 1 34 ? -4.741  -11.164 -5.104  1.00 32.19  ? 34  G   A N3    1 
ATOM   738 C  C4    . G   A 1 34 ? -4.117  -10.754 -6.218  1.00 32.28  ? 34  G   A C4    1 
ATOM   739 P  P     . A   A 1 35 ? -4.852  -15.619 -9.589  1.00 32.69  ? 35  A   A P     1 
ATOM   740 O  OP1   . A   A 1 35 ? -4.867  -17.096 -9.752  1.00 32.64  ? 35  A   A OP1   1 
ATOM   741 O  OP2   . A   A 1 35 ? -5.048  -14.730 -10.763 1.00 32.43  ? 35  A   A OP2   1 
ATOM   742 O  "O5'" . A   A 1 35 ? -5.791  -15.144 -8.391  1.00 32.65  ? 35  A   A "O5'" 1 
ATOM   743 C  "C5'" . A   A 1 35 ? -7.199  -15.157 -8.499  1.00 32.82  ? 35  A   A "C5'" 1 
ATOM   744 C  "C4'" . A   A 1 35 ? -7.816  -14.642 -7.227  1.00 33.02  ? 35  A   A "C4'" 1 
ATOM   745 O  "O4'" . A   A 1 35 ? -7.194  -13.401 -6.863  1.00 32.42  ? 35  A   A "O4'" 1 
ATOM   746 C  "C3'" . A   A 1 35 ? -9.276  -14.272 -7.346  1.00 33.45  ? 35  A   A "C3'" 1 
ATOM   747 O  "O3'" . A   A 1 35 ? -10.146 -15.358 -7.172  1.00 35.01  ? 35  A   A "O3'" 1 
ATOM   748 C  "C2'" . A   A 1 35 ? -9.487  -13.288 -6.232  1.00 32.75  ? 35  A   A "C2'" 1 
ATOM   749 O  "O2'" . A   A 1 35 ? -9.738  -13.971 -5.057  1.00 32.48  ? 35  A   A "O2'" 1 
ATOM   750 C  "C1'" . A   A 1 35 ? -8.134  -12.604 -6.186  1.00 32.31  ? 35  A   A "C1'" 1 
ATOM   751 N  N9    . A   A 1 35 ? -8.173  -11.307 -6.824  1.00 31.73  ? 35  A   A N9    1 
ATOM   752 C  C8    . A   A 1 35 ? -7.419  -10.869 -7.848  1.00 31.56  ? 35  A   A C8    1 
ATOM   753 N  N7    . A   A 1 35 ? -7.596  -9.617  -8.133  1.00 31.47  ? 35  A   A N7    1 
ATOM   754 C  C5    . A   A 1 35 ? -8.571  -9.212  -7.248  1.00 31.15  ? 35  A   A C5    1 
ATOM   755 C  C6    . A   A 1 35 ? -9.193  -7.987  -7.036  1.00 30.89  ? 35  A   A C6    1 
ATOM   756 N  N6    . A   A 1 35 ? -8.919  -6.890  -7.735  1.00 30.28  ? 35  A   A N6    1 
ATOM   757 N  N1    . A   A 1 35 ? -10.126 -7.922  -6.060  1.00 30.92  ? 35  A   A N1    1 
ATOM   758 C  C2    . A   A 1 35 ? -10.400 -9.021  -5.365  1.00 30.96  ? 35  A   A C2    1 
ATOM   759 N  N3    . A   A 1 35 ? -9.874  -10.231 -5.477  1.00 31.21  ? 35  A   A N3    1 
ATOM   760 C  C4    . A   A 1 35 ? -8.950  -10.252 -6.449  1.00 31.38  ? 35  A   A C4    1 
HETATM 761 P  P     . 5BU A 1 36 ? -11.488 -15.383 -8.027  1.00 36.32  ? 36  5BU A P     1 
HETATM 762 O  OP1   . 5BU A 1 36 ? -11.896 -16.795 -8.083  1.00 36.25  ? 36  5BU A OP1   1 
HETATM 763 O  OP2   . 5BU A 1 36 ? -11.257 -14.610 -9.291  1.00 36.47  ? 36  5BU A OP2   1 
HETATM 764 O  "O5'" . 5BU A 1 36 ? -12.505 -14.484 -7.211  1.00 37.69  ? 36  5BU A "O5'" 1 
HETATM 765 C  "C5'" . 5BU A 1 36 ? -13.101 -14.969 -6.024  1.00 40.14  ? 36  5BU A "C5'" 1 
HETATM 766 C  "C4'" . 5BU A 1 36 ? -13.861 -13.866 -5.355  1.00 41.83  ? 36  5BU A "C4'" 1 
HETATM 767 O  "O4'" . 5BU A 1 36 ? -12.985 -12.708 -5.276  1.00 42.69  ? 36  5BU A "O4'" 1 
HETATM 768 C  "C3'" . 5BU A 1 36 ? -15.023 -13.305 -6.141  1.00 42.72  ? 36  5BU A "C3'" 1 
HETATM 769 O  "O3'" . 5BU A 1 36 ? -16.195 -14.099 -6.093  1.00 43.15  ? 36  5BU A "O3'" 1 
HETATM 770 C  "C2'" . 5BU A 1 36 ? -15.205 -11.950 -5.476  1.00 43.17  ? 36  5BU A "C2'" 1 
HETATM 771 O  "O2'" . 5BU A 1 36 ? -15.765 -12.071 -4.180  1.00 43.42  ? 36  5BU A "O2'" 1 
HETATM 772 C  "C1'" . 5BU A 1 36 ? -13.752 -11.522 -5.329  1.00 43.53  ? 36  5BU A "C1'" 1 
HETATM 773 N  N1    . 5BU A 1 36 ? -13.268 -10.731 -6.456  1.00 44.51  ? 36  5BU A N1    1 
HETATM 774 C  C2    . 5BU A 1 36 ? -13.728 -9.460  -6.571  1.00 44.93  ? 36  5BU A C2    1 
HETATM 775 O  O2    . 5BU A 1 36 ? -14.577 -9.017  -5.852  1.00 44.96  ? 36  5BU A O2    1 
HETATM 776 N  N3    . 5BU A 1 36 ? -13.168 -8.736  -7.572  1.00 45.30  ? 36  5BU A N3    1 
HETATM 777 C  C4    . 5BU A 1 36 ? -12.242 -9.178  -8.463  1.00 46.05  ? 36  5BU A C4    1 
HETATM 778 O  O4    . 5BU A 1 36 ? -11.795 -8.427  -9.318  1.00 46.02  ? 36  5BU A O4    1 
HETATM 779 C  C5    . 5BU A 1 36 ? -11.871 -10.507 -8.303  1.00 46.32  ? 36  5BU A C5    1 
HETATM 780 C  C6    . 5BU A 1 36 ? -12.378 -11.233 -7.329  1.00 45.63  ? 36  5BU A C6    1 
HETATM 781 BR BR    . 5BU A 1 36 ? -10.671 -11.252 -9.519  1.00 49.39  ? 36  5BU A BR    1 
ATOM   782 P  P     . C   A 1 37 ? -17.257 -13.959 -7.283  1.00 43.59  ? 37  C   A P     1 
ATOM   783 O  OP1   . C   A 1 37 ? -18.218 -15.082 -7.130  1.00 43.37  ? 37  C   A OP1   1 
ATOM   784 O  OP2   . C   A 1 37 ? -16.514 -13.763 -8.562  1.00 43.58  ? 37  C   A OP2   1 
ATOM   785 O  "O5'" . C   A 1 37 ? -17.936 -12.526 -7.095  1.00 43.78  ? 37  C   A "O5'" 1 
ATOM   786 C  "C5'" . C   A 1 37 ? -18.834 -12.271 -6.030  1.00 44.17  ? 37  C   A "C5'" 1 
ATOM   787 C  "C4'" . C   A 1 37 ? -19.182 -10.820 -6.023  1.00 44.45  ? 37  C   A "C4'" 1 
ATOM   788 O  "O4'" . C   A 1 37 ? -17.947 -10.072 -6.151  1.00 44.34  ? 37  C   A "O4'" 1 
ATOM   789 C  "C3'" . C   A 1 37 ? -19.928 -10.321 -7.239  1.00 44.93  ? 37  C   A "C3'" 1 
ATOM   790 O  "O3'" . C   A 1 37 ? -21.283 -10.716 -7.244  1.00 45.67  ? 37  C   A "O3'" 1 
ATOM   791 C  "C2'" . C   A 1 37 ? -19.673 -8.816  -7.173  1.00 44.72  ? 37  C   A "C2'" 1 
ATOM   792 O  "O2'" . C   A 1 37 ? -20.398 -8.094  -6.187  1.00 44.92  ? 37  C   A "O2'" 1 
ATOM   793 C  "C1'" . C   A 1 37 ? -18.211 -8.816  -6.774  1.00 44.23  ? 37  C   A "C1'" 1 
ATOM   794 N  N1    . C   A 1 37 ? -17.330 -8.655  -7.926  1.00 43.71  ? 37  C   A N1    1 
ATOM   795 C  C2    . C   A 1 37 ? -17.133 -7.376  -8.391  1.00 43.44  ? 37  C   A C2    1 
ATOM   796 O  O2    . C   A 1 37 ? -17.815 -6.478  -7.896  1.00 43.13  ? 37  C   A O2    1 
ATOM   797 N  N3    . C   A 1 37 ? -16.217 -7.146  -9.373  1.00 43.29  ? 37  C   A N3    1 
ATOM   798 C  C4    . C   A 1 37 ? -15.544 -8.175  -9.902  1.00 43.29  ? 37  C   A C4    1 
ATOM   799 N  N4    . C   A 1 37 ? -14.631 -7.913  -10.835 1.00 42.99  ? 37  C   A N4    1 
ATOM   800 C  C5    . C   A 1 37 ? -15.780 -9.526  -9.483  1.00 43.37  ? 37  C   A C5    1 
ATOM   801 C  C6    . C   A 1 37 ? -16.680 -9.717  -8.498  1.00 43.57  ? 37  C   A C6    1 
ATOM   802 P  P     . C   A 1 38 ? -21.807 -11.626 -8.456  1.00 46.47  ? 38  C   A P     1 
ATOM   803 O  OP1   . C   A 1 38 ? -22.333 -12.939 -7.936  1.00 46.19  ? 38  C   A OP1   1 
ATOM   804 O  OP2   . C   A 1 38 ? -20.702 -11.609 -9.462  1.00 46.54  ? 38  C   A OP2   1 
ATOM   805 O  "O5'" . C   A 1 38 ? -22.935 -10.736 -9.137  1.00 46.61  ? 38  C   A "O5'" 1 
ATOM   806 C  "C5'" . C   A 1 38 ? -23.562 -9.718  -8.390  1.00 47.01  ? 38  C   A "C5'" 1 
ATOM   807 C  "C4'" . C   A 1 38 ? -23.157 -8.357  -8.891  1.00 47.18  ? 38  C   A "C4'" 1 
ATOM   808 O  "O4'" . C   A 1 38 ? -21.732 -8.166  -8.754  1.00 47.17  ? 38  C   A "O4'" 1 
ATOM   809 C  "C3'" . C   A 1 38 ? -23.377 -8.051  -10.362 1.00 47.34  ? 38  C   A "C3'" 1 
ATOM   810 O  "O3'" . C   A 1 38 ? -24.769 -7.883  -10.702 1.00 47.47  ? 38  C   A "O3'" 1 
ATOM   811 C  "C2'" . C   A 1 38 ? -22.485 -6.810  -10.561 1.00 47.34  ? 38  C   A "C2'" 1 
ATOM   812 O  "O2'" . C   A 1 38 ? -22.995 -5.497  -10.349 1.00 47.54  ? 38  C   A "O2'" 1 
ATOM   813 C  "C1'" . C   A 1 38 ? -21.340 -7.088  -9.587  1.00 47.22  ? 38  C   A "C1'" 1 
ATOM   814 N  N1    . C   A 1 38 ? -20.212 -7.495  -10.395 1.00 47.16  ? 38  C   A N1    1 
ATOM   815 C  C2    . C   A 1 38 ? -19.586 -6.513  -11.187 1.00 47.15  ? 38  C   A C2    1 
ATOM   816 O  O2    . C   A 1 38 ? -19.991 -5.325  -11.091 1.00 47.07  ? 38  C   A O2    1 
ATOM   817 N  N3    . C   A 1 38 ? -18.571 -6.883  -12.035 1.00 47.08  ? 38  C   A N3    1 
ATOM   818 C  C4    . C   A 1 38 ? -18.192 -8.171  -12.095 1.00 47.09  ? 38  C   A C4    1 
ATOM   819 N  N4    . C   A 1 38 ? -17.219 -8.512  -12.949 1.00 47.06  ? 38  C   A N4    1 
ATOM   820 C  C5    . C   A 1 38 ? -18.804 -9.179  -11.272 1.00 47.26  ? 38  C   A C5    1 
ATOM   821 C  C6    . C   A 1 38 ? -19.794 -8.796  -10.434 1.00 47.20  ? 38  C   A C6    1 
HETATM 822 SR SR    . SR  B 2 .  ? -0.112  -15.437 -14.056 1.00 44.45  ? 201 SR  A SR    1 
HETATM 823 SR SR    . SR  C 2 .  ? -5.863  -6.483  -11.235 1.00 100.00 ? 202 SR  A SR    1 
HETATM 824 SR SR    . SR  D 2 .  ? -3.778  6.486   -10.660 0.77 100.00 ? 203 SR  A SR    1 
HETATM 825 SR SR    . SR  E 2 .  ? 2.117   -0.942  7.254   0.96 100.00 ? 204 SR  A SR    1 
HETATM 826 SR SR    . SR  F 2 .  ? 5.456   -4.785  -15.725 0.54 70.89  ? 205 SR  A SR    1 
HETATM 827 SR SR    . SR  G 2 .  ? -0.332  -6.657  -14.726 0.66 71.34  ? 206 SR  A SR    1 
HETATM 828 SR SR    . SR  H 2 .  ? 11.033  10.331  8.213   0.73 98.99  ? 208 SR  A SR    1 
HETATM 829 SR SR    . SR  I 2 .  ? 12.925  -0.005  8.268   0.52 78.28  ? 209 SR  A SR    1 
HETATM 830 C  C1    . ROS J 3 .  ? 0.631   -2.221  -1.006  1.00 22.07  ? 101 ROS A C1    1 
HETATM 831 C  C2    . ROS J 3 .  ? -0.284  -1.124  -1.287  1.00 21.96  ? 101 ROS A C2    1 
HETATM 832 C  C3    . ROS J 3 .  ? 0.089   -0.373  -2.404  1.00 22.28  ? 101 ROS A C3    1 
HETATM 833 O  O2    . ROS J 3 .  ? -0.880  0.733   -2.646  1.00 22.55  ? 101 ROS A O2    1 
HETATM 834 C  C4    . ROS J 3 .  ? -0.538  1.406   -3.675  1.00 22.63  ? 101 ROS A C4    1 
HETATM 835 C  C5    . ROS J 3 .  ? -1.536  2.465   -3.820  1.00 22.60  ? 101 ROS A C5    1 
HETATM 836 C  C6    . ROS J 3 .  ? -1.313  3.331   -4.950  1.00 22.78  ? 101 ROS A C6    1 
HETATM 837 C  C7    . ROS J 3 .  ? -0.227  3.156   -5.843  1.00 22.81  ? 101 ROS A C7    1 
HETATM 838 C  C8    . ROS J 3 .  ? 0.735   2.090   -5.637  1.00 22.81  ? 101 ROS A C8    1 
HETATM 839 C  C9    . ROS J 3 .  ? 0.539   1.220   -4.504  1.00 22.51  ? 101 ROS A C9    1 
HETATM 840 C  C10   . ROS J 3 .  ? 1.594   0.148   -4.355  1.00 22.51  ? 101 ROS A C10   1 
HETATM 841 C  C11   . ROS J 3 .  ? 1.196   -0.580  -3.219  1.00 22.29  ? 101 ROS A C11   1 
HETATM 842 C  C12   . ROS J 3 .  ? 2.108   -1.685  -2.916  1.00 22.06  ? 101 ROS A C12   1 
HETATM 843 C  C13   . ROS J 3 .  ? 1.749   -2.472  -1.778  1.00 22.00  ? 101 ROS A C13   1 
HETATM 844 C  C14   . ROS J 3 .  ? 2.664   0.017   -5.220  1.00 22.90  ? 101 ROS A C14   1 
HETATM 845 C  C15   . ROS J 3 .  ? 2.851   -1.040  -6.140  1.00 22.88  ? 101 ROS A C15   1 
HETATM 846 C  C16   . ROS J 3 .  ? 3.916   -1.180  -7.032  1.00 23.03  ? 101 ROS A C16   1 
HETATM 847 C  C17   . ROS J 3 .  ? 4.963   -0.170  -7.065  1.00 23.09  ? 101 ROS A C17   1 
HETATM 848 C  C18   . ROS J 3 .  ? 4.752   0.868   -6.126  1.00 23.29  ? 101 ROS A C18   1 
HETATM 849 C  C19   . ROS J 3 .  ? 3.704   1.045   -5.212  1.00 23.13  ? 101 ROS A C19   1 
HETATM 850 N  N1    . ROS J 3 .  ? 0.396   -3.061  0.073   1.00 21.81  ? 101 ROS A N1    1 
HETATM 851 C  C20   . ROS J 3 .  ? -0.763  -2.899  0.946   1.00 21.63  ? 101 ROS A C20   1 
HETATM 852 C  C21   . ROS J 3 .  ? 1.231   -4.208  0.490   1.00 22.11  ? 101 ROS A C21   1 
HETATM 853 N  N2    . ROS J 3 .  ? -2.270  4.355   -5.054  1.00 22.90  ? 101 ROS A N2    1 
HETATM 854 C  C22   . ROS J 3 .  ? -3.429  4.708   -4.204  1.00 22.74  ? 101 ROS A C22   1 
HETATM 855 C  C23   . ROS J 3 .  ? -2.133  5.311   -6.209  1.00 22.90  ? 101 ROS A C23   1 
HETATM 856 O  O     . HOH K 4 .  ? 9.471   7.097   7.500   1.00 60.84  ? 301 HOH A O     1 
HETATM 857 O  O     . HOH K 4 .  ? 0.208   -3.004  4.957   1.00 35.25  ? 302 HOH A O     1 
HETATM 858 O  O     . HOH K 4 .  ? -10.335 11.476  2.931   1.00 38.95  ? 303 HOH A O     1 
HETATM 859 O  O     . HOH K 4 .  ? 1.074   -4.552  -13.726 1.00 18.55  ? 304 HOH A O     1 
HETATM 860 O  O     . HOH K 4 .  ? -10.833 1.750   -3.870  1.00 20.31  ? 305 HOH A O     1 
# 
